data_4EMH
#
_entry.id   4EMH
#
_cell.length_a   185.121
_cell.length_b   124.470
_cell.length_c   131.567
_cell.angle_alpha   90.00
_cell.angle_beta   135.07
_cell.angle_gamma   90.00
#
_symmetry.space_group_name_H-M   'C 1 2 1'
#
loop_
_entity.id
_entity.type
_entity.pdbx_description
1 polymer 'Probable U6 snRNA-associated Sm-like protein LSm4'
2 water water
#
_entity_poly.entity_id   1
_entity_poly.type   'polypeptide(L)'
_entity_poly.pdbx_seq_one_letter_code
;(MSE)GSSHHHHHHSQDP(MSE)LPLTLLNATQGRPILVELKNGETFNGHLENCDNY(MSE)NLTLREVIRT(MSE)PDG
DKFFRLPECYIRGNNIKYLRIQDEVLSQVAKQQAQQRENRG
;
_entity_poly.pdbx_strand_id   A,B,C,D,E,F,G,H,I,J,K,L,M,N,O,P,Q,R,T,U,V,W,X,Y
#
# COMPACT_ATOMS: atom_id res chain seq x y z
N GLY A 26 16.52 -57.81 -3.96
CA GLY A 26 16.01 -56.65 -4.66
C GLY A 26 16.62 -55.28 -4.37
N ARG A 27 17.39 -54.72 -5.30
CA ARG A 27 17.82 -53.32 -5.14
C ARG A 27 16.63 -52.37 -5.26
N PRO A 28 15.77 -52.52 -6.29
CA PRO A 28 14.54 -51.72 -6.29
C PRO A 28 13.56 -52.24 -5.24
N ILE A 29 13.17 -51.34 -4.36
CA ILE A 29 12.18 -51.68 -3.34
C ILE A 29 11.09 -50.63 -3.27
N LEU A 30 10.00 -50.97 -2.61
CA LEU A 30 8.89 -50.05 -2.43
C LEU A 30 8.70 -49.92 -0.92
N VAL A 31 8.75 -48.69 -0.43
CA VAL A 31 8.63 -48.45 0.98
C VAL A 31 7.34 -47.68 1.25
N GLU A 32 6.49 -48.25 2.08
CA GLU A 32 5.29 -47.52 2.49
C GLU A 32 5.44 -46.92 3.89
N LEU A 33 5.24 -45.59 3.97
CA LEU A 33 5.42 -44.86 5.19
C LEU A 33 4.16 -44.89 6.05
N LYS A 34 4.34 -44.66 7.33
CA LYS A 34 3.19 -44.53 8.23
C LYS A 34 2.25 -43.41 7.79
N ASN A 35 2.78 -42.40 7.11
CA ASN A 35 1.91 -41.30 6.66
C ASN A 35 1.18 -41.61 5.35
N GLY A 36 1.27 -42.84 4.87
CA GLY A 36 0.53 -43.26 3.70
C GLY A 36 1.24 -43.09 2.36
N GLU A 37 2.34 -42.35 2.34
CA GLU A 37 3.12 -42.19 1.11
C GLU A 37 3.88 -43.48 0.79
N THR A 38 4.21 -43.70 -0.47
CA THR A 38 5.11 -44.78 -0.82
C THR A 38 6.29 -44.21 -1.58
N PHE A 39 7.47 -44.79 -1.34
CA PHE A 39 8.67 -44.44 -2.09
C PHE A 39 9.20 -45.67 -2.81
N ASN A 40 9.39 -45.53 -4.11
CA ASN A 40 9.80 -46.62 -4.97
C ASN A 40 11.14 -46.24 -5.57
N GLY A 41 12.22 -46.88 -5.12
CA GLY A 41 13.53 -46.52 -5.60
C GLY A 41 14.57 -47.59 -5.40
N HIS A 42 15.81 -47.31 -5.78
CA HIS A 42 16.86 -48.31 -5.68
C HIS A 42 17.61 -48.15 -4.34
N LEU A 43 17.71 -49.25 -3.61
CA LEU A 43 18.28 -49.24 -2.28
C LEU A 43 19.79 -48.96 -2.30
N GLU A 44 20.19 -47.95 -1.55
CA GLU A 44 21.58 -47.53 -1.50
C GLU A 44 22.22 -47.85 -0.18
N ASN A 45 21.43 -47.78 0.89
CA ASN A 45 21.94 -48.15 2.20
C ASN A 45 20.82 -48.44 3.13
N CYS A 46 21.12 -49.28 4.12
CA CYS A 46 20.16 -49.67 5.14
C CYS A 46 20.96 -50.00 6.38
N ASP A 47 20.47 -49.59 7.55
CA ASP A 47 21.14 -49.96 8.79
C ASP A 47 20.26 -50.87 9.63
N ASN A 48 20.78 -51.29 10.77
CA ASN A 48 20.08 -52.22 11.66
C ASN A 48 18.83 -51.66 12.30
N TYR A 49 18.54 -50.39 12.05
CA TYR A 49 17.32 -49.80 12.55
C TYR A 49 16.34 -49.54 11.40
N ASN A 51 16.80 -47.51 9.00
CA ASN A 51 17.03 -46.20 8.38
C ASN A 51 17.67 -46.47 7.03
N LEU A 52 17.08 -45.98 5.96
CA LEU A 52 17.58 -46.33 4.65
C LEU A 52 17.59 -45.17 3.64
N THR A 53 18.38 -45.37 2.60
CA THR A 53 18.52 -44.42 1.53
C THR A 53 18.09 -45.07 0.22
N LEU A 54 17.22 -44.37 -0.52
CA LEU A 54 16.82 -44.77 -1.87
C LEU A 54 17.26 -43.74 -2.91
N ARG A 55 17.60 -44.21 -4.11
CA ARG A 55 17.97 -43.32 -5.21
C ARG A 55 16.99 -43.49 -6.37
N GLU A 56 16.89 -42.45 -7.20
CA GLU A 56 16.00 -42.43 -8.34
C GLU A 56 14.59 -42.84 -7.96
N VAL A 57 13.99 -42.02 -7.10
CA VAL A 57 12.81 -42.44 -6.38
C VAL A 57 11.50 -41.89 -6.97
N ILE A 58 10.48 -42.74 -6.96
CA ILE A 58 9.12 -42.32 -7.27
C ILE A 58 8.34 -42.23 -5.99
N ARG A 59 7.86 -41.02 -5.69
CA ARG A 59 7.10 -40.79 -4.47
C ARG A 59 5.62 -40.70 -4.85
N THR A 60 4.79 -41.52 -4.23
CA THR A 60 3.36 -41.54 -4.49
C THR A 60 2.62 -41.08 -3.24
N PRO A 62 -0.88 -40.32 -0.89
CA PRO A 62 -2.14 -41.03 -0.65
C PRO A 62 -3.24 -40.65 -1.65
N ASP A 63 -3.22 -39.41 -2.12
CA ASP A 63 -4.24 -38.96 -3.07
C ASP A 63 -3.95 -39.28 -4.53
N GLY A 64 -2.88 -40.05 -4.77
CA GLY A 64 -2.61 -40.54 -6.11
C GLY A 64 -1.59 -39.74 -6.89
N ASP A 65 -1.31 -38.51 -6.46
CA ASP A 65 -0.28 -37.72 -7.13
C ASP A 65 1.09 -38.38 -6.97
N LYS A 66 1.97 -38.21 -7.96
CA LYS A 66 3.32 -38.77 -7.88
C LYS A 66 4.37 -37.78 -8.30
N PHE A 67 5.57 -37.97 -7.74
CA PHE A 67 6.74 -37.22 -8.13
C PHE A 67 7.80 -38.23 -8.57
N PHE A 68 8.33 -38.04 -9.77
CA PHE A 68 9.30 -38.98 -10.30
C PHE A 68 10.72 -38.45 -10.22
N ARG A 69 11.66 -39.39 -10.19
CA ARG A 69 13.09 -39.08 -10.31
C ARG A 69 13.64 -38.20 -9.20
N LEU A 70 13.16 -38.40 -7.97
CA LEU A 70 13.82 -37.78 -6.82
C LEU A 70 15.21 -38.41 -6.73
N PRO A 71 16.27 -37.59 -6.72
CA PRO A 71 17.63 -38.14 -6.79
C PRO A 71 17.92 -39.09 -5.62
N GLU A 72 17.55 -38.69 -4.41
CA GLU A 72 17.91 -39.44 -3.22
C GLU A 72 17.05 -39.07 -2.03
N CYS A 73 16.53 -40.10 -1.36
CA CYS A 73 15.69 -39.92 -0.19
C CYS A 73 16.18 -40.78 0.96
N TYR A 74 16.22 -40.20 2.14
CA TYR A 74 16.59 -40.92 3.34
C TYR A 74 15.32 -41.09 4.16
N ILE A 75 15.09 -42.31 4.64
CA ILE A 75 13.88 -42.61 5.38
C ILE A 75 14.22 -43.29 6.67
N ARG A 76 13.70 -42.77 7.78
CA ARG A 76 13.94 -43.31 9.10
C ARG A 76 13.13 -44.59 9.31
N GLY A 77 13.78 -45.60 9.87
CA GLY A 77 13.10 -46.83 10.20
C GLY A 77 11.79 -46.62 10.99
N ASN A 78 11.81 -45.70 11.95
CA ASN A 78 10.62 -45.33 12.72
C ASN A 78 9.42 -44.81 11.91
N ASN A 79 9.66 -44.37 10.67
CA ASN A 79 8.61 -43.80 9.84
C ASN A 79 8.03 -44.77 8.83
N ILE A 80 8.55 -46.01 8.85
CA ILE A 80 8.20 -47.00 7.85
C ILE A 80 7.10 -47.91 8.36
N LYS A 81 6.10 -48.15 7.52
CA LYS A 81 5.09 -49.16 7.85
C LYS A 81 5.53 -50.52 7.32
N TYR A 82 5.77 -50.59 6.03
CA TYR A 82 6.36 -51.81 5.51
C TYR A 82 7.13 -51.54 4.25
N LEU A 83 7.85 -52.57 3.82
CA LEU A 83 8.75 -52.50 2.69
C LEU A 83 8.46 -53.75 1.87
N ARG A 84 8.34 -53.60 0.55
CA ARG A 84 8.11 -54.73 -0.33
C ARG A 84 9.21 -54.80 -1.36
N ILE A 85 9.75 -55.99 -1.57
CA ILE A 85 10.76 -56.17 -2.59
C ILE A 85 10.21 -57.01 -3.73
N GLY B 26 29.77 -16.89 4.55
CA GLY B 26 29.46 -18.25 4.16
C GLY B 26 28.49 -18.41 2.99
N ARG B 27 28.75 -19.43 2.16
CA ARG B 27 27.81 -19.86 1.11
C ARG B 27 26.94 -21.06 1.51
N PRO B 28 27.54 -22.13 2.05
CA PRO B 28 26.66 -23.15 2.65
C PRO B 28 26.05 -22.66 3.96
N ILE B 29 24.72 -22.68 4.01
CA ILE B 29 24.01 -22.29 5.20
C ILE B 29 22.94 -23.33 5.53
N LEU B 30 22.44 -23.27 6.76
CA LEU B 30 21.37 -24.12 7.20
C LEU B 30 20.23 -23.21 7.63
N VAL B 31 19.07 -23.43 7.03
CA VAL B 31 17.90 -22.63 7.31
C VAL B 31 16.86 -23.49 8.00
N GLU B 32 16.46 -23.10 9.20
CA GLU B 32 15.36 -23.76 9.85
C GLU B 32 14.07 -22.97 9.69
N LEU B 33 13.02 -23.65 9.20
CA LEU B 33 11.73 -23.03 8.94
C LEU B 33 10.88 -23.03 10.17
N LYS B 34 9.88 -22.16 10.19
CA LYS B 34 8.89 -22.19 11.28
C LYS B 34 8.16 -23.54 11.35
N ASN B 35 8.03 -24.23 10.22
CA ASN B 35 7.35 -25.53 10.21
C ASN B 35 8.23 -26.67 10.69
N GLY B 36 9.45 -26.34 11.15
CA GLY B 36 10.33 -27.33 11.73
C GLY B 36 11.31 -27.99 10.77
N GLU B 37 11.08 -27.84 9.47
CA GLU B 37 12.00 -28.39 8.47
C GLU B 37 13.29 -27.60 8.45
N THR B 38 14.38 -28.23 8.03
CA THR B 38 15.63 -27.53 7.78
C THR B 38 16.09 -27.73 6.33
N PHE B 39 16.71 -26.69 5.78
CA PHE B 39 17.25 -26.71 4.44
C PHE B 39 18.71 -26.36 4.51
N ASN B 40 19.53 -27.29 4.03
CA ASN B 40 20.96 -27.14 4.08
C ASN B 40 21.48 -27.07 2.65
N GLY B 41 21.95 -25.89 2.22
CA GLY B 41 22.36 -25.72 0.84
C GLY B 41 23.22 -24.50 0.59
N HIS B 42 23.59 -24.28 -0.67
CA HIS B 42 24.49 -23.16 -0.95
C HIS B 42 23.72 -21.91 -1.34
N LEU B 43 24.01 -20.82 -0.66
CA LEU B 43 23.25 -19.58 -0.81
C LEU B 43 23.48 -18.96 -2.19
N GLU B 44 22.38 -18.69 -2.88
CA GLU B 44 22.41 -18.10 -4.22
C GLU B 44 21.96 -16.67 -4.20
N ASN B 45 20.99 -16.37 -3.34
CA ASN B 45 20.47 -15.03 -3.26
C ASN B 45 19.76 -14.78 -1.97
N CYS B 46 19.78 -13.53 -1.52
CA CYS B 46 19.03 -13.13 -0.33
C CYS B 46 18.65 -11.66 -0.49
N ASP B 47 17.48 -11.29 0.00
CA ASP B 47 17.04 -9.91 -0.15
C ASP B 47 16.77 -9.34 1.24
N ASN B 48 16.46 -8.05 1.27
CA ASN B 48 16.35 -7.32 2.53
C ASN B 48 15.20 -7.77 3.36
N TYR B 49 14.44 -8.75 2.84
CA TYR B 49 13.34 -9.29 3.62
C TYR B 49 13.63 -10.74 4.02
N ASN B 51 14.02 -13.21 2.00
CA ASN B 51 13.59 -14.17 0.98
C ASN B 51 14.87 -14.64 0.34
N LEU B 52 15.11 -15.96 0.31
CA LEU B 52 16.37 -16.45 -0.25
C LEU B 52 16.27 -17.67 -1.14
N THR B 53 17.33 -17.92 -1.89
CA THR B 53 17.40 -19.06 -2.77
C THR B 53 18.64 -19.88 -2.41
N LEU B 54 18.44 -21.20 -2.29
CA LEU B 54 19.51 -22.16 -1.99
C LEU B 54 19.61 -23.14 -3.14
N ARG B 55 20.82 -23.61 -3.41
CA ARG B 55 21.04 -24.63 -4.42
C ARG B 55 21.69 -25.88 -3.84
N GLU B 56 21.43 -27.01 -4.51
CA GLU B 56 21.94 -28.31 -4.07
C GLU B 56 21.60 -28.55 -2.62
N VAL B 57 20.32 -28.65 -2.35
CA VAL B 57 19.89 -28.61 -0.96
C VAL B 57 19.47 -29.95 -0.34
N ILE B 58 19.78 -30.07 0.94
CA ILE B 58 19.32 -31.17 1.73
C ILE B 58 18.17 -30.69 2.62
N ARG B 59 17.00 -31.27 2.41
CA ARG B 59 15.83 -30.97 3.20
C ARG B 59 15.60 -32.05 4.25
N THR B 60 15.53 -31.64 5.50
CA THR B 60 15.34 -32.55 6.62
C THR B 60 13.98 -32.24 7.24
N PRO B 62 10.97 -32.79 10.26
CA PRO B 62 10.96 -32.92 11.71
C PRO B 62 11.04 -34.38 12.15
N ASP B 63 10.50 -35.29 11.35
CA ASP B 63 10.55 -36.71 11.74
C ASP B 63 11.84 -37.41 11.35
N GLY B 64 12.82 -36.66 10.84
CA GLY B 64 14.14 -37.19 10.56
C GLY B 64 14.39 -37.67 9.13
N ASP B 65 13.33 -37.84 8.35
CA ASP B 65 13.50 -38.16 6.94
C ASP B 65 14.18 -37.00 6.22
N LYS B 66 14.97 -37.31 5.20
CA LYS B 66 15.68 -36.29 4.41
C LYS B 66 15.49 -36.50 2.92
N PHE B 67 15.58 -35.40 2.16
CA PHE B 67 15.67 -35.42 0.72
C PHE B 67 16.94 -34.71 0.30
N PHE B 68 17.78 -35.38 -0.48
CA PHE B 68 19.07 -34.83 -0.88
C PHE B 68 19.02 -34.27 -2.29
N ARG B 69 19.93 -33.36 -2.56
CA ARG B 69 20.17 -32.85 -3.91
C ARG B 69 18.99 -32.19 -4.57
N LEU B 70 18.23 -31.41 -3.81
CA LEU B 70 17.20 -30.59 -4.41
C LEU B 70 17.95 -29.51 -5.20
N PRO B 71 17.67 -29.38 -6.50
CA PRO B 71 18.45 -28.43 -7.32
C PRO B 71 18.38 -27.02 -6.78
N GLU B 72 17.20 -26.54 -6.41
CA GLU B 72 17.03 -25.16 -6.00
C GLU B 72 15.74 -24.98 -5.21
N CYS B 73 15.83 -24.24 -4.11
CA CYS B 73 14.67 -23.95 -3.26
C CYS B 73 14.63 -22.47 -2.96
N TYR B 74 13.44 -21.89 -2.99
CA TYR B 74 13.25 -20.50 -2.67
C TYR B 74 12.49 -20.50 -1.37
N ILE B 75 12.97 -19.70 -0.42
CA ILE B 75 12.32 -19.64 0.89
C ILE B 75 11.99 -18.20 1.28
N ARG B 76 10.76 -17.97 1.72
CA ARG B 76 10.30 -16.64 2.09
C ARG B 76 10.78 -16.29 3.50
N GLY B 77 11.26 -15.07 3.67
CA GLY B 77 11.73 -14.59 4.95
C GLY B 77 10.72 -14.82 6.04
N ASN B 78 9.45 -14.62 5.72
CA ASN B 78 8.38 -14.85 6.68
C ASN B 78 8.24 -16.28 7.17
N ASN B 79 8.87 -17.23 6.49
CA ASN B 79 8.74 -18.65 6.85
C ASN B 79 9.93 -19.19 7.65
N ILE B 80 10.94 -18.35 7.82
CA ILE B 80 12.19 -18.73 8.44
C ILE B 80 12.18 -18.47 9.92
N LYS B 81 12.62 -19.44 10.70
CA LYS B 81 12.81 -19.25 12.13
C LYS B 81 14.23 -18.74 12.39
N TYR B 82 15.23 -19.50 11.94
CA TYR B 82 16.58 -19.02 12.00
C TYR B 82 17.49 -19.66 10.95
N LEU B 83 18.68 -19.08 10.86
CA LEU B 83 19.61 -19.40 9.80
C LEU B 83 20.96 -19.52 10.49
N ARG B 84 21.70 -20.56 10.17
CA ARG B 84 22.99 -20.79 10.78
C ARG B 84 24.04 -20.88 9.69
N ILE B 85 25.14 -20.18 9.85
CA ILE B 85 26.23 -20.28 8.89
C ILE B 85 27.44 -20.94 9.51
N GLY C 26 -0.57 -24.28 -25.56
CA GLY C 26 0.37 -24.23 -24.44
C GLY C 26 0.99 -25.54 -24.00
N ARG C 27 2.30 -25.71 -24.17
CA ARG C 27 2.99 -26.79 -23.48
C ARG C 27 3.31 -26.42 -22.03
N PRO C 28 3.93 -25.25 -21.79
CA PRO C 28 4.04 -24.80 -20.39
C PRO C 28 2.68 -24.38 -19.83
N ILE C 29 2.30 -25.00 -18.73
CA ILE C 29 1.06 -24.65 -18.07
C ILE C 29 1.30 -24.49 -16.58
N LEU C 30 0.33 -23.91 -15.89
CA LEU C 30 0.36 -23.74 -14.46
C LEU C 30 -0.86 -24.44 -13.92
N VAL C 31 -0.65 -25.37 -13.00
CA VAL C 31 -1.75 -26.12 -12.41
C VAL C 31 -1.85 -25.78 -10.95
N GLU C 32 -3.02 -25.30 -10.54
CA GLU C 32 -3.27 -25.06 -9.14
C GLU C 32 -4.10 -26.16 -8.53
N LEU C 33 -3.57 -26.75 -7.46
CA LEU C 33 -4.22 -27.87 -6.79
C LEU C 33 -5.22 -27.41 -5.75
N LYS C 34 -6.14 -28.29 -5.41
CA LYS C 34 -7.08 -28.01 -4.34
C LYS C 34 -6.38 -27.71 -3.02
N ASN C 35 -5.20 -28.30 -2.80
CA ASN C 35 -4.46 -28.03 -1.56
C ASN C 35 -3.70 -26.73 -1.57
N GLY C 36 -3.84 -25.94 -2.63
CA GLY C 36 -3.26 -24.61 -2.69
C GLY C 36 -1.90 -24.51 -3.36
N GLU C 37 -1.27 -25.65 -3.60
CA GLU C 37 0.01 -25.66 -4.30
C GLU C 37 -0.18 -25.37 -5.77
N THR C 38 0.84 -24.81 -6.41
CA THR C 38 0.81 -24.70 -7.87
C THR C 38 1.99 -25.43 -8.49
N PHE C 39 1.76 -26.03 -9.65
CA PHE C 39 2.85 -26.68 -10.40
C PHE C 39 2.97 -26.07 -11.78
N ASN C 40 4.16 -25.57 -12.08
CA ASN C 40 4.42 -24.87 -13.30
C ASN C 40 5.43 -25.68 -14.11
N GLY C 41 4.98 -26.31 -15.19
CA GLY C 41 5.86 -27.15 -15.98
C GLY C 41 5.36 -27.43 -17.38
N HIS C 42 6.11 -28.23 -18.13
CA HIS C 42 5.72 -28.48 -19.50
C HIS C 42 4.85 -29.75 -19.63
N LEU C 43 3.73 -29.61 -20.32
CA LEU C 43 2.72 -30.67 -20.36
C LEU C 43 3.20 -31.84 -21.23
N GLU C 44 3.18 -33.04 -20.65
CA GLU C 44 3.66 -34.24 -21.30
C GLU C 44 2.51 -35.15 -21.69
N ASN C 45 1.46 -35.14 -20.90
CA ASN C 45 0.31 -35.97 -21.15
C ASN C 45 -0.86 -35.51 -20.36
N CYS C 46 -2.05 -35.72 -20.91
CA CYS C 46 -3.30 -35.41 -20.24
C CYS C 46 -4.36 -36.39 -20.74
N ASP C 47 -5.20 -36.88 -19.84
CA ASP C 47 -6.25 -37.79 -20.25
C ASP C 47 -7.63 -37.13 -20.05
N ASN C 48 -8.67 -37.85 -20.44
CA ASN C 48 -10.02 -37.30 -20.45
C ASN C 48 -10.54 -37.05 -19.05
N TYR C 49 -9.75 -37.41 -18.03
CA TYR C 49 -10.15 -37.15 -16.66
C TYR C 49 -9.27 -36.06 -16.09
N ASN C 51 -6.13 -36.24 -15.59
CA ASN C 51 -4.93 -36.77 -14.96
C ASN C 51 -3.80 -36.37 -15.90
N LEU C 52 -2.77 -35.70 -15.41
CA LEU C 52 -1.75 -35.21 -16.31
C LEU C 52 -0.32 -35.32 -15.77
N THR C 53 0.63 -35.26 -16.69
CA THR C 53 2.03 -35.31 -16.38
C THR C 53 2.71 -34.00 -16.83
N LEU C 54 3.49 -33.41 -15.92
CA LEU C 54 4.31 -32.25 -16.22
C LEU C 54 5.79 -32.60 -16.07
N ARG C 55 6.64 -31.99 -16.89
CA ARG C 55 8.08 -32.14 -16.75
C ARG C 55 8.79 -30.82 -16.47
N GLU C 56 9.94 -30.89 -15.83
CA GLU C 56 10.73 -29.72 -15.45
C GLU C 56 9.87 -28.71 -14.72
N VAL C 57 9.41 -29.11 -13.53
CA VAL C 57 8.34 -28.41 -12.86
C VAL C 57 8.82 -27.53 -11.70
N ILE C 58 8.15 -26.39 -11.54
CA ILE C 58 8.35 -25.55 -10.38
C ILE C 58 7.13 -25.72 -9.50
N ARG C 59 7.37 -26.15 -8.27
CA ARG C 59 6.30 -26.33 -7.31
C ARG C 59 6.32 -25.17 -6.31
N THR C 60 5.17 -24.49 -6.18
CA THR C 60 5.05 -23.35 -5.26
C THR C 60 4.09 -23.71 -4.16
N PRO C 62 1.68 -22.85 -0.72
CA PRO C 62 0.83 -21.73 -0.31
C PRO C 62 1.60 -20.69 0.49
N ASP C 63 2.62 -21.10 1.25
CA ASP C 63 3.37 -20.13 2.06
C ASP C 63 4.46 -19.40 1.26
N GLY C 64 4.50 -19.59 -0.06
CA GLY C 64 5.49 -18.93 -0.91
C GLY C 64 6.77 -19.67 -1.22
N ASP C 65 7.10 -20.72 -0.46
CA ASP C 65 8.34 -21.48 -0.74
C ASP C 65 8.18 -22.16 -2.09
N LYS C 66 9.28 -22.35 -2.82
CA LYS C 66 9.27 -23.04 -4.10
C LYS C 66 10.35 -24.11 -4.21
N PHE C 67 10.08 -25.12 -5.03
CA PHE C 67 11.05 -26.15 -5.42
C PHE C 67 11.16 -26.15 -6.95
N PHE C 68 12.38 -26.01 -7.46
CA PHE C 68 12.56 -25.88 -8.88
C PHE C 68 13.05 -27.18 -9.47
N ARG C 69 12.83 -27.35 -10.77
CA ARG C 69 13.40 -28.46 -11.53
C ARG C 69 13.03 -29.85 -11.03
N LEU C 70 11.78 -30.02 -10.61
CA LEU C 70 11.27 -31.37 -10.41
C LEU C 70 11.19 -32.04 -11.79
N PRO C 71 11.85 -33.18 -11.96
CA PRO C 71 11.93 -33.78 -13.30
C PRO C 71 10.55 -34.10 -13.89
N GLU C 72 9.64 -34.63 -13.07
CA GLU C 72 8.35 -35.07 -13.58
C GLU C 72 7.36 -35.25 -12.44
N CYS C 73 6.17 -34.71 -12.63
CA CYS C 73 5.08 -34.83 -11.66
C CYS C 73 3.82 -35.31 -12.35
N TYR C 74 3.12 -36.22 -11.69
CA TYR C 74 1.85 -36.72 -12.18
C TYR C 74 0.81 -36.19 -11.24
N ILE C 75 -0.24 -35.58 -11.81
CA ILE C 75 -1.30 -34.98 -11.00
C ILE C 75 -2.66 -35.52 -11.41
N ARG C 76 -3.42 -36.00 -10.43
CA ARG C 76 -4.75 -36.53 -10.68
C ARG C 76 -5.73 -35.40 -10.94
N GLY C 77 -6.60 -35.59 -11.93
CA GLY C 77 -7.64 -34.62 -12.23
C GLY C 77 -8.46 -34.26 -11.00
N ASN C 78 -8.78 -35.25 -10.16
CA ASN C 78 -9.54 -34.97 -8.95
C ASN C 78 -8.85 -34.04 -7.93
N ASN C 79 -7.57 -33.75 -8.13
CA ASN C 79 -6.82 -32.93 -7.18
C ASN C 79 -6.60 -31.52 -7.69
N ILE C 80 -7.03 -31.28 -8.92
CA ILE C 80 -6.83 -30.00 -9.57
C ILE C 80 -7.97 -29.05 -9.30
N LYS C 81 -7.65 -27.80 -8.98
CA LYS C 81 -8.66 -26.74 -8.91
C LYS C 81 -8.77 -26.06 -10.27
N TYR C 82 -7.68 -25.54 -10.77
CA TYR C 82 -7.70 -25.03 -12.13
C TYR C 82 -6.35 -25.07 -12.79
N LEU C 83 -6.36 -24.85 -14.09
CA LEU C 83 -5.18 -24.93 -14.90
C LEU C 83 -5.18 -23.65 -15.73
N ARG C 84 -4.03 -22.97 -15.79
CA ARG C 84 -3.90 -21.79 -16.63
C ARG C 84 -2.84 -21.99 -17.69
N ILE C 85 -3.14 -21.57 -18.93
CA ILE C 85 -2.17 -21.71 -20.01
C ILE C 85 -1.73 -20.34 -20.50
N GLY D 26 24.82 13.85 41.29
CA GLY D 26 23.53 13.62 40.68
C GLY D 26 23.51 12.80 39.41
N ARG D 27 22.89 13.35 38.37
CA ARG D 27 22.53 12.59 37.16
C ARG D 27 23.72 12.26 36.24
N PRO D 28 24.58 13.26 35.94
CA PRO D 28 25.81 12.88 35.24
C PRO D 28 26.76 12.12 36.15
N ILE D 29 27.17 10.94 35.70
CA ILE D 29 28.11 10.14 36.46
C ILE D 29 29.18 9.59 35.52
N LEU D 30 30.27 9.13 36.12
CA LEU D 30 31.35 8.51 35.41
C LEU D 30 31.46 7.08 35.89
N VAL D 31 31.37 6.13 34.96
CA VAL D 31 31.47 4.72 35.33
C VAL D 31 32.73 4.11 34.76
N GLU D 32 33.59 3.60 35.63
CA GLU D 32 34.76 2.91 35.14
C GLU D 32 34.59 1.41 35.22
N LEU D 33 34.81 0.75 34.07
CA LEU D 33 34.58 -0.68 33.95
C LEU D 33 35.82 -1.45 34.34
N LYS D 34 35.64 -2.71 34.70
CA LYS D 34 36.76 -3.62 34.91
C LYS D 34 37.70 -3.71 33.72
N ASN D 35 37.16 -3.54 32.51
CA ASN D 35 38.01 -3.62 31.32
C ASN D 35 38.78 -2.32 31.05
N GLY D 36 38.69 -1.35 31.95
CA GLY D 36 39.48 -0.14 31.82
C GLY D 36 38.80 1.01 31.08
N GLU D 37 37.66 0.74 30.45
CA GLU D 37 36.94 1.81 29.76
C GLU D 37 36.16 2.65 30.77
N THR D 38 35.87 3.90 30.42
CA THR D 38 35.00 4.72 31.26
C THR D 38 33.84 5.24 30.44
N PHE D 39 32.67 5.32 31.06
CA PHE D 39 31.48 5.85 30.43
C PHE D 39 30.97 7.02 31.23
N ASN D 40 30.85 8.14 30.55
CA ASN D 40 30.45 9.38 31.17
C ASN D 40 29.12 9.80 30.57
N GLY D 41 28.04 9.69 31.34
CA GLY D 41 26.74 10.07 30.82
C GLY D 41 25.70 10.30 31.89
N HIS D 42 24.48 10.59 31.47
CA HIS D 42 23.44 10.92 32.44
C HIS D 42 22.69 9.66 32.86
N LEU D 43 22.58 9.48 34.17
CA LEU D 43 21.98 8.28 34.74
C LEU D 43 20.47 8.22 34.47
N GLU D 44 20.02 7.11 33.92
CA GLU D 44 18.62 6.92 33.57
C GLU D 44 17.97 5.92 34.48
N ASN D 45 18.73 4.91 34.88
CA ASN D 45 18.21 3.88 35.75
C ASN D 45 19.32 3.11 36.40
N CYS D 46 19.05 2.62 37.61
CA CYS D 46 20.00 1.78 38.33
C CYS D 46 19.21 0.83 39.20
N ASP D 47 19.58 -0.45 39.21
CA ASP D 47 18.88 -1.39 40.07
C ASP D 47 19.76 -1.81 41.25
N ASN D 48 19.23 -2.67 42.12
CA ASN D 48 19.89 -3.07 43.35
C ASN D 48 21.11 -3.92 43.10
N TYR D 49 21.36 -4.26 41.83
CA TYR D 49 22.56 -5.00 41.50
C TYR D 49 23.56 -4.12 40.75
N ASN D 51 23.16 -2.75 37.92
CA ASN D 51 22.94 -2.73 36.49
C ASN D 51 22.32 -1.38 36.16
N LEU D 52 22.94 -0.62 35.28
CA LEU D 52 22.45 0.74 35.06
C LEU D 52 22.44 1.16 33.58
N THR D 53 21.67 2.20 33.31
CA THR D 53 21.55 2.76 31.98
C THR D 53 21.99 4.23 31.99
N LEU D 54 22.85 4.56 31.04
CA LEU D 54 23.31 5.94 30.83
C LEU D 54 22.84 6.47 29.48
N ARG D 55 22.58 7.77 29.40
CA ARG D 55 22.23 8.40 28.13
C ARG D 55 23.20 9.50 27.77
N GLU D 56 23.36 9.73 26.47
CA GLU D 56 24.26 10.75 25.95
C GLU D 56 25.66 10.57 26.47
N VAL D 57 26.26 9.45 26.11
CA VAL D 57 27.41 8.96 26.83
C VAL D 57 28.70 9.22 26.07
N ILE D 58 29.75 9.56 26.81
CA ILE D 58 31.09 9.61 26.26
C ILE D 58 31.82 8.37 26.72
N ARG D 59 32.27 7.58 25.76
CA ARG D 59 33.05 6.39 26.07
C ARG D 59 34.55 6.62 25.82
N THR D 60 35.36 6.40 26.85
CA THR D 60 36.80 6.60 26.79
C THR D 60 37.49 5.25 26.91
N PRO D 62 40.93 2.74 27.27
CA PRO D 62 42.19 2.77 28.02
C PRO D 62 43.31 3.49 27.25
N ASP D 63 43.32 3.38 25.91
CA ASP D 63 44.37 4.02 25.13
C ASP D 63 44.11 5.48 24.83
N GLY D 64 43.04 6.04 25.42
CA GLY D 64 42.77 7.45 25.28
C GLY D 64 41.78 7.88 24.21
N ASP D 65 41.51 7.00 23.24
CA ASP D 65 40.48 7.29 22.23
C ASP D 65 39.12 7.45 22.91
N LYS D 66 38.24 8.25 22.30
CA LYS D 66 36.91 8.48 22.85
C LYS D 66 35.85 8.44 21.76
N PHE D 67 34.65 8.04 22.14
CA PHE D 67 33.46 8.12 21.30
C PHE D 67 32.42 8.97 22.03
N PHE D 68 31.92 10.00 21.35
CA PHE D 68 30.98 10.92 21.97
C PHE D 68 29.56 10.64 21.54
N ARG D 69 28.60 11.06 22.37
CA ARG D 69 27.19 11.03 22.03
C ARG D 69 26.61 9.66 21.71
N LEU D 70 27.04 8.63 22.45
CA LEU D 70 26.36 7.36 22.41
C LEU D 70 24.98 7.58 23.03
N PRO D 71 23.91 7.25 22.28
CA PRO D 71 22.56 7.60 22.76
C PRO D 71 22.22 6.93 24.10
N GLU D 72 22.57 5.67 24.25
CA GLU D 72 22.20 4.94 25.44
C GLU D 72 23.05 3.70 25.63
N CYS D 73 23.57 3.52 26.84
CA CYS D 73 24.38 2.35 27.19
C CYS D 73 23.87 1.68 28.46
N TYR D 74 23.80 0.35 28.42
CA TYR D 74 23.42 -0.41 29.57
C TYR D 74 24.65 -1.12 30.08
N ILE D 75 24.89 -1.01 31.39
CA ILE D 75 26.09 -1.58 31.98
C ILE D 75 25.73 -2.48 33.16
N ARG D 76 26.18 -3.72 33.11
CA ARG D 76 25.93 -4.70 34.16
C ARG D 76 26.77 -4.36 35.39
N GLY D 77 26.14 -4.43 36.56
CA GLY D 77 26.82 -4.23 37.83
C GLY D 77 28.09 -5.02 37.94
N ASN D 78 28.06 -6.27 37.47
CA ASN D 78 29.25 -7.14 37.52
C ASN D 78 30.42 -6.64 36.71
N ASN D 79 30.20 -5.67 35.82
CA ASN D 79 31.28 -5.21 34.93
C ASN D 79 31.91 -3.90 35.41
N ILE D 80 31.34 -3.35 36.47
CA ILE D 80 31.75 -2.07 36.98
C ILE D 80 32.85 -2.21 38.04
N LYS D 81 33.87 -1.38 37.94
CA LYS D 81 34.88 -1.29 38.97
C LYS D 81 34.48 -0.18 39.96
N TYR D 82 34.30 1.03 39.44
CA TYR D 82 33.74 2.04 40.28
C TYR D 82 32.91 3.08 39.55
N LEU D 83 32.17 3.85 40.33
CA LEU D 83 31.31 4.86 39.79
C LEU D 83 31.57 6.16 40.55
N ARG D 84 31.82 7.25 39.83
CA ARG D 84 32.11 8.53 40.46
C ARG D 84 31.02 9.53 40.11
N ILE D 85 30.54 10.26 41.11
CA ILE D 85 29.54 11.30 40.86
C ILE D 85 30.13 12.67 41.09
N GLY E 26 10.28 -10.91 7.75
CA GLY E 26 11.09 -10.51 8.90
C GLY E 26 12.08 -9.38 8.64
N ARG E 27 11.79 -8.17 9.15
CA ARG E 27 12.74 -7.04 9.11
C ARG E 27 13.58 -6.95 10.39
N PRO E 28 12.94 -6.95 11.58
CA PRO E 28 13.78 -7.06 12.79
C PRO E 28 14.37 -8.45 12.93
N ILE E 29 15.69 -8.53 13.07
CA ILE E 29 16.37 -9.81 13.20
C ILE E 29 17.41 -9.68 14.30
N LEU E 30 17.87 -10.81 14.78
CA LEU E 30 18.93 -10.89 15.76
C LEU E 30 20.07 -11.68 15.14
N VAL E 31 21.25 -11.06 15.08
CA VAL E 31 22.42 -11.69 14.54
C VAL E 31 23.42 -11.95 15.64
N GLU E 32 23.84 -13.19 15.76
CA GLU E 32 24.87 -13.51 16.72
C GLU E 32 26.19 -13.77 16.03
N LEU E 33 27.22 -13.06 16.46
CA LEU E 33 28.51 -13.09 15.79
C LEU E 33 29.35 -14.23 16.35
N LYS E 34 30.38 -14.61 15.61
CA LYS E 34 31.34 -15.59 16.10
C LYS E 34 32.05 -15.11 17.37
N ASN E 35 32.16 -13.79 17.56
CA ASN E 35 32.84 -13.26 18.74
C ASN E 35 31.91 -13.18 19.96
N GLY E 36 30.69 -13.68 19.83
CA GLY E 36 29.78 -13.78 20.96
C GLY E 36 28.81 -12.61 21.13
N GLU E 37 29.07 -11.51 20.41
CA GLU E 37 28.16 -10.38 20.44
C GLU E 37 26.87 -10.69 19.69
N THR E 38 25.78 -10.02 20.04
CA THR E 38 24.57 -10.07 19.25
C THR E 38 24.14 -8.67 18.82
N PHE E 39 23.56 -8.60 17.63
CA PHE E 39 23.07 -7.35 17.05
C PHE E 39 21.61 -7.54 16.72
N ASN E 40 20.78 -6.70 17.30
CA ASN E 40 19.35 -6.77 17.14
C ASN E 40 18.90 -5.49 16.48
N GLY E 41 18.48 -5.56 15.22
CA GLY E 41 18.07 -4.36 14.50
C GLY E 41 17.27 -4.67 13.27
N HIS E 42 16.91 -3.64 12.51
CA HIS E 42 16.05 -3.85 11.35
C HIS E 42 16.87 -4.03 10.05
N LEU E 43 16.57 -5.12 9.36
CA LEU E 43 17.36 -5.52 8.18
C LEU E 43 17.18 -4.53 7.04
N GLU E 44 18.30 -4.04 6.55
CA GLU E 44 18.31 -3.08 5.46
C GLU E 44 18.75 -3.69 4.16
N ASN E 45 19.69 -4.61 4.23
CA ASN E 45 20.25 -5.25 3.05
C ASN E 45 20.97 -6.51 3.42
N CYS E 46 20.96 -7.47 2.50
CA CYS E 46 21.68 -8.70 2.67
C CYS E 46 22.07 -9.18 1.29
N ASP E 47 23.25 -9.81 1.18
CA ASP E 47 23.72 -10.27 -0.12
C ASP E 47 23.93 -11.77 -0.06
N ASN E 48 24.31 -12.35 -1.20
CA ASN E 48 24.39 -13.80 -1.31
C ASN E 48 25.53 -14.37 -0.52
N TYR E 49 26.25 -13.50 0.19
CA TYR E 49 27.32 -14.01 1.05
C TYR E 49 27.00 -13.76 2.52
N ASN E 51 26.60 -10.91 3.87
CA ASN E 51 27.03 -9.58 4.31
C ASN E 51 25.78 -8.75 4.44
N LEU E 52 25.56 -8.14 5.60
CA LEU E 52 24.27 -7.47 5.81
C LEU E 52 24.37 -6.16 6.58
N THR E 53 23.34 -5.33 6.42
CA THR E 53 23.25 -4.05 7.07
C THR E 53 21.99 -4.01 7.96
N LEU E 54 22.18 -3.64 9.23
CA LEU E 54 21.09 -3.44 10.18
C LEU E 54 21.00 -1.98 10.58
N ARG E 55 19.79 -1.49 10.81
CA ARG E 55 19.58 -0.13 11.31
C ARG E 55 18.88 -0.12 12.68
N GLU E 56 19.15 0.93 13.46
CA GLU E 56 18.58 1.09 14.78
C GLU E 56 18.86 -0.13 15.62
N VAL E 57 20.13 -0.34 15.92
CA VAL E 57 20.58 -1.63 16.39
C VAL E 57 20.90 -1.61 17.89
N ILE E 58 20.58 -2.71 18.55
CA ILE E 58 21.00 -2.96 19.91
C ILE E 58 22.11 -3.98 19.88
N ARG E 59 23.27 -3.58 20.39
CA ARG E 59 24.43 -4.44 20.43
C ARG E 59 24.63 -4.94 21.87
N THR E 60 24.64 -6.27 22.03
CA THR E 60 24.80 -6.91 23.34
C THR E 60 26.15 -7.63 23.39
N PRO E 62 29.05 -10.17 25.16
CA PRO E 62 29.02 -11.43 25.91
C PRO E 62 28.89 -11.22 27.43
N ASP E 63 29.45 -10.12 27.94
CA ASP E 63 29.36 -9.87 29.39
C ASP E 63 28.04 -9.20 29.84
N GLY E 64 27.11 -9.05 28.90
CA GLY E 64 25.78 -8.53 29.22
C GLY E 64 25.58 -7.05 29.02
N ASP E 65 26.67 -6.28 28.86
CA ASP E 65 26.51 -4.85 28.56
C ASP E 65 25.83 -4.67 27.20
N LYS E 66 25.10 -3.59 27.03
CA LYS E 66 24.42 -3.29 25.78
C LYS E 66 24.61 -1.85 25.34
N PHE E 67 24.60 -1.64 24.03
CA PHE E 67 24.55 -0.31 23.44
C PHE E 67 23.30 -0.21 22.57
N PHE E 68 22.49 0.82 22.81
CA PHE E 68 21.22 0.95 22.10
C PHE E 68 21.31 1.99 21.00
N ARG E 69 20.46 1.84 20.00
CA ARG E 69 20.27 2.86 18.96
C ARG E 69 21.50 3.16 18.14
N LEU E 70 22.30 2.15 17.82
CA LEU E 70 23.35 2.32 16.83
C LEU E 70 22.64 2.55 15.50
N PRO E 71 22.93 3.68 14.83
CA PRO E 71 22.17 4.03 13.61
C PRO E 71 22.26 2.93 12.55
N GLU E 72 23.46 2.39 12.33
CA GLU E 72 23.64 1.45 11.23
C GLU E 72 24.90 0.64 11.40
N CYS E 73 24.78 -0.68 11.22
CA CYS E 73 25.91 -1.61 11.35
C CYS E 73 25.96 -2.55 10.16
N TYR E 74 27.15 -2.72 9.63
CA TYR E 74 27.38 -3.63 8.54
C TYR E 74 28.10 -4.82 9.11
N ILE E 75 27.63 -6.02 8.79
CA ILE E 75 28.24 -7.22 9.32
C ILE E 75 28.57 -8.21 8.20
N ARG E 76 29.79 -8.73 8.21
CA ARG E 76 30.26 -9.61 7.16
C ARG E 76 29.73 -11.01 7.41
N GLY E 77 29.29 -11.68 6.34
CA GLY E 77 28.79 -13.03 6.45
C GLY E 77 29.75 -13.94 7.16
N ASN E 78 31.04 -13.76 6.92
CA ASN E 78 32.08 -14.58 7.56
C ASN E 78 32.18 -14.40 9.07
N ASN E 79 31.53 -13.37 9.60
CA ASN E 79 31.65 -13.09 11.04
C ASN E 79 30.43 -13.55 11.83
N ILE E 80 29.43 -14.05 11.11
CA ILE E 80 28.16 -14.42 11.68
C ILE E 80 28.15 -15.90 12.05
N LYS E 81 27.65 -16.19 13.25
CA LYS E 81 27.42 -17.57 13.67
C LYS E 81 26.00 -17.98 13.27
N TYR E 82 25.02 -17.21 13.72
CA TYR E 82 23.67 -17.47 13.27
C TYR E 82 22.80 -16.22 13.39
N LEU E 83 21.63 -16.34 12.80
CA LEU E 83 20.74 -15.23 12.61
C LEU E 83 19.35 -15.78 12.95
N ARG E 84 18.59 -15.04 13.76
CA ARG E 84 17.28 -15.49 14.19
C ARG E 84 16.26 -14.46 13.80
N ILE E 85 15.16 -14.89 13.20
CA ILE E 85 14.10 -13.95 12.86
C ILE E 85 12.87 -14.22 13.70
N GLY F 26 42.08 18.63 2.44
CA GLY F 26 40.86 17.87 2.65
C GLY F 26 40.36 17.74 4.09
N ARG F 27 39.05 17.87 4.27
CA ARG F 27 38.34 17.64 5.55
C ARG F 27 37.96 16.18 5.80
N PRO F 28 37.42 15.48 4.77
CA PRO F 28 37.28 14.02 4.95
C PRO F 28 38.63 13.32 4.90
N ILE F 29 38.93 12.55 5.94
CA ILE F 29 40.16 11.79 5.99
C ILE F 29 39.88 10.38 6.47
N LEU F 30 40.85 9.51 6.25
CA LEU F 30 40.79 8.14 6.67
C LEU F 30 41.96 7.92 7.61
N VAL F 31 41.66 7.50 8.84
CA VAL F 31 42.70 7.27 9.84
C VAL F 31 42.79 5.78 10.15
N GLU F 32 43.94 5.18 9.88
CA GLU F 32 44.15 3.81 10.31
C GLU F 32 44.91 3.74 11.63
N LEU F 33 44.32 3.04 12.60
CA LEU F 33 44.91 2.88 13.94
C LEU F 33 45.89 1.73 13.99
N LYS F 34 46.78 1.78 14.97
CA LYS F 34 47.68 0.67 15.22
C LYS F 34 46.93 -0.65 15.48
N ASN F 35 45.72 -0.57 16.02
CA ASN F 35 44.96 -1.79 16.30
C ASN F 35 44.28 -2.34 15.06
N GLY F 36 44.50 -1.71 13.90
CA GLY F 36 43.97 -2.23 12.65
C GLY F 36 42.62 -1.66 12.22
N GLU F 37 41.93 -0.96 13.12
CA GLU F 37 40.69 -0.29 12.74
C GLU F 37 40.95 0.93 11.86
N THR F 38 39.96 1.33 11.08
CA THR F 38 40.05 2.58 10.34
C THR F 38 38.85 3.45 10.64
N PHE F 39 39.09 4.75 10.70
CA PHE F 39 38.03 5.71 10.93
C PHE F 39 37.99 6.69 9.76
N ASN F 40 36.83 6.75 9.12
CA ASN F 40 36.62 7.60 7.97
C ASN F 40 35.61 8.68 8.29
N GLY F 41 36.06 9.92 8.43
CA GLY F 41 35.16 11.00 8.81
C GLY F 41 35.70 12.38 8.51
N HIS F 42 34.95 13.41 8.88
CA HIS F 42 35.36 14.77 8.58
C HIS F 42 36.20 15.40 9.73
N LEU F 43 37.37 15.93 9.36
CA LEU F 43 38.31 16.43 10.35
C LEU F 43 37.77 17.68 11.03
N GLU F 44 37.73 17.66 12.37
CA GLU F 44 37.26 18.78 13.16
C GLU F 44 38.40 19.50 13.83
N ASN F 45 39.38 18.74 14.28
CA ASN F 45 40.50 19.33 14.95
C ASN F 45 41.70 18.42 14.90
N CYS F 46 42.88 19.02 14.93
CA CYS F 46 44.12 18.25 15.02
C CYS F 46 45.12 19.13 15.76
N ASP F 47 45.92 18.52 16.64
CA ASP F 47 46.95 19.24 17.36
C ASP F 47 48.34 18.75 16.96
N ASN F 48 49.37 19.39 17.50
CA ASN F 48 50.74 19.16 17.08
C ASN F 48 51.24 17.79 17.49
N TYR F 49 50.39 17.04 18.16
CA TYR F 49 50.77 15.67 18.52
C TYR F 49 49.92 14.68 17.72
N ASN F 51 46.75 14.34 17.91
CA ASN F 51 45.49 14.00 18.57
C ASN F 51 44.43 14.69 17.76
N LEU F 52 43.43 13.96 17.29
CA LEU F 52 42.46 14.58 16.41
C LEU F 52 41.02 14.18 16.65
N THR F 53 40.10 14.99 16.13
CA THR F 53 38.68 14.75 16.29
C THR F 53 38.04 14.63 14.91
N LEU F 54 37.26 13.57 14.72
CA LEU F 54 36.51 13.35 13.47
C LEU F 54 35.00 13.38 13.74
N ARG F 55 34.22 13.87 12.77
CA ARG F 55 32.78 13.84 12.89
C ARG F 55 32.11 13.03 11.80
N GLU F 56 30.92 12.52 12.09
CA GLU F 56 30.19 11.70 11.15
C GLU F 56 31.08 10.58 10.62
N VAL F 57 31.49 9.69 11.51
CA VAL F 57 32.52 8.75 11.13
C VAL F 57 32.06 7.32 10.84
N ILE F 58 32.76 6.68 9.91
CA ILE F 58 32.57 5.29 9.62
C ILE F 58 33.76 4.55 10.21
N ARG F 59 33.48 3.63 11.12
CA ARG F 59 34.49 2.82 11.75
C ARG F 59 34.51 1.42 11.14
N THR F 60 35.68 1.00 10.63
CA THR F 60 35.80 -0.30 9.99
C THR F 60 36.72 -1.15 10.83
N PRO F 62 38.99 -4.67 11.61
CA PRO F 62 39.89 -5.54 10.83
C PRO F 62 39.13 -6.71 10.18
N ASP F 63 38.07 -7.20 10.83
CA ASP F 63 37.31 -8.32 10.26
C ASP F 63 36.25 -7.86 9.24
N GLY F 64 36.25 -6.57 8.91
CA GLY F 64 35.38 -6.08 7.85
C GLY F 64 34.04 -5.50 8.29
N ASP F 65 33.63 -5.79 9.52
CA ASP F 65 32.40 -5.18 10.02
C ASP F 65 32.59 -3.66 10.12
N LYS F 66 31.49 -2.90 9.99
CA LYS F 66 31.56 -1.44 10.00
C LYS F 66 30.44 -0.87 10.84
N PHE F 67 30.69 0.30 11.42
CA PHE F 67 29.68 1.08 12.10
C PHE F 67 29.65 2.45 11.42
N PHE F 68 28.45 2.88 11.04
CA PHE F 68 28.30 4.15 10.32
C PHE F 68 27.76 5.23 11.23
N ARG F 69 28.06 6.47 10.86
CA ARG F 69 27.45 7.64 11.50
C ARG F 69 27.74 7.78 12.99
N LEU F 70 28.98 7.48 13.39
CA LEU F 70 29.42 7.84 14.72
C LEU F 70 29.50 9.35 14.74
N PRO F 71 28.82 10.01 15.69
CA PRO F 71 28.75 11.46 15.67
C PRO F 71 30.13 12.13 15.77
N GLU F 72 30.99 11.61 16.64
CA GLU F 72 32.27 12.23 16.89
C GLU F 72 33.20 11.25 17.59
N CYS F 73 34.42 11.16 17.10
CA CYS F 73 35.47 10.32 17.68
C CYS F 73 36.75 11.14 17.89
N TYR F 74 37.38 10.92 19.04
CA TYR F 74 38.65 11.54 19.34
C TYR F 74 39.68 10.45 19.29
N ILE F 75 40.78 10.71 18.58
CA ILE F 75 41.82 9.71 18.42
C ILE F 75 43.16 10.30 18.81
N ARG F 76 43.89 9.59 19.67
CA ARG F 76 45.21 10.03 20.13
C ARG F 76 46.26 9.79 19.06
N GLY F 77 47.15 10.77 18.88
CA GLY F 77 48.26 10.63 17.95
C GLY F 77 49.02 9.34 18.15
N ASN F 78 49.25 8.98 19.41
CA ASN F 78 49.99 7.74 19.71
C ASN F 78 49.31 6.47 19.24
N ASN F 79 48.03 6.54 18.88
CA ASN F 79 47.30 5.33 18.46
C ASN F 79 47.19 5.21 16.95
N ILE F 80 47.68 6.23 16.26
CA ILE F 80 47.55 6.28 14.80
C ILE F 80 48.74 5.62 14.09
N LYS F 81 48.44 4.81 13.09
CA LYS F 81 49.49 4.26 12.23
C LYS F 81 49.68 5.20 11.04
N TYR F 82 48.61 5.46 10.31
CA TYR F 82 48.70 6.47 9.28
C TYR F 82 47.36 7.09 8.96
N LEU F 83 47.41 8.14 8.18
CA LEU F 83 46.26 8.98 7.89
C LEU F 83 46.33 9.25 6.39
N ARG F 84 45.22 9.06 5.69
CA ARG F 84 45.16 9.26 4.25
C ARG F 84 44.14 10.35 3.95
N ILE F 85 44.50 11.30 3.10
CA ILE F 85 43.55 12.32 2.69
C ILE F 85 43.23 12.19 1.20
N GLY G 26 -51.58 -16.47 9.14
CA GLY G 26 -50.93 -15.76 10.25
C GLY G 26 -50.24 -14.44 9.91
N ARG G 27 -50.74 -13.31 10.40
CA ARG G 27 -49.85 -12.13 10.40
C ARG G 27 -48.97 -12.09 11.65
N PRO G 28 -49.58 -12.15 12.85
CA PRO G 28 -48.72 -12.30 14.02
C PRO G 28 -48.09 -13.69 14.06
N ILE G 29 -46.76 -13.73 14.13
CA ILE G 29 -46.04 -14.97 14.22
C ILE G 29 -44.97 -14.87 15.29
N LEU G 30 -44.50 -16.03 15.73
CA LEU G 30 -43.42 -16.13 16.68
C LEU G 30 -42.26 -16.86 16.00
N VAL G 31 -41.11 -16.21 15.97
CA VAL G 31 -39.93 -16.77 15.36
C VAL G 31 -38.89 -17.07 16.44
N GLU G 32 -38.50 -18.33 16.54
CA GLU G 32 -37.42 -18.68 17.45
C GLU G 32 -36.09 -18.87 16.71
N LEU G 33 -35.08 -18.13 17.14
CA LEU G 33 -33.79 -18.12 16.46
C LEU G 33 -32.93 -19.25 16.97
N LYS G 34 -31.93 -19.63 16.19
CA LYS G 34 -30.93 -20.57 16.65
C LYS G 34 -30.21 -20.12 17.94
N ASN G 35 -30.09 -18.81 18.13
CA ASN G 35 -29.41 -18.30 19.32
C ASN G 35 -30.31 -18.30 20.56
N GLY G 36 -31.51 -18.84 20.44
CA GLY G 36 -32.40 -18.99 21.58
C GLY G 36 -33.38 -17.86 21.80
N GLU G 37 -33.15 -16.72 21.16
CA GLU G 37 -34.09 -15.57 21.24
C GLU G 37 -35.38 -15.87 20.48
N THR G 38 -36.48 -15.23 20.90
CA THR G 38 -37.71 -15.29 20.14
C THR G 38 -38.16 -13.89 19.76
N PHE G 39 -38.75 -13.77 18.58
CA PHE G 39 -39.33 -12.52 18.06
C PHE G 39 -40.81 -12.73 17.75
N ASN G 40 -41.63 -11.93 18.38
CA ASN G 40 -43.06 -12.05 18.28
C ASN G 40 -43.59 -10.76 17.67
N GLY G 41 -44.03 -10.83 16.41
CA GLY G 41 -44.42 -9.61 15.70
C GLY G 41 -45.29 -9.88 14.49
N HIS G 42 -45.67 -8.82 13.80
CA HIS G 42 -46.57 -8.99 12.66
C HIS G 42 -45.76 -9.11 11.38
N LEU G 43 -46.05 -10.15 10.61
CA LEU G 43 -45.27 -10.49 9.44
C LEU G 43 -45.49 -9.45 8.33
N GLU G 44 -44.40 -8.89 7.84
CA GLU G 44 -44.45 -7.89 6.78
C GLU G 44 -44.02 -8.46 5.45
N ASN G 45 -43.02 -9.32 5.48
CA ASN G 45 -42.51 -9.89 4.27
C ASN G 45 -41.75 -11.15 4.56
N CYS G 46 -41.75 -12.06 3.59
CA CYS G 46 -41.00 -13.29 3.69
C CYS G 46 -40.63 -13.68 2.27
N ASP G 47 -39.42 -14.19 2.09
CA ASP G 47 -38.98 -14.66 0.79
C ASP G 47 -38.75 -16.17 0.77
N ASN G 48 -38.39 -16.71 -0.39
CA ASN G 48 -38.27 -18.16 -0.57
C ASN G 48 -37.13 -18.74 0.19
N TYR G 49 -36.39 -17.90 0.90
CA TYR G 49 -35.29 -18.42 1.73
C TYR G 49 -35.62 -18.23 3.20
N ASN G 51 -36.03 -15.44 4.69
CA ASN G 51 -35.59 -14.14 5.19
C ASN G 51 -36.85 -13.34 5.37
N LEU G 52 -37.11 -12.85 6.57
CA LEU G 52 -38.38 -12.16 6.79
C LEU G 52 -38.29 -10.86 7.58
N THR G 53 -39.37 -10.09 7.54
CA THR G 53 -39.47 -8.84 8.23
C THR G 53 -40.68 -8.85 9.15
N LEU G 54 -40.49 -8.45 10.40
CA LEU G 54 -41.56 -8.35 11.37
C LEU G 54 -41.68 -6.92 11.83
N ARG G 55 -42.89 -6.51 12.19
CA ARG G 55 -43.11 -5.17 12.72
C ARG G 55 -43.79 -5.25 14.07
N GLU G 56 -43.55 -4.21 14.88
CA GLU G 56 -44.09 -4.13 16.23
C GLU G 56 -43.75 -5.40 16.98
N VAL G 57 -42.46 -5.59 17.22
CA VAL G 57 -42.04 -6.87 17.71
C VAL G 57 -41.60 -6.92 19.18
N ILE G 58 -41.89 -8.04 19.80
CA ILE G 58 -41.45 -8.32 21.14
C ILE G 58 -40.30 -9.30 21.03
N ARG G 59 -39.15 -8.89 21.55
CA ARG G 59 -37.98 -9.73 21.54
C ARG G 59 -37.76 -10.31 22.94
N THR G 60 -37.73 -11.63 23.05
CA THR G 60 -37.52 -12.31 24.32
C THR G 60 -36.14 -12.99 24.33
N PRO G 62 -33.16 -15.53 26.00
CA PRO G 62 -33.15 -16.83 26.67
C PRO G 62 -33.26 -16.68 28.19
N ASP G 63 -32.70 -15.61 28.76
CA ASP G 63 -32.78 -15.44 30.21
C ASP G 63 -34.09 -14.80 30.70
N GLY G 64 -35.06 -14.63 29.82
CA GLY G 64 -36.38 -14.15 30.23
C GLY G 64 -36.61 -12.63 30.06
N ASP G 65 -35.55 -11.84 29.91
CA ASP G 65 -35.75 -10.41 29.63
C ASP G 65 -36.43 -10.20 28.27
N LYS G 66 -37.21 -9.13 28.15
CA LYS G 66 -37.92 -8.81 26.91
C LYS G 66 -37.73 -7.34 26.52
N PHE G 67 -37.82 -7.09 25.22
CA PHE G 67 -37.87 -5.73 24.70
C PHE G 67 -39.13 -5.62 23.83
N PHE G 68 -39.97 -4.64 24.13
CA PHE G 68 -41.26 -4.52 23.46
C PHE G 68 -41.21 -3.43 22.41
N ARG G 69 -42.12 -3.53 21.45
CA ARG G 69 -42.36 -2.49 20.46
C ARG G 69 -41.16 -2.13 19.62
N LEU G 70 -40.37 -3.13 19.23
CA LEU G 70 -39.34 -2.88 18.23
C LEU G 70 -40.08 -2.60 16.93
N PRO G 71 -39.79 -1.45 16.31
CA PRO G 71 -40.58 -1.05 15.12
C PRO G 71 -40.52 -2.09 14.01
N GLU G 72 -39.33 -2.61 13.73
CA GLU G 72 -39.14 -3.50 12.61
C GLU G 72 -37.84 -4.29 12.74
N CYS G 73 -37.92 -5.59 12.50
CA CYS G 73 -36.77 -6.48 12.56
C CYS G 73 -36.69 -7.33 11.30
N TYR G 74 -35.49 -7.48 10.77
CA TYR G 74 -35.27 -8.34 9.65
C TYR G 74 -34.52 -9.56 10.15
N ILE G 75 -34.99 -10.74 9.77
CA ILE G 75 -34.37 -11.98 10.24
C ILE G 75 -34.03 -12.89 9.06
N ARG G 76 -32.80 -13.37 9.04
CA ARG G 76 -32.33 -14.22 7.96
C ARG G 76 -32.84 -15.65 8.16
N GLY G 77 -33.29 -16.25 7.08
CA GLY G 77 -33.74 -17.64 7.12
C GLY G 77 -32.76 -18.56 7.78
N ASN G 78 -31.47 -18.35 7.52
CA ASN G 78 -30.40 -19.17 8.11
C ASN G 78 -30.30 -19.07 9.63
N ASN G 79 -30.92 -18.06 10.22
CA ASN G 79 -30.78 -17.84 11.66
C ASN G 79 -31.97 -18.37 12.44
N ILE G 80 -32.97 -18.84 11.70
CA ILE G 80 -34.22 -19.27 12.30
C ILE G 80 -34.19 -20.75 12.62
N LYS G 81 -34.65 -21.09 13.82
CA LYS G 81 -34.83 -22.50 14.18
C LYS G 81 -36.25 -22.94 13.84
N TYR G 82 -37.23 -22.25 14.41
CA TYR G 82 -38.56 -22.47 13.93
C TYR G 82 -39.47 -21.24 14.01
N LEU G 83 -40.63 -21.37 13.41
CA LEU G 83 -41.58 -20.29 13.28
C LEU G 83 -42.95 -20.88 13.61
N ARG G 84 -43.67 -20.25 14.53
CA ARG G 84 -44.98 -20.73 14.97
C ARG G 84 -46.02 -19.68 14.64
N ILE G 85 -47.12 -20.12 14.05
CA ILE G 85 -48.24 -19.22 13.77
C ILE G 85 -49.44 -19.53 14.63
N GLY H 26 -20.77 13.78 3.78
CA GLY H 26 -21.99 13.11 4.24
C GLY H 26 -22.36 13.04 5.73
N ARG H 27 -23.66 13.19 6.03
CA ARG H 27 -24.28 12.98 7.34
C ARG H 27 -24.69 11.52 7.60
N PRO H 28 -25.31 10.84 6.61
CA PRO H 28 -25.46 9.38 6.76
C PRO H 28 -24.13 8.69 6.63
N ILE H 29 -23.81 7.87 7.63
CA ILE H 29 -22.58 7.10 7.59
C ILE H 29 -22.86 5.67 8.04
N LEU H 30 -21.92 4.79 7.72
CA LEU H 30 -21.98 3.41 8.13
C LEU H 30 -20.81 3.15 9.05
N VAL H 31 -21.09 2.67 10.26
CA VAL H 31 -20.00 2.39 11.19
C VAL H 31 -19.93 0.91 11.48
N GLU H 32 -18.77 0.31 11.20
CA GLU H 32 -18.56 -1.08 11.54
C GLU H 32 -17.74 -1.21 12.80
N LEU H 33 -18.31 -1.92 13.77
CA LEU H 33 -17.67 -2.14 15.07
C LEU H 33 -16.72 -3.33 15.02
N LYS H 34 -15.78 -3.36 15.96
CA LYS H 34 -14.91 -4.50 16.17
C LYS H 34 -15.69 -5.82 16.40
N ASN H 35 -16.89 -5.74 16.98
CA ASN H 35 -17.66 -6.95 17.24
C ASN H 35 -18.39 -7.42 15.99
N GLY H 36 -18.15 -6.78 14.86
CA GLY H 36 -18.76 -7.18 13.59
C GLY H 36 -20.11 -6.58 13.23
N GLU H 37 -20.76 -5.94 14.19
CA GLU H 37 -22.02 -5.25 13.87
C GLU H 37 -21.76 -4.00 13.04
N THR H 38 -22.77 -3.56 12.29
CA THR H 38 -22.68 -2.28 11.60
C THR H 38 -23.87 -1.39 11.99
N PHE H 39 -23.60 -0.09 12.09
CA PHE H 39 -24.64 0.89 12.40
C PHE H 39 -24.70 1.92 11.27
N ASN H 40 -25.88 2.09 10.72
CA ASN H 40 -26.10 2.92 9.56
C ASN H 40 -27.11 3.97 9.97
N GLY H 41 -26.64 5.21 10.14
CA GLY H 41 -27.50 6.29 10.57
C GLY H 41 -26.93 7.68 10.33
N HIS H 42 -27.64 8.70 10.80
CA HIS H 42 -27.21 10.05 10.49
C HIS H 42 -26.35 10.63 11.62
N LEU H 43 -25.17 11.13 11.24
CA LEU H 43 -24.19 11.58 12.21
C LEU H 43 -24.65 12.85 12.92
N GLU H 44 -24.60 12.82 14.25
CA GLU H 44 -25.06 13.92 15.06
C GLU H 44 -23.85 14.62 15.68
N ASN H 45 -22.85 13.84 16.07
CA ASN H 45 -21.70 14.37 16.75
C ASN H 45 -20.56 13.39 16.66
N CYS H 46 -19.35 13.92 16.60
CA CYS H 46 -18.13 13.09 16.63
C CYS H 46 -17.03 13.89 17.31
N ASP H 47 -16.28 13.27 18.21
CA ASP H 47 -15.23 14.00 18.92
C ASP H 47 -13.86 13.53 18.43
N ASN H 48 -12.81 14.13 18.97
CA ASN H 48 -11.46 13.85 18.52
C ASN H 48 -10.99 12.43 18.84
N TYR H 49 -11.80 11.68 19.57
CA TYR H 49 -11.45 10.32 19.88
C TYR H 49 -12.35 9.37 19.11
N ASN H 51 -15.49 9.01 19.42
CA ASN H 51 -16.76 8.75 20.08
C ASN H 51 -17.83 9.51 19.31
N LEU H 52 -18.90 8.85 18.91
CA LEU H 52 -19.89 9.49 18.04
C LEU H 52 -21.33 9.10 18.33
N THR H 53 -22.24 9.94 17.87
CA THR H 53 -23.67 9.73 18.02
C THR H 53 -24.33 9.64 16.65
N LEU H 54 -25.14 8.61 16.45
CA LEU H 54 -25.94 8.43 15.24
C LEU H 54 -27.44 8.50 15.55
N ARG H 55 -28.23 9.01 14.61
CA ARG H 55 -29.68 9.01 14.80
C ARG H 55 -30.39 8.25 13.70
N GLU H 56 -31.57 7.73 14.01
CA GLU H 56 -32.36 6.94 13.07
C GLU H 56 -31.51 5.84 12.45
N VAL H 57 -31.12 4.89 13.28
CA VAL H 57 -30.04 3.97 12.93
C VAL H 57 -30.57 2.59 12.56
N ILE H 58 -29.93 1.99 11.56
CA ILE H 58 -30.13 0.60 11.24
C ILE H 58 -28.95 -0.19 11.76
N ARG H 59 -29.23 -1.12 12.66
CA ARG H 59 -28.22 -1.98 13.22
C ARG H 59 -28.25 -3.35 12.54
N THR H 60 -27.12 -3.78 11.98
CA THR H 60 -27.02 -5.06 11.28
C THR H 60 -26.07 -5.97 12.06
N PRO H 62 -23.78 -9.51 12.66
CA PRO H 62 -22.94 -10.36 11.80
C PRO H 62 -23.75 -11.50 11.14
N ASP H 63 -24.79 -12.01 11.80
CA ASP H 63 -25.56 -13.12 11.19
C ASP H 63 -26.61 -12.63 10.20
N GLY H 64 -26.59 -11.33 9.88
CA GLY H 64 -27.54 -10.76 8.93
C GLY H 64 -28.86 -10.18 9.45
N ASP H 65 -29.24 -10.47 10.69
CA ASP H 65 -30.46 -9.88 11.25
C ASP H 65 -30.24 -8.36 11.36
N LYS H 66 -31.33 -7.57 11.27
CA LYS H 66 -31.27 -6.14 11.40
C LYS H 66 -32.37 -5.60 12.30
N PHE H 67 -32.07 -4.47 12.94
CA PHE H 67 -33.05 -3.69 13.69
C PHE H 67 -33.08 -2.29 13.06
N PHE H 68 -34.27 -1.83 12.71
CA PHE H 68 -34.43 -0.53 12.06
C PHE H 68 -34.92 0.53 13.03
N ARG H 69 -34.64 1.78 12.68
CA ARG H 69 -35.19 2.92 13.40
C ARG H 69 -34.84 2.99 14.88
N LEU H 70 -33.61 2.64 15.24
CA LEU H 70 -33.09 2.95 16.56
C LEU H 70 -32.97 4.47 16.63
N PRO H 71 -33.61 5.10 17.61
CA PRO H 71 -33.66 6.57 17.62
C PRO H 71 -32.27 7.20 17.70
N GLU H 72 -31.40 6.64 18.53
CA GLU H 72 -30.09 7.23 18.75
C GLU H 72 -29.14 6.21 19.36
N CYS H 73 -27.93 6.14 18.83
CA CYS H 73 -26.88 5.28 19.35
C CYS H 73 -25.61 6.08 19.56
N TYR H 74 -24.95 5.80 20.68
CA TYR H 74 -23.66 6.38 20.96
C TYR H 74 -22.63 5.28 20.87
N ILE H 75 -21.57 5.53 20.14
CA ILE H 75 -20.53 4.53 19.92
C ILE H 75 -19.16 5.11 20.31
N ARG H 76 -18.44 4.36 21.13
CA ARG H 76 -17.09 4.73 21.52
C ARG H 76 -16.08 4.52 20.39
N GLY H 77 -15.20 5.49 20.19
CA GLY H 77 -14.14 5.37 19.21
C GLY H 77 -13.40 4.06 19.36
N ASN H 78 -13.12 3.66 20.60
CA ASN H 78 -12.38 2.41 20.86
C ASN H 78 -13.08 1.14 20.38
N ASN H 79 -14.36 1.23 20.05
CA ASN H 79 -15.13 0.06 19.59
C ASN H 79 -15.29 -0.02 18.09
N ILE H 80 -14.79 1.00 17.40
CA ILE H 80 -15.00 1.13 15.97
C ILE H 80 -13.85 0.49 15.19
N LYS H 81 -14.18 -0.28 14.16
CA LYS H 81 -13.18 -0.80 13.25
C LYS H 81 -13.02 0.18 12.09
N TYR H 82 -14.12 0.49 11.43
CA TYR H 82 -14.06 1.52 10.42
C TYR H 82 -15.39 2.21 10.19
N LEU H 83 -15.31 3.29 9.44
CA LEU H 83 -16.46 4.12 9.19
C LEU H 83 -16.43 4.43 7.70
N ARG H 84 -17.56 4.28 7.03
CA ARG H 84 -17.67 4.53 5.60
C ARG H 84 -18.68 5.61 5.36
N ILE H 85 -18.34 6.58 4.53
CA ILE H 85 -19.27 7.65 4.19
C ILE H 85 -19.66 7.55 2.73
N GLY I 26 -39.03 7.65 43.17
CA GLY I 26 -38.32 7.77 41.91
C GLY I 26 -38.95 6.99 40.79
N ARG I 27 -39.54 7.65 39.80
CA ARG I 27 -39.97 6.96 38.59
C ARG I 27 -38.78 6.64 37.67
N PRO I 28 -37.90 7.64 37.41
CA PRO I 28 -36.66 7.29 36.72
C PRO I 28 -35.68 6.54 37.61
N ILE I 29 -35.27 5.37 37.14
CA ILE I 29 -34.36 4.55 37.90
C ILE I 29 -33.26 4.03 36.99
N LEU I 30 -32.18 3.60 37.59
CA LEU I 30 -31.10 2.96 36.88
C LEU I 30 -30.99 1.52 37.37
N VAL I 31 -31.03 0.58 36.43
CA VAL I 31 -30.94 -0.82 36.77
C VAL I 31 -29.66 -1.40 36.20
N GLU I 32 -28.81 -1.96 37.06
CA GLU I 32 -27.63 -2.62 36.58
C GLU I 32 -27.82 -4.13 36.62
N LEU I 33 -27.59 -4.75 35.47
CA LEU I 33 -27.79 -6.19 35.32
C LEU I 33 -26.56 -6.97 35.73
N LYS I 34 -26.75 -8.24 36.05
CA LYS I 34 -25.61 -9.13 36.29
C LYS I 34 -24.65 -9.22 35.10
N ASN I 35 -25.15 -9.02 33.88
CA ASN I 35 -24.28 -9.06 32.70
C ASN I 35 -23.50 -7.74 32.49
N GLY I 36 -23.61 -6.81 33.42
CA GLY I 36 -22.88 -5.57 33.35
C GLY I 36 -23.53 -4.42 32.58
N GLU I 37 -24.61 -4.69 31.86
CA GLU I 37 -25.37 -3.62 31.21
C GLU I 37 -26.16 -2.79 32.23
N THR I 38 -26.40 -1.53 31.91
CA THR I 38 -27.34 -0.74 32.73
C THR I 38 -28.50 -0.25 31.90
N PHE I 39 -29.67 -0.20 32.52
CA PHE I 39 -30.88 0.33 31.90
C PHE I 39 -31.43 1.49 32.70
N ASN I 40 -31.53 2.65 32.06
CA ASN I 40 -31.93 3.87 32.69
C ASN I 40 -33.25 4.29 32.08
N GLY I 41 -34.35 4.18 32.83
CA GLY I 41 -35.64 4.51 32.28
C GLY I 41 -36.69 4.78 33.32
N HIS I 42 -37.90 5.08 32.87
CA HIS I 42 -38.97 5.37 33.82
C HIS I 42 -39.73 4.10 34.22
N LEU I 43 -39.84 3.88 35.52
CA LEU I 43 -40.45 2.67 36.06
C LEU I 43 -41.95 2.63 35.77
N GLU I 44 -42.38 1.52 35.17
CA GLU I 44 -43.78 1.32 34.82
C GLU I 44 -44.44 0.30 35.73
N ASN I 45 -43.68 -0.71 36.12
CA ASN I 45 -44.20 -1.77 36.96
C ASN I 45 -43.09 -2.53 37.62
N CYS I 46 -43.37 -3.04 38.82
CA CYS I 46 -42.42 -3.89 39.54
C CYS I 46 -43.25 -4.85 40.38
N ASP I 47 -42.88 -6.12 40.38
CA ASP I 47 -43.60 -7.10 41.20
C ASP I 47 -42.71 -7.54 42.37
N ASN I 48 -43.25 -8.41 43.22
CA ASN I 48 -42.60 -8.82 44.46
C ASN I 48 -41.37 -9.66 44.22
N TYR I 49 -41.09 -9.95 42.96
CA TYR I 49 -39.88 -10.69 42.63
C TYR I 49 -38.90 -9.81 41.91
N ASN I 51 -39.25 -8.41 39.11
CA ASN I 51 -39.45 -8.36 37.67
C ASN I 51 -40.05 -7.01 37.37
N LEU I 52 -39.45 -6.24 36.48
CA LEU I 52 -39.91 -4.87 36.25
C LEU I 52 -39.91 -4.43 34.80
N THR I 53 -40.68 -3.38 34.54
CA THR I 53 -40.81 -2.80 33.22
C THR I 53 -40.39 -1.35 33.26
N LEU I 54 -39.52 -0.97 32.32
CA LEU I 54 -39.05 0.39 32.15
C LEU I 54 -39.51 0.95 30.80
N ARG I 55 -39.76 2.25 30.73
CA ARG I 55 -40.10 2.90 29.48
C ARG I 55 -39.12 4.01 29.13
N GLU I 56 -38.98 4.28 27.84
CA GLU I 56 -38.05 5.30 27.35
C GLU I 56 -36.67 5.09 27.92
N VAL I 57 -36.06 3.98 27.54
CA VAL I 57 -34.87 3.57 28.24
C VAL I 57 -33.56 3.76 27.50
N ILE I 58 -32.54 4.11 28.26
CA ILE I 58 -31.19 4.19 27.77
C ILE I 58 -30.47 2.96 28.23
N ARG I 59 -29.94 2.20 27.27
CA ARG I 59 -29.22 0.98 27.56
C ARG I 59 -27.73 1.21 27.36
N THR I 60 -26.94 0.98 28.40
CA THR I 60 -25.50 1.20 28.33
C THR I 60 -24.81 -0.16 28.42
N PRO I 62 -21.30 -2.63 28.71
CA PRO I 62 -20.06 -2.59 29.49
C PRO I 62 -18.94 -1.85 28.75
N ASP I 63 -18.94 -1.94 27.42
CA ASP I 63 -17.89 -1.29 26.66
C ASP I 63 -18.16 0.20 26.38
N GLY I 64 -19.20 0.76 26.99
CA GLY I 64 -19.52 2.17 26.87
C GLY I 64 -20.49 2.59 25.77
N ASP I 65 -20.76 1.72 24.81
CA ASP I 65 -21.77 2.03 23.82
C ASP I 65 -23.15 2.18 24.49
N LYS I 66 -24.02 2.99 23.89
CA LYS I 66 -25.36 3.20 24.41
C LYS I 66 -26.41 3.21 23.34
N PHE I 67 -27.61 2.79 23.71
CA PHE I 67 -28.77 2.84 22.84
C PHE I 67 -29.81 3.68 23.58
N PHE I 68 -30.33 4.70 22.91
CA PHE I 68 -31.31 5.59 23.53
C PHE I 68 -32.73 5.30 23.08
N ARG I 69 -33.70 5.68 23.91
CA ARG I 69 -35.12 5.67 23.57
C ARG I 69 -35.67 4.29 23.21
N LEU I 70 -35.23 3.27 23.94
CA LEU I 70 -35.89 1.98 23.84
C LEU I 70 -37.28 2.17 24.43
N PRO I 71 -38.33 1.82 23.66
CA PRO I 71 -39.69 2.17 24.11
C PRO I 71 -40.04 1.50 25.43
N GLU I 72 -39.71 0.22 25.56
CA GLU I 72 -40.07 -0.53 26.74
C GLU I 72 -39.22 -1.79 26.91
N CYS I 73 -38.71 -1.98 28.12
CA CYS I 73 -37.90 -3.16 28.45
C CYS I 73 -38.43 -3.82 29.70
N TYR I 74 -38.49 -5.14 29.65
CA TYR I 74 -38.89 -5.94 30.79
C TYR I 74 -37.66 -6.65 31.30
N ILE I 75 -37.42 -6.57 32.59
CA ILE I 75 -36.23 -7.14 33.20
C ILE I 75 -36.60 -8.05 34.36
N ARG I 76 -36.08 -9.28 34.32
CA ARG I 76 -36.37 -10.27 35.35
C ARG I 76 -35.56 -9.97 36.61
N GLY I 77 -36.23 -10.03 37.75
CA GLY I 77 -35.56 -9.85 39.03
C GLY I 77 -34.29 -10.67 39.17
N ASN I 78 -34.32 -11.92 38.71
CA ASN I 78 -33.12 -12.77 38.74
C ASN I 78 -31.93 -12.25 37.92
N ASN I 79 -32.14 -11.28 37.04
CA ASN I 79 -31.06 -10.79 36.18
C ASN I 79 -30.47 -9.48 36.69
N ILE I 80 -31.05 -8.96 37.77
CA ILE I 80 -30.65 -7.68 38.32
C ILE I 80 -29.58 -7.80 39.40
N LYS I 81 -28.55 -6.97 39.30
CA LYS I 81 -27.56 -6.89 40.35
C LYS I 81 -28.01 -5.82 41.36
N TYR I 82 -28.23 -4.61 40.88
CA TYR I 82 -28.80 -3.59 41.73
C TYR I 82 -29.57 -2.54 40.97
N LEU I 83 -30.26 -1.73 41.73
CA LEU I 83 -31.12 -0.70 41.23
C LEU I 83 -30.79 0.58 42.01
N ARG I 84 -30.64 1.69 41.31
CA ARG I 84 -30.39 2.96 41.99
C ARG I 84 -31.45 3.96 41.61
N ILE I 85 -31.98 4.67 42.60
CA ILE I 85 -33.01 5.66 42.34
C ILE I 85 -32.46 7.04 42.63
N GLY J 26 26.94 55.28 -15.15
CA GLY J 26 26.57 55.96 -13.92
C GLY J 26 27.39 55.62 -12.67
N ARG J 27 27.87 56.62 -11.94
CA ARG J 27 28.42 56.48 -10.59
C ARG J 27 27.31 56.37 -9.53
N PRO J 28 26.27 57.22 -9.63
CA PRO J 28 25.08 56.97 -8.80
C PRO J 28 24.26 55.76 -9.27
N ILE J 29 24.06 54.81 -8.37
CA ILE J 29 23.32 53.62 -8.69
C ILE J 29 22.31 53.34 -7.57
N LEU J 30 21.34 52.50 -7.88
CA LEU J 30 20.37 52.05 -6.92
C LEU J 30 20.55 50.54 -6.79
N VAL J 31 20.73 50.08 -5.56
CA VAL J 31 20.90 48.66 -5.30
C VAL J 31 19.73 48.14 -4.46
N GLU J 32 19.03 47.14 -4.98
CA GLU J 32 17.96 46.54 -4.22
C GLU J 32 18.42 45.22 -3.66
N LEU J 33 18.27 45.05 -2.36
CA LEU J 33 18.73 43.86 -1.66
C LEU J 33 17.64 42.80 -1.65
N LYS J 34 18.07 41.56 -1.41
CA LYS J 34 17.13 40.46 -1.26
C LYS J 34 16.15 40.71 -0.11
N ASN J 35 16.60 41.44 0.92
CA ASN J 35 15.72 41.74 2.06
C ASN J 35 14.72 42.88 1.76
N GLY J 36 14.72 43.36 0.52
CA GLY J 36 13.77 44.37 0.11
C GLY J 36 14.20 45.83 0.32
N GLU J 37 15.31 46.04 1.01
CA GLU J 37 15.83 47.41 1.16
C GLU J 37 16.49 47.90 -0.12
N THR J 38 16.51 49.20 -0.33
CA THR J 38 17.24 49.77 -1.45
C THR J 38 18.28 50.76 -0.97
N PHE J 39 19.44 50.75 -1.62
CA PHE J 39 20.53 51.67 -1.31
C PHE J 39 20.83 52.49 -2.56
N ASN J 40 20.68 53.79 -2.43
CA ASN J 40 20.92 54.73 -3.51
C ASN J 40 22.13 55.58 -3.18
N GLY J 41 23.25 55.36 -3.87
CA GLY J 41 24.45 56.13 -3.58
C GLY J 41 25.48 56.09 -4.69
N HIS J 42 26.63 56.70 -4.44
CA HIS J 42 27.64 56.76 -5.50
C HIS J 42 28.62 55.60 -5.41
N LEU J 43 28.76 54.89 -6.52
CA LEU J 43 29.61 53.70 -6.56
C LEU J 43 31.08 54.02 -6.34
N GLU J 44 31.68 53.36 -5.37
CA GLU J 44 33.08 53.57 -5.02
C GLU J 44 33.94 52.42 -5.47
N ASN J 45 33.39 51.22 -5.39
CA ASN J 45 34.13 50.02 -5.76
C ASN J 45 33.17 48.88 -6.01
N CYS J 46 33.55 47.98 -6.91
CA CYS J 46 32.82 46.76 -7.17
C CYS J 46 33.82 45.68 -7.60
N ASP J 47 33.67 44.47 -7.08
CA ASP J 47 34.56 43.39 -7.48
C ASP J 47 33.82 42.39 -8.35
N ASN J 48 34.52 41.35 -8.81
CA ASN J 48 33.97 40.36 -9.73
C ASN J 48 32.91 39.49 -9.10
N TYR J 49 32.68 39.67 -7.80
CA TYR J 49 31.60 38.95 -7.13
C TYR J 49 30.45 39.87 -6.78
N ASN J 51 30.49 42.32 -4.81
CA ASN J 51 30.64 42.98 -3.51
C ASN J 51 30.99 44.42 -3.83
N LEU J 52 30.24 45.36 -3.29
CA LEU J 52 30.45 46.76 -3.67
C LEU J 52 30.33 47.75 -2.52
N THR J 53 30.89 48.94 -2.77
CA THR J 53 30.88 50.02 -1.79
C THR J 53 30.17 51.22 -2.38
N LEU J 54 29.25 51.79 -1.63
CA LEU J 54 28.56 53.02 -2.01
C LEU J 54 28.86 54.13 -1.01
N ARG J 55 28.92 55.37 -1.48
CA ARG J 55 29.08 56.51 -0.59
C ARG J 55 27.93 57.50 -0.70
N GLU J 56 27.71 58.25 0.37
CA GLU J 56 26.61 59.19 0.46
C GLU J 56 25.31 58.52 0.10
N VAL J 57 24.92 57.55 0.91
CA VAL J 57 23.81 56.71 0.52
C VAL J 57 22.47 56.99 1.19
N ILE J 58 21.42 56.80 0.42
CA ILE J 58 20.06 56.85 0.92
C ILE J 58 19.57 55.42 1.03
N ARG J 59 19.19 55.03 2.24
CA ARG J 59 18.68 53.70 2.50
C ARG J 59 17.16 53.74 2.66
N THR J 60 16.45 53.00 1.83
CA THR J 60 14.99 52.95 1.88
C THR J 60 14.53 51.58 2.36
N PRO J 62 11.60 48.60 3.22
CA PRO J 62 10.37 48.11 2.59
C PRO J 62 9.13 48.90 3.05
N ASP J 63 9.09 49.30 4.32
CA ASP J 63 7.93 50.04 4.79
C ASP J 63 7.91 51.53 4.43
N GLY J 64 8.86 51.97 3.60
CA GLY J 64 8.89 53.34 3.12
C GLY J 64 9.72 54.35 3.90
N ASP J 65 10.14 53.97 5.11
CA ASP J 65 11.05 54.83 5.87
C ASP J 65 12.40 54.92 5.16
N LYS J 66 13.12 56.04 5.36
CA LYS J 66 14.40 56.28 4.71
C LYS J 66 15.40 56.89 5.65
N PHE J 67 16.67 56.56 5.42
CA PHE J 67 17.79 57.19 6.11
C PHE J 67 18.69 57.82 5.05
N PHE J 68 18.99 59.09 5.23
CA PHE J 68 19.79 59.83 4.27
C PHE J 68 21.23 60.00 4.72
N ARG J 69 22.12 60.20 3.75
CA ARG J 69 23.50 60.55 4.02
C ARG J 69 24.30 59.56 4.85
N LEU J 70 24.07 58.27 4.65
CA LEU J 70 24.97 57.27 5.20
C LEU J 70 26.30 57.44 4.48
N PRO J 71 27.39 57.63 5.25
CA PRO J 71 28.67 57.98 4.63
C PRO J 71 29.15 56.91 3.65
N GLU J 72 29.03 55.65 4.04
CA GLU J 72 29.58 54.56 3.27
C GLU J 72 28.96 53.22 3.67
N CYS J 73 28.55 52.45 2.66
CA CYS J 73 27.96 51.14 2.89
C CYS J 73 28.63 50.12 2.01
N TYR J 74 28.92 48.96 2.57
CA TYR J 74 29.48 47.85 1.83
C TYR J 74 28.41 46.79 1.70
N ILE J 75 28.20 46.30 0.49
CA ILE J 75 27.14 45.33 0.23
C ILE J 75 27.69 44.11 -0.49
N ARG J 76 27.43 42.93 0.07
CA ARG J 76 27.90 41.68 -0.51
C ARG J 76 27.07 41.32 -1.73
N GLY J 77 27.76 40.87 -2.78
CA GLY J 77 27.10 40.42 -3.99
C GLY J 77 26.00 39.41 -3.71
N ASN J 78 26.25 38.49 -2.79
CA ASN J 78 25.23 37.49 -2.41
C ASN J 78 23.93 38.06 -1.81
N ASN J 79 23.95 39.32 -1.40
CA ASN J 79 22.77 39.92 -0.76
C ASN J 79 21.96 40.81 -1.71
N ILE J 80 22.46 40.95 -2.94
CA ILE J 80 21.86 41.84 -3.92
C ILE J 80 20.85 41.10 -4.79
N LYS J 81 19.70 41.73 -5.01
CA LYS J 81 18.74 41.19 -5.95
C LYS J 81 19.03 41.80 -7.33
N TYR J 82 19.03 43.13 -7.40
CA TYR J 82 19.42 43.79 -8.62
C TYR J 82 19.98 45.16 -8.38
N LEU J 83 20.58 45.68 -9.44
CA LEU J 83 21.17 46.97 -9.41
C LEU J 83 20.66 47.75 -10.63
N ARG J 84 20.30 49.00 -10.44
CA ARG J 84 19.83 49.84 -11.54
C ARG J 84 20.68 51.07 -11.65
N ILE J 85 21.14 51.37 -12.86
CA ILE J 85 21.94 52.57 -13.07
C ILE J 85 21.14 53.59 -13.86
N GLY K 26 42.97 49.40 25.67
CA GLY K 26 42.89 49.89 24.30
C GLY K 26 41.68 50.78 24.02
N ARG K 27 41.74 51.57 22.94
CA ARG K 27 40.59 52.38 22.55
C ARG K 27 39.77 51.77 21.39
N PRO K 28 40.45 51.40 20.28
CA PRO K 28 39.68 50.64 19.29
C PRO K 28 39.36 49.22 19.77
N ILE K 29 38.09 48.89 19.79
CA ILE K 29 37.67 47.56 20.18
C ILE K 29 36.67 47.02 19.16
N LEU K 30 36.46 45.71 19.22
CA LEU K 30 35.49 45.06 18.41
C LEU K 30 34.51 44.42 19.35
N VAL K 31 33.23 44.77 19.22
CA VAL K 31 32.18 44.20 20.03
C VAL K 31 31.29 43.31 19.19
N GLU K 32 31.15 42.04 19.59
CA GLU K 32 30.19 41.17 18.94
C GLU K 32 28.92 41.00 19.76
N LEU K 33 27.78 41.33 19.13
CA LEU K 33 26.50 41.27 19.80
C LEU K 33 25.91 39.86 19.76
N LYS K 34 24.95 39.61 20.65
CA LYS K 34 24.22 38.35 20.66
C LYS K 34 23.47 38.14 19.35
N ASN K 35 23.11 39.23 18.66
CA ASN K 35 22.38 39.08 17.41
C ASN K 35 23.31 38.81 16.22
N GLY K 36 24.60 38.63 16.50
CA GLY K 36 25.57 38.28 15.48
C GLY K 36 26.27 39.45 14.79
N GLU K 37 25.80 40.67 15.01
CA GLU K 37 26.46 41.84 14.44
C GLU K 37 27.76 42.15 15.20
N THR K 38 28.72 42.77 14.52
CA THR K 38 29.89 43.28 15.20
C THR K 38 30.02 44.79 14.99
N PHE K 39 30.51 45.47 16.02
CA PHE K 39 30.75 46.91 15.98
C PHE K 39 32.22 47.15 16.29
N ASN K 40 32.88 47.81 15.36
CA ASN K 40 34.29 48.06 15.48
C ASN K 40 34.48 49.56 15.54
N GLY K 41 34.83 50.09 16.72
CA GLY K 41 34.97 51.53 16.87
C GLY K 41 35.81 51.90 18.07
N HIS K 42 35.96 53.21 18.30
CA HIS K 42 36.81 53.68 19.39
C HIS K 42 35.99 53.89 20.68
N LEU K 43 36.45 53.24 21.76
CA LEU K 43 35.73 53.24 23.03
C LEU K 43 35.68 54.63 23.65
N GLU K 44 34.47 55.06 23.98
CA GLU K 44 34.24 56.37 24.58
C GLU K 44 33.85 56.25 26.04
N ASN K 45 33.09 55.20 26.37
CA ASN K 45 32.65 55.00 27.72
C ASN K 45 32.24 53.57 27.96
N CYS K 46 32.45 53.11 29.19
CA CYS K 46 31.98 51.80 29.59
C CYS K 46 31.64 51.87 31.07
N ASP K 47 30.58 51.17 31.48
CA ASP K 47 30.17 51.18 32.88
C ASP K 47 30.25 49.77 33.44
N ASN K 48 29.94 49.64 34.73
CA ASN K 48 30.18 48.39 35.45
C ASN K 48 29.21 47.31 35.02
N TYR K 49 28.32 47.66 34.10
CA TYR K 49 27.40 46.66 33.55
C TYR K 49 27.74 46.34 32.10
N ASN K 51 27.55 48.42 29.66
CA ASN K 51 26.89 49.35 28.74
C ASN K 51 27.99 50.25 28.23
N LEU K 52 28.12 50.40 26.90
CA LEU K 52 29.25 51.17 26.36
C LEU K 52 28.94 52.02 25.14
N THR K 53 29.78 53.02 24.92
CA THR K 53 29.65 53.90 23.77
C THR K 53 30.89 53.79 22.90
N LEU K 54 30.67 53.64 21.58
CA LEU K 54 31.74 53.60 20.58
C LEU K 54 31.56 54.76 19.63
N ARG K 55 32.66 55.31 19.12
CA ARG K 55 32.60 56.34 18.10
C ARG K 55 33.32 55.93 16.85
N GLU K 56 32.93 56.56 15.74
CA GLU K 56 33.46 56.23 14.42
C GLU K 56 33.43 54.72 14.18
N VAL K 57 32.21 54.17 14.10
CA VAL K 57 32.09 52.74 14.12
C VAL K 57 31.77 52.06 12.79
N ILE K 58 32.33 50.87 12.64
CA ILE K 58 32.03 50.01 11.51
C ILE K 58 31.13 48.90 12.01
N ARG K 59 29.94 48.84 11.44
CA ARG K 59 28.96 47.85 11.80
C ARG K 59 28.93 46.76 10.72
N THR K 60 29.15 45.52 11.13
CA THR K 60 29.17 44.39 10.21
C THR K 60 27.97 43.48 10.52
N PRO K 62 25.67 39.92 10.08
CA PRO K 62 25.97 38.49 9.92
C PRO K 62 26.09 38.09 8.46
N ASP K 63 25.36 38.75 7.56
CA ASP K 63 25.45 38.39 6.15
C ASP K 63 26.61 39.05 5.40
N GLY K 64 27.47 39.76 6.14
CA GLY K 64 28.69 40.32 5.57
C GLY K 64 28.58 41.79 5.12
N ASP K 65 27.38 42.32 5.02
CA ASP K 65 27.23 43.73 4.68
C ASP K 65 27.80 44.59 5.81
N LYS K 66 28.30 45.78 5.46
CA LYS K 66 28.86 46.69 6.48
C LYS K 66 28.39 48.12 6.27
N PHE K 67 28.33 48.85 7.39
CA PHE K 67 28.11 50.28 7.40
C PHE K 67 29.30 50.95 8.10
N PHE K 68 29.92 51.91 7.41
CA PHE K 68 31.12 52.58 7.92
C PHE K 68 30.78 53.93 8.50
N ARG K 69 31.63 54.38 9.43
CA ARG K 69 31.60 55.74 9.95
C ARG K 69 30.30 56.11 10.63
N LEU K 70 29.74 55.19 11.40
CA LEU K 70 28.65 55.54 12.30
C LEU K 70 29.24 56.45 13.38
N PRO K 71 28.68 57.66 13.54
CA PRO K 71 29.32 58.62 14.45
C PRO K 71 29.43 58.07 15.87
N GLU K 72 28.36 57.48 16.38
CA GLU K 72 28.33 57.02 17.75
C GLU K 72 27.25 55.98 17.95
N CYS K 73 27.59 54.92 18.67
CA CYS K 73 26.67 53.83 18.99
C CYS K 73 26.76 53.51 20.48
N TYR K 74 25.61 53.28 21.10
CA TYR K 74 25.56 52.89 22.48
C TYR K 74 25.10 51.46 22.47
N ILE K 75 25.80 50.61 23.22
CA ILE K 75 25.45 49.19 23.28
C ILE K 75 25.27 48.74 24.73
N ARG K 76 24.15 48.07 25.00
CA ARG K 76 23.84 47.57 26.34
C ARG K 76 24.64 46.32 26.65
N GLY K 77 25.19 46.23 27.86
CA GLY K 77 25.95 45.07 28.30
C GLY K 77 25.17 43.79 28.08
N ASN K 78 23.87 43.82 28.33
CA ASN K 78 23.03 42.64 28.11
C ASN K 78 22.95 42.15 26.66
N ASN K 79 23.40 42.96 25.71
CA ASN K 79 23.28 42.60 24.30
C ASN K 79 24.60 42.11 23.72
N ILE K 80 25.64 42.16 24.54
CA ILE K 80 26.99 41.82 24.09
C ILE K 80 27.28 40.34 24.33
N LYS K 81 27.88 39.70 23.32
CA LYS K 81 28.37 38.32 23.48
C LYS K 81 29.82 38.39 23.94
N TYR K 82 30.66 39.06 23.14
CA TYR K 82 32.02 39.30 23.58
C TYR K 82 32.64 40.51 22.94
N LEU K 83 33.80 40.87 23.48
CA LEU K 83 34.46 42.12 23.14
C LEU K 83 35.93 41.75 22.96
N ARG K 84 36.54 42.22 21.89
CA ARG K 84 37.93 41.90 21.63
C ARG K 84 38.72 43.20 21.49
N ILE K 85 39.85 43.27 22.18
CA ILE K 85 40.70 44.44 22.06
C ILE K 85 42.00 44.07 21.34
N GLY L 26 6.26 72.03 18.49
CA GLY L 26 7.61 71.74 18.92
C GLY L 26 8.56 71.36 17.81
N ARG L 27 9.86 71.64 17.95
CA ARG L 27 10.76 71.12 16.93
C ARG L 27 11.38 69.78 17.30
N PRO L 28 11.98 69.66 18.50
CA PRO L 28 12.41 68.31 18.89
C PRO L 28 11.22 67.46 19.27
N ILE L 29 11.12 66.31 18.63
CA ILE L 29 10.06 65.38 18.97
C ILE L 29 10.60 63.97 19.06
N LEU L 30 9.83 63.09 19.71
CA LEU L 30 10.18 61.71 19.83
C LEU L 30 9.10 60.92 19.13
N VAL L 31 9.51 60.09 18.18
CA VAL L 31 8.57 59.30 17.41
C VAL L 31 8.79 57.82 17.69
N GLU L 32 7.74 57.15 18.16
CA GLU L 32 7.84 55.72 18.38
C GLU L 32 7.16 54.97 17.26
N LEU L 33 7.91 54.07 16.64
CA LEU L 33 7.40 53.29 15.52
C LEU L 33 6.65 52.05 15.97
N LYS L 34 5.80 51.53 15.09
CA LYS L 34 5.12 50.27 15.35
C LYS L 34 6.09 49.12 15.61
N ASN L 35 7.29 49.18 15.02
CA ASN L 35 8.28 48.15 15.23
C ASN L 35 9.03 48.28 16.57
N GLY L 36 8.63 49.26 17.40
CA GLY L 36 9.22 49.43 18.71
C GLY L 36 10.41 50.38 18.80
N GLU L 37 10.99 50.75 17.66
CA GLU L 37 12.08 51.73 17.67
C GLU L 37 11.58 53.14 17.96
N THR L 38 12.44 53.97 18.54
CA THR L 38 12.10 55.37 18.70
C THR L 38 13.11 56.26 17.98
N PHE L 39 12.63 57.39 17.47
CA PHE L 39 13.46 58.36 16.78
C PHE L 39 13.29 59.72 17.42
N ASN L 40 14.39 60.26 17.89
CA ASN L 40 14.39 61.50 18.65
C ASN L 40 15.20 62.53 17.85
N GLY L 41 14.52 63.51 17.26
CA GLY L 41 15.21 64.47 16.44
C GLY L 41 14.40 65.72 16.16
N HIS L 42 14.95 66.62 15.34
CA HIS L 42 14.28 67.89 15.13
C HIS L 42 13.39 67.86 13.88
N LEU L 43 12.12 68.23 14.08
CA LEU L 43 11.13 68.11 13.02
C LEU L 43 11.40 69.10 11.89
N GLU L 44 11.51 68.56 10.67
CA GLU L 44 11.80 69.35 9.48
C GLU L 44 10.56 69.54 8.65
N ASN L 45 9.75 68.49 8.55
CA ASN L 45 8.54 68.53 7.74
C ASN L 45 7.59 67.44 8.17
N CYS L 46 6.31 67.72 8.02
CA CYS L 46 5.25 66.77 8.32
C CYS L 46 4.09 67.11 7.42
N ASP L 47 3.46 66.08 6.84
CA ASP L 47 2.33 66.27 5.93
C ASP L 47 1.04 65.79 6.57
N ASN L 48 -0.07 65.93 5.85
CA ASN L 48 -1.37 65.59 6.41
C ASN L 48 -1.59 64.11 6.66
N TYR L 49 -0.59 63.30 6.33
CA TYR L 49 -0.71 61.87 6.52
C TYR L 49 0.27 61.44 7.58
N ASN L 51 3.46 61.62 7.36
CA ASN L 51 4.78 61.31 6.82
C ASN L 51 5.67 62.48 7.22
N LEU L 52 6.79 62.22 7.86
CA LEU L 52 7.60 63.31 8.39
C LEU L 52 9.10 63.10 8.26
N THR L 53 9.84 64.19 8.37
CA THR L 53 11.30 64.17 8.30
C THR L 53 11.90 64.75 9.58
N LEU L 54 12.85 64.02 10.16
CA LEU L 54 13.59 64.45 11.34
C LEU L 54 15.06 64.65 10.98
N ARG L 55 15.71 65.61 11.65
CA ARG L 55 17.15 65.83 11.47
C ARG L 55 17.89 65.68 12.78
N GLU L 56 19.16 65.30 12.68
CA GLU L 56 20.01 65.08 13.83
C GLU L 56 19.33 64.14 14.79
N VAL L 57 19.18 62.90 14.37
CA VAL L 57 18.31 62.04 15.12
C VAL L 57 19.02 60.95 15.91
N ILE L 58 18.42 60.62 17.05
CA ILE L 58 18.87 59.52 17.86
C ILE L 58 17.88 58.41 17.68
N ARG L 59 18.37 57.27 17.22
CA ARG L 59 17.55 56.09 17.04
C ARG L 59 17.80 55.12 18.18
N THR L 60 16.72 54.71 18.85
CA THR L 60 16.82 53.76 19.96
C THR L 60 16.10 52.47 19.62
N PRO L 62 14.55 48.57 20.39
CA PRO L 62 13.82 47.96 21.49
C PRO L 62 14.76 47.32 22.51
N ASP L 63 15.91 46.80 22.06
CA ASP L 63 16.82 46.18 23.00
C ASP L 63 17.75 47.16 23.75
N GLY L 64 17.51 48.47 23.57
CA GLY L 64 18.27 49.49 24.28
C GLY L 64 19.46 50.09 23.52
N ASP L 65 19.93 49.44 22.46
CA ASP L 65 21.05 50.01 21.71
C ASP L 65 20.58 51.33 21.05
N LYS L 66 21.50 52.27 20.83
CA LYS L 66 21.17 53.54 20.19
C LYS L 66 22.20 53.91 19.12
N PHE L 67 21.74 54.70 18.14
CA PHE L 67 22.61 55.30 17.14
C PHE L 67 22.36 56.81 17.18
N PHE L 68 23.44 57.58 17.27
CA PHE L 68 23.33 59.02 17.46
C PHE L 68 23.68 59.73 16.20
N ARG L 69 23.12 60.93 16.04
CA ARG L 69 23.50 61.85 14.97
C ARG L 69 23.25 61.31 13.57
N LEU L 70 22.11 60.65 13.38
CA LEU L 70 21.66 60.33 12.03
C LEU L 70 21.27 61.66 11.41
N PRO L 71 21.87 62.01 10.26
CA PRO L 71 21.63 63.34 9.70
C PRO L 71 20.17 63.62 9.43
N GLU L 72 19.45 62.64 8.86
CA GLU L 72 18.08 62.85 8.43
C GLU L 72 17.34 61.54 8.22
N CYS L 73 16.14 61.46 8.75
CA CYS L 73 15.29 60.27 8.63
C CYS L 73 13.92 60.68 8.15
N TYR L 74 13.38 59.91 7.22
CA TYR L 74 12.02 60.10 6.77
C TYR L 74 11.19 58.93 7.31
N ILE L 75 10.05 59.27 7.91
CA ILE L 75 9.19 58.26 8.52
C ILE L 75 7.76 58.34 7.99
N ARG L 76 7.24 57.22 7.50
CA ARG L 76 5.88 57.16 6.98
C ARG L 76 4.87 57.21 8.11
N GLY L 77 3.80 57.97 7.93
CA GLY L 77 2.74 58.07 8.91
C GLY L 77 2.21 56.69 9.28
N ASN L 78 2.11 55.79 8.29
CA ASN L 78 1.64 54.42 8.53
C ASN L 78 2.53 53.59 9.45
N ASN L 79 3.74 54.06 9.73
CA ASN L 79 4.70 53.27 10.54
C ASN L 79 4.79 53.77 11.98
N ILE L 80 4.07 54.86 12.24
CA ILE L 80 4.17 55.52 13.52
C ILE L 80 3.12 54.99 14.49
N LYS L 81 3.52 54.76 15.72
CA LYS L 81 2.59 54.35 16.76
C LYS L 81 2.19 55.57 17.57
N TYR L 82 3.17 56.30 18.07
CA TYR L 82 2.87 57.62 18.56
C TYR L 82 4.05 58.58 18.52
N LEU L 83 3.74 59.84 18.78
CA LEU L 83 4.68 60.93 18.67
C LEU L 83 4.51 61.78 19.94
N ARG L 84 5.62 62.10 20.59
CA ARG L 84 5.59 62.88 21.81
C ARG L 84 6.36 64.17 21.58
N ILE L 85 5.80 65.29 22.02
CA ILE L 85 6.52 66.55 21.96
C ILE L 85 6.86 67.06 23.36
N GLY M 26 27.69 36.63 -6.30
CA GLY M 26 27.74 36.00 -7.62
C GLY M 26 28.68 36.56 -8.69
N ARG M 27 29.52 35.69 -9.28
CA ARG M 27 30.31 35.96 -10.49
C ARG M 27 29.45 35.85 -11.77
N PRO M 28 28.60 34.81 -11.88
CA PRO M 28 27.63 34.84 -12.97
C PRO M 28 26.55 35.88 -12.74
N ILE M 29 26.38 36.76 -13.71
CA ILE M 29 25.38 37.81 -13.61
C ILE M 29 24.61 37.92 -14.92
N LEU M 30 23.45 38.55 -14.85
CA LEU M 30 22.63 38.80 -16.00
C LEU M 30 22.53 40.31 -16.17
N VAL M 31 22.95 40.79 -17.32
CA VAL M 31 22.90 42.22 -17.59
C VAL M 31 21.86 42.52 -18.68
N GLU M 32 20.88 43.33 -18.35
CA GLU M 32 19.92 43.74 -19.36
C GLU M 32 20.21 45.14 -19.85
N LEU M 33 20.36 45.27 -21.17
CA LEU M 33 20.72 46.55 -21.78
C LEU M 33 19.49 47.39 -22.07
N LYS M 34 19.68 48.69 -22.21
CA LYS M 34 18.64 49.59 -22.65
C LYS M 34 18.05 49.17 -23.99
N ASN M 35 18.85 48.53 -24.85
CA ASN M 35 18.32 48.12 -26.15
C ASN M 35 17.51 46.82 -26.08
N GLY M 36 17.31 46.30 -24.86
CA GLY M 36 16.49 45.13 -24.67
C GLY M 36 17.20 43.79 -24.71
N GLU M 37 18.46 43.78 -25.11
CA GLU M 37 19.24 42.53 -25.10
C GLU M 37 19.66 42.21 -23.67
N THR M 38 19.92 40.92 -23.39
CA THR M 38 20.50 40.52 -22.11
C THR M 38 21.78 39.75 -22.33
N PHE M 39 22.76 39.98 -21.45
CA PHE M 39 24.01 39.24 -21.45
C PHE M 39 24.19 38.49 -20.15
N ASN M 40 24.34 37.19 -20.27
CA ASN M 40 24.46 36.30 -19.15
C ASN M 40 25.85 35.69 -19.14
N GLY M 41 26.69 36.09 -18.20
CA GLY M 41 28.06 35.61 -18.20
C GLY M 41 28.80 35.83 -16.90
N HIS M 42 30.05 35.42 -16.86
CA HIS M 42 30.79 35.53 -15.61
C HIS M 42 31.53 36.86 -15.53
N LEU M 43 31.34 37.56 -14.42
CA LEU M 43 31.90 38.89 -14.24
C LEU M 43 33.40 38.84 -14.11
N GLU M 44 34.08 39.61 -14.96
CA GLU M 44 35.53 39.71 -14.96
C GLU M 44 36.02 41.02 -14.35
N ASN M 45 35.28 42.09 -14.60
CA ASN M 45 35.68 43.39 -14.13
C ASN M 45 34.52 44.35 -14.15
N CYS M 46 34.49 45.27 -13.18
CA CYS M 46 33.51 46.33 -13.14
C CYS M 46 34.16 47.57 -12.54
N ASP M 47 33.89 48.73 -13.12
CA ASP M 47 34.45 49.96 -12.56
C ASP M 47 33.36 50.80 -11.94
N ASN M 48 33.73 51.93 -11.36
CA ASN M 48 32.82 52.80 -10.62
C ASN M 48 31.78 53.46 -11.49
N TYR M 49 31.86 53.23 -12.80
CA TYR M 49 30.85 53.75 -13.70
C TYR M 49 30.01 52.62 -14.27
N ASN M 51 30.98 50.25 -16.11
CA ASN M 51 31.54 49.64 -17.31
C ASN M 51 32.07 48.29 -16.89
N LEU M 52 31.66 47.24 -17.58
CA LEU M 52 32.04 45.91 -17.12
C LEU M 52 32.39 44.93 -18.23
N THR M 53 33.10 43.87 -17.84
CA THR M 53 33.50 42.81 -18.74
C THR M 53 32.91 41.48 -18.27
N LEU M 54 32.31 40.75 -19.21
CA LEU M 54 31.78 39.42 -18.96
C LEU M 54 32.51 38.40 -19.82
N ARG M 55 32.69 37.18 -19.31
CA ARG M 55 33.26 36.10 -20.09
C ARG M 55 32.30 34.94 -20.21
N GLU M 56 32.46 34.16 -21.28
CA GLU M 56 31.61 33.01 -21.57
C GLU M 56 30.14 33.40 -21.54
N VAL M 57 29.76 34.27 -22.46
CA VAL M 57 28.47 34.91 -22.32
C VAL M 57 27.39 34.43 -23.26
N ILE M 58 26.17 34.42 -22.74
CA ILE M 58 25.01 34.10 -23.53
C ILE M 58 24.29 35.41 -23.80
N ARG M 59 24.16 35.74 -25.07
CA ARG M 59 23.47 36.94 -25.48
C ARG M 59 22.07 36.59 -25.96
N THR M 60 21.07 37.20 -25.34
CA THR M 60 19.67 36.97 -25.73
C THR M 60 19.08 38.21 -26.37
N PRO M 62 15.91 40.59 -28.02
CA PRO M 62 14.51 40.83 -27.65
C PRO M 62 13.56 39.85 -28.36
N ASP M 63 13.93 39.38 -29.54
CA ASP M 63 13.04 38.46 -30.27
C ASP M 63 13.22 36.99 -29.88
N GLY M 64 14.04 36.72 -28.87
CA GLY M 64 14.19 35.37 -28.34
C GLY M 64 15.37 34.57 -28.86
N ASP M 65 15.97 35.02 -29.96
CA ASP M 65 17.18 34.37 -30.46
C ASP M 65 18.33 34.52 -29.46
N LYS M 66 19.24 33.55 -29.44
CA LYS M 66 20.38 33.58 -28.53
C LYS M 66 21.69 33.20 -29.21
N PHE M 67 22.78 33.75 -28.68
CA PHE M 67 24.11 33.38 -29.11
C PHE M 67 24.88 32.92 -27.85
N PHE M 68 25.46 31.72 -27.91
CA PHE M 68 26.09 31.13 -26.74
C PHE M 68 27.60 31.26 -26.84
N ARG M 69 28.25 31.24 -25.70
CA ARG M 69 29.70 31.12 -25.62
C ARG M 69 30.47 32.25 -26.29
N LEU M 70 29.98 33.47 -26.16
CA LEU M 70 30.77 34.62 -26.57
C LEU M 70 31.92 34.68 -25.58
N PRO M 71 33.16 34.67 -26.08
CA PRO M 71 34.32 34.60 -25.17
C PRO M 71 34.36 35.75 -24.17
N GLU M 72 34.08 36.97 -24.62
CA GLU M 72 34.24 38.15 -23.78
C GLU M 72 33.51 39.36 -24.35
N CYS M 73 32.73 40.03 -23.51
CA CYS M 73 31.97 41.21 -23.90
C CYS M 73 32.23 42.31 -22.91
N TYR M 74 32.40 43.51 -23.43
CA TYR M 74 32.57 44.71 -22.61
C TYR M 74 31.32 45.52 -22.78
N ILE M 75 30.75 45.95 -21.66
CA ILE M 75 29.49 46.69 -21.70
C ILE M 75 29.65 48.00 -20.92
N ARG M 76 29.27 49.11 -21.56
CA ARG M 76 29.35 50.43 -20.93
C ARG M 76 28.22 50.63 -19.93
N GLY M 77 28.56 51.20 -18.77
CA GLY M 77 27.59 51.51 -17.74
C GLY M 77 26.38 52.25 -18.28
N ASN M 78 26.63 53.23 -19.14
CA ASN M 78 25.55 54.01 -19.77
C ASN M 78 24.57 53.18 -20.61
N ASN M 79 24.93 51.95 -20.97
CA ASN M 79 24.07 51.15 -21.85
C ASN M 79 23.24 50.12 -21.08
N ILE M 80 23.47 50.08 -19.77
CA ILE M 80 22.83 49.10 -18.90
C ILE M 80 21.53 49.60 -18.30
N LYS M 81 20.49 48.80 -18.40
CA LYS M 81 19.25 49.12 -17.71
C LYS M 81 19.28 48.53 -16.29
N TYR M 82 19.48 47.24 -16.18
CA TYR M 82 19.74 46.66 -14.88
C TYR M 82 20.62 45.44 -14.92
N LEU M 83 21.09 45.06 -13.75
CA LEU M 83 21.97 43.94 -13.58
C LEU M 83 21.39 43.06 -12.45
N ARG M 84 21.25 41.77 -12.70
CA ARG M 84 20.67 40.86 -11.71
C ARG M 84 21.71 39.82 -11.37
N ILE M 85 21.85 39.51 -10.08
CA ILE M 85 22.80 38.51 -9.65
C ILE M 85 22.05 37.35 -9.06
N GLY N 26 51.07 47.65 -41.85
CA GLY N 26 50.61 46.74 -40.80
C GLY N 26 49.57 45.67 -41.13
N ARG N 27 49.70 44.51 -40.48
CA ARG N 27 48.68 43.44 -40.47
C ARG N 27 47.50 43.78 -39.52
N PRO N 28 47.79 44.24 -38.29
CA PRO N 28 46.68 44.76 -37.49
C PRO N 28 46.16 46.09 -38.03
N ILE N 29 44.88 46.13 -38.36
CA ILE N 29 44.26 47.34 -38.84
C ILE N 29 42.96 47.59 -38.07
N LEU N 30 42.48 48.82 -38.18
CA LEU N 30 41.21 49.22 -37.62
C LEU N 30 40.31 49.66 -38.77
N VAL N 31 39.15 49.01 -38.89
CA VAL N 31 38.20 49.34 -39.93
C VAL N 31 36.97 49.97 -39.33
N GLU N 32 36.64 51.17 -39.75
CA GLU N 32 35.42 51.81 -39.31
C GLU N 32 34.36 51.74 -40.39
N LEU N 33 33.20 51.20 -40.04
CA LEU N 33 32.13 50.97 -40.98
C LEU N 33 31.25 52.21 -41.10
N LYS N 34 30.49 52.28 -42.18
CA LYS N 34 29.49 53.34 -42.34
C LYS N 34 28.47 53.32 -41.19
N ASN N 35 28.20 52.15 -40.62
CA ASN N 35 27.20 52.06 -39.55
C ASN N 35 27.77 52.47 -38.19
N GLY N 36 29.02 52.92 -38.19
CA GLY N 36 29.62 53.47 -36.98
C GLY N 36 30.42 52.48 -36.14
N GLU N 37 30.27 51.18 -36.43
CA GLU N 37 31.05 50.16 -35.73
C GLU N 37 32.50 50.19 -36.18
N THR N 38 33.40 49.75 -35.31
CA THR N 38 34.78 49.52 -35.72
C THR N 38 35.20 48.08 -35.49
N PHE N 39 36.08 47.60 -36.37
CA PHE N 39 36.63 46.25 -36.29
C PHE N 39 38.15 46.35 -36.26
N ASN N 40 38.72 45.84 -35.19
CA ASN N 40 40.14 45.90 -34.97
C ASN N 40 40.70 44.48 -34.98
N GLY N 41 41.43 44.12 -36.04
CA GLY N 41 41.91 42.77 -36.19
C GLY N 41 43.05 42.62 -37.17
N HIS N 42 43.55 41.40 -37.32
CA HIS N 42 44.68 41.19 -38.22
C HIS N 42 44.20 40.87 -39.62
N LEU N 43 44.73 41.62 -40.60
CA LEU N 43 44.32 41.52 -41.99
C LEU N 43 44.73 40.17 -42.62
N GLU N 44 43.76 39.50 -43.22
CA GLU N 44 43.97 38.18 -43.81
C GLU N 44 43.90 38.26 -45.31
N ASN N 45 43.02 39.13 -45.79
CA ASN N 45 42.84 39.26 -47.22
C ASN N 45 42.14 40.55 -47.54
N CYS N 46 42.46 41.09 -48.71
CA CYS N 46 41.82 42.29 -49.20
C CYS N 46 41.85 42.23 -50.72
N ASP N 47 40.76 42.62 -51.36
CA ASP N 47 40.69 42.59 -52.81
C ASP N 47 40.54 44.00 -53.36
N ASN N 48 40.54 44.13 -54.68
CA ASN N 48 40.59 45.44 -55.34
C ASN N 48 39.34 46.24 -55.12
N TYR N 49 38.38 45.67 -54.41
CA TYR N 49 37.17 46.41 -54.10
C TYR N 49 37.09 46.70 -52.61
N ASN N 51 36.89 44.58 -50.24
CA ASN N 51 36.27 43.50 -49.48
C ASN N 51 37.41 42.84 -48.75
N LEU N 52 37.29 42.70 -47.43
CA LEU N 52 38.43 42.17 -46.68
C LEU N 52 38.06 41.21 -45.55
N THR N 53 39.05 40.45 -45.11
CA THR N 53 38.87 39.52 -44.02
C THR N 53 39.81 39.86 -42.89
N LEU N 54 39.29 39.90 -41.67
CA LEU N 54 40.08 40.13 -40.46
C LEU N 54 39.97 38.93 -39.55
N ARG N 55 41.02 38.66 -38.78
CA ARG N 55 41.01 37.58 -37.81
C ARG N 55 41.34 38.08 -36.43
N GLU N 56 40.84 37.36 -35.43
CA GLU N 56 41.01 37.75 -34.04
C GLU N 56 40.60 39.20 -33.83
N VAL N 57 39.32 39.46 -34.05
CA VAL N 57 38.83 40.81 -34.14
C VAL N 57 38.16 41.31 -32.85
N ILE N 58 38.36 42.59 -32.57
CA ILE N 58 37.60 43.31 -31.58
C ILE N 58 36.60 44.19 -32.30
N ARG N 59 35.33 43.97 -32.02
CA ARG N 59 34.25 44.77 -32.58
C ARG N 59 33.72 45.77 -31.52
N THR N 60 33.76 47.04 -31.88
CA THR N 60 33.31 48.12 -31.00
C THR N 60 32.06 48.74 -31.60
N PRO N 62 28.96 51.70 -31.67
CA PRO N 62 28.89 53.15 -31.48
C PRO N 62 28.60 53.54 -30.04
N ASP N 63 27.86 52.70 -29.30
CA ASP N 63 27.56 53.03 -27.91
C ASP N 63 28.66 52.62 -26.92
N GLY N 64 29.81 52.18 -27.44
CA GLY N 64 30.95 51.82 -26.58
C GLY N 64 31.08 50.34 -26.21
N ASP N 65 30.02 49.56 -26.36
CA ASP N 65 30.13 48.13 -26.05
C ASP N 65 31.09 47.44 -27.02
N LYS N 66 31.78 46.40 -26.55
CA LYS N 66 32.77 45.68 -27.39
C LYS N 66 32.61 44.17 -27.29
N PHE N 67 32.95 43.49 -28.38
CA PHE N 67 33.05 42.06 -28.40
C PHE N 67 34.48 41.69 -28.82
N PHE N 68 35.14 40.86 -28.01
CA PHE N 68 36.53 40.50 -28.23
C PHE N 68 36.64 39.12 -28.85
N ARG N 69 37.76 38.90 -29.55
CA ARG N 69 38.12 37.59 -30.05
C ARG N 69 37.12 36.95 -31.02
N LEU N 70 36.57 37.76 -31.92
CA LEU N 70 35.82 37.21 -33.02
C LEU N 70 36.84 36.52 -33.91
N PRO N 71 36.62 35.23 -34.20
CA PRO N 71 37.65 34.49 -34.93
C PRO N 71 37.93 35.10 -36.31
N GLU N 72 36.88 35.46 -37.02
CA GLU N 72 37.05 35.93 -38.39
C GLU N 72 35.84 36.70 -38.82
N CYS N 73 36.08 37.86 -39.44
CA CYS N 73 35.00 38.69 -39.99
C CYS N 73 35.32 39.08 -41.42
N TYR N 74 34.30 39.07 -42.27
CA TYR N 74 34.45 39.49 -43.65
C TYR N 74 33.68 40.79 -43.76
N ILE N 75 34.32 41.80 -44.34
CA ILE N 75 33.67 43.10 -44.51
C ILE N 75 33.72 43.55 -45.95
N ARG N 76 32.56 43.97 -46.47
CA ARG N 76 32.45 44.42 -47.85
C ARG N 76 32.97 45.83 -47.97
N GLY N 77 33.71 46.09 -49.04
CA GLY N 77 34.26 47.40 -49.32
C GLY N 77 33.21 48.47 -49.26
N ASN N 78 32.03 48.18 -49.80
CA ASN N 78 30.95 49.16 -49.80
C ASN N 78 30.46 49.56 -48.39
N ASN N 79 30.85 48.79 -47.37
CA ASN N 79 30.36 49.07 -46.02
C ASN N 79 31.36 49.83 -45.17
N ILE N 80 32.53 50.07 -45.75
CA ILE N 80 33.63 50.67 -45.03
C ILE N 80 33.64 52.19 -45.22
N LYS N 81 33.85 52.90 -44.12
CA LYS N 81 34.04 54.35 -44.20
C LYS N 81 35.55 54.64 -44.26
N TYR N 82 36.28 54.17 -43.26
CA TYR N 82 37.70 54.23 -43.43
C TYR N 82 38.46 53.12 -42.73
N LEU N 83 39.75 53.08 -43.03
CA LEU N 83 40.62 52.02 -42.57
C LEU N 83 41.90 52.67 -42.10
N ARG N 84 42.32 52.37 -40.88
CA ARG N 84 43.48 53.00 -40.25
C ARG N 84 44.51 51.93 -39.92
N ILE N 85 45.74 52.17 -40.31
CA ILE N 85 46.80 51.20 -40.02
C ILE N 85 47.78 51.79 -39.02
N GLY O 26 20.72 16.20 -44.14
CA GLY O 26 21.85 17.05 -43.82
C GLY O 26 21.90 17.71 -42.44
N ARG O 27 23.06 17.59 -41.78
CA ARG O 27 23.37 18.31 -40.54
C ARG O 27 23.76 19.78 -40.80
N PRO O 28 24.62 20.05 -41.81
CA PRO O 28 24.81 21.45 -42.18
C PRO O 28 23.62 22.02 -42.92
N ILE O 29 23.06 23.10 -42.40
CA ILE O 29 21.91 23.72 -43.01
C ILE O 29 22.14 25.24 -43.05
N LEU O 30 21.33 25.92 -43.85
CA LEU O 30 21.42 27.35 -43.96
C LEU O 30 20.04 27.85 -43.61
N VAL O 31 19.97 28.75 -42.64
CA VAL O 31 18.72 29.30 -42.17
C VAL O 31 18.66 30.78 -42.50
N GLU O 32 17.65 31.19 -43.26
CA GLU O 32 17.45 32.59 -43.50
C GLU O 32 16.36 33.14 -42.61
N LEU O 33 16.68 34.23 -41.91
CA LEU O 33 15.76 34.84 -40.96
C LEU O 33 14.90 35.88 -41.62
N LYS O 34 13.77 36.21 -40.98
CA LYS O 34 12.92 37.27 -41.45
C LYS O 34 13.64 38.62 -41.54
N ASN O 35 14.66 38.82 -40.69
CA ASN O 35 15.40 40.08 -40.74
C ASN O 35 16.46 40.11 -41.84
N GLY O 36 16.51 39.07 -42.69
CA GLY O 36 17.43 39.08 -43.82
C GLY O 36 18.77 38.40 -43.58
N GLU O 37 19.11 38.13 -42.32
CA GLU O 37 20.39 37.47 -42.06
C GLU O 37 20.31 35.98 -42.41
N THR O 38 21.47 35.38 -42.67
CA THR O 38 21.48 33.93 -42.82
C THR O 38 22.44 33.30 -41.83
N PHE O 39 22.08 32.13 -41.32
CA PHE O 39 22.96 31.37 -40.45
C PHE O 39 23.27 30.02 -41.08
N ASN O 40 24.55 29.75 -41.24
CA ASN O 40 25.01 28.54 -41.89
C ASN O 40 25.81 27.73 -40.88
N GLY O 41 25.24 26.64 -40.38
CA GLY O 41 25.94 25.84 -39.40
C GLY O 41 25.39 24.43 -39.24
N HIS O 42 25.93 23.68 -38.29
CA HIS O 42 25.54 22.28 -38.17
C HIS O 42 24.38 22.13 -37.15
N LEU O 43 23.33 21.43 -37.58
CA LEU O 43 22.10 21.34 -36.79
C LEU O 43 22.30 20.47 -35.56
N GLU O 44 21.96 21.02 -34.40
CA GLU O 44 22.15 20.34 -33.13
C GLU O 44 20.81 19.90 -32.56
N ASN O 45 19.80 20.71 -32.79
CA ASN O 45 18.49 20.40 -32.26
C ASN O 45 17.44 21.19 -32.99
N CYS O 46 16.26 20.59 -33.11
CA CYS O 46 15.11 21.27 -33.68
C CYS O 46 13.87 20.72 -33.00
N ASP O 47 12.90 21.59 -32.70
CA ASP O 47 11.66 21.16 -32.07
C ASP O 47 10.47 21.35 -33.01
N ASN O 48 9.29 20.93 -32.57
CA ASN O 48 8.12 20.91 -33.43
C ASN O 48 7.63 22.30 -33.77
N TYR O 49 8.29 23.31 -33.23
CA TYR O 49 7.93 24.68 -33.56
C TYR O 49 9.01 25.31 -34.40
N ASN O 51 12.03 25.87 -33.47
CA ASN O 51 13.09 26.47 -32.64
C ASN O 51 14.28 25.56 -32.76
N LEU O 52 15.43 26.11 -33.13
CA LEU O 52 16.57 25.22 -33.40
C LEU O 52 17.91 25.79 -32.96
N THR O 53 18.87 24.90 -32.85
CA THR O 53 20.21 25.23 -32.41
C THR O 53 21.22 24.82 -33.48
N LEU O 54 22.09 25.76 -33.85
CA LEU O 54 23.19 25.50 -34.79
C LEU O 54 24.52 25.66 -34.09
N ARG O 55 25.51 24.88 -34.52
CA ARG O 55 26.87 25.00 -34.00
C ARG O 55 27.86 25.31 -35.11
N GLU O 56 28.96 25.95 -34.73
CA GLU O 56 29.99 26.38 -35.68
C GLU O 56 29.37 27.14 -36.82
N VAL O 57 28.82 28.31 -36.52
CA VAL O 57 27.99 28.97 -37.51
C VAL O 57 28.60 30.19 -38.19
N ILE O 58 28.23 30.36 -39.44
CA ILE O 58 28.61 31.51 -40.21
C ILE O 58 27.36 32.37 -40.35
N ARG O 59 27.44 33.59 -39.84
CA ARG O 59 26.35 34.53 -39.90
C ARG O 59 26.64 35.54 -40.99
N THR O 60 25.72 35.67 -41.94
CA THR O 60 25.86 36.62 -43.05
C THR O 60 24.80 37.69 -42.89
N PRO O 62 22.63 41.15 -44.23
CA PRO O 62 22.07 41.56 -45.51
C PRO O 62 23.06 42.39 -46.35
N ASP O 63 23.92 43.15 -45.68
CA ASP O 63 24.88 43.99 -46.41
C ASP O 63 26.14 43.25 -46.79
N GLY O 64 26.16 41.92 -46.62
CA GLY O 64 27.27 41.10 -47.09
C GLY O 64 28.38 40.80 -46.09
N ASP O 65 28.42 41.54 -44.97
CA ASP O 65 29.41 41.23 -43.94
C ASP O 65 29.12 39.87 -43.32
N LYS O 66 30.15 39.20 -42.82
CA LYS O 66 29.97 37.88 -42.24
C LYS O 66 30.75 37.74 -40.96
N PHE O 67 30.26 36.90 -40.07
CA PHE O 67 30.98 36.49 -38.86
C PHE O 67 31.12 34.97 -38.87
N PHE O 68 32.32 34.46 -38.67
CA PHE O 68 32.58 33.04 -38.82
C PHE O 68 32.75 32.43 -37.45
N ARG O 69 32.52 31.12 -37.37
CA ARG O 69 32.81 30.33 -36.17
C ARG O 69 32.10 30.80 -34.91
N LEU O 70 30.84 31.21 -35.04
CA LEU O 70 29.99 31.38 -33.86
C LEU O 70 29.78 29.98 -33.24
N PRO O 71 30.13 29.81 -31.96
CA PRO O 71 30.10 28.46 -31.37
C PRO O 71 28.71 27.84 -31.43
N GLU O 72 27.69 28.63 -31.10
CA GLU O 72 26.35 28.11 -31.02
C GLU O 72 25.32 29.23 -31.06
N CYS O 73 24.29 29.02 -31.87
CA CYS O 73 23.20 29.98 -32.01
C CYS O 73 21.86 29.26 -31.87
N TYR O 74 20.95 29.88 -31.14
CA TYR O 74 19.60 29.39 -31.00
C TYR O 74 18.72 30.33 -31.75
N ILE O 75 17.85 29.76 -32.59
CA ILE O 75 16.95 30.54 -33.43
C ILE O 75 15.49 30.10 -33.25
N ARG O 76 14.60 31.05 -32.98
CA ARG O 76 13.20 30.77 -32.78
C ARG O 76 12.52 30.52 -34.12
N GLY O 77 11.68 29.50 -34.15
CA GLY O 77 10.91 29.19 -35.35
C GLY O 77 10.20 30.41 -35.89
N ASN O 78 9.65 31.23 -35.01
CA ASN O 78 8.94 32.45 -35.44
C ASN O 78 9.80 33.48 -36.15
N ASN O 79 11.12 33.31 -36.08
CA ASN O 79 12.04 34.28 -36.71
C ASN O 79 12.63 33.82 -38.03
N ILE O 80 12.24 32.63 -38.43
CA ILE O 80 12.79 31.99 -39.61
C ILE O 80 11.89 32.23 -40.83
N LYS O 81 12.50 32.56 -41.96
CA LYS O 81 11.77 32.66 -43.21
C LYS O 81 11.85 31.31 -43.93
N TYR O 82 13.07 30.85 -44.15
CA TYR O 82 13.20 29.52 -44.68
C TYR O 82 14.53 28.89 -44.32
N LEU O 83 14.62 27.60 -44.61
CA LEU O 83 15.74 26.79 -44.20
C LEU O 83 16.09 25.95 -45.44
N ARG O 84 17.37 25.91 -45.81
CA ARG O 84 17.80 25.11 -46.95
C ARG O 84 18.80 24.06 -46.51
N ILE O 85 18.59 22.83 -46.95
CA ILE O 85 19.55 21.79 -46.63
C ILE O 85 20.30 21.35 -47.89
N GLY P 26 1.65 -14.56 -60.52
CA GLY P 26 0.32 -14.81 -60.00
C GLY P 26 0.06 -16.14 -59.28
N ARG P 27 -0.39 -17.17 -60.00
CA ARG P 27 -0.89 -18.40 -59.37
C ARG P 27 0.20 -19.29 -58.75
N PRO P 28 1.28 -19.56 -59.48
CA PRO P 28 2.41 -20.22 -58.84
C PRO P 28 3.13 -19.29 -57.87
N ILE P 29 3.25 -19.70 -56.62
CA ILE P 29 3.93 -18.91 -55.61
C ILE P 29 4.88 -19.78 -54.82
N LEU P 30 5.79 -19.14 -54.12
CA LEU P 30 6.72 -19.82 -53.25
C LEU P 30 6.49 -19.32 -51.83
N VAL P 31 6.20 -20.25 -50.94
CA VAL P 31 5.93 -19.89 -49.57
C VAL P 31 7.02 -20.42 -48.66
N GLU P 32 7.68 -19.52 -47.93
CA GLU P 32 8.70 -19.96 -46.97
C GLU P 32 8.13 -19.92 -45.57
N LEU P 33 8.22 -21.06 -44.89
CA LEU P 33 7.69 -21.19 -43.54
C LEU P 33 8.70 -20.73 -42.51
N LYS P 34 8.22 -20.42 -41.31
CA LYS P 34 9.09 -20.12 -40.18
C LYS P 34 10.05 -21.26 -39.86
N ASN P 35 9.63 -22.50 -40.15
CA ASN P 35 10.50 -23.65 -39.88
C ASN P 35 11.57 -23.85 -40.95
N GLY P 36 11.67 -22.92 -41.89
CA GLY P 36 12.70 -23.00 -42.93
C GLY P 36 12.35 -23.77 -44.20
N GLU P 37 11.25 -24.51 -44.20
CA GLU P 37 10.82 -25.19 -45.41
C GLU P 37 10.23 -24.21 -46.39
N THR P 38 10.28 -24.54 -47.67
CA THR P 38 9.59 -23.77 -48.69
C THR P 38 8.61 -24.66 -49.46
N PHE P 39 7.48 -24.06 -49.85
CA PHE P 39 6.46 -24.77 -50.63
C PHE P 39 6.21 -24.00 -51.89
N ASN P 40 6.39 -24.69 -53.01
CA ASN P 40 6.28 -24.06 -54.31
C ASN P 40 5.12 -24.71 -55.03
N GLY P 41 4.00 -24.00 -55.15
CA GLY P 41 2.85 -24.56 -55.83
C GLY P 41 1.84 -23.55 -56.32
N HIS P 42 0.74 -24.05 -56.88
CA HIS P 42 -0.24 -23.12 -57.47
C HIS P 42 -1.30 -22.76 -56.44
N LEU P 43 -1.49 -21.45 -56.28
CA LEU P 43 -2.37 -20.91 -55.26
C LEU P 43 -3.84 -21.22 -55.59
N GLU P 44 -4.53 -21.79 -54.61
CA GLU P 44 -5.92 -22.22 -54.79
C GLU P 44 -6.82 -21.28 -53.98
N ASN P 45 -6.34 -20.87 -52.81
CA ASN P 45 -7.13 -20.04 -51.91
C ASN P 45 -6.24 -19.36 -50.90
N CYS P 46 -6.61 -18.14 -50.54
CA CYS P 46 -5.93 -17.41 -49.48
C CYS P 46 -6.93 -16.53 -48.74
N ASP P 47 -6.94 -16.56 -47.41
CA ASP P 47 -7.92 -15.76 -46.65
C ASP P 47 -7.24 -14.52 -46.07
N ASN P 48 -8.01 -13.70 -45.36
CA ASN P 48 -7.50 -12.46 -44.79
C ASN P 48 -6.50 -12.66 -43.66
N TYR P 49 -6.28 -13.92 -43.28
CA TYR P 49 -5.27 -14.21 -42.26
C TYR P 49 -4.08 -14.92 -42.86
N ASN P 51 -4.01 -17.74 -44.25
CA ASN P 51 -4.17 -19.20 -44.36
C ASN P 51 -4.42 -19.51 -45.83
N LEU P 52 -3.65 -20.42 -46.41
CA LEU P 52 -3.73 -20.66 -47.83
C LEU P 52 -3.60 -22.13 -48.25
N THR P 53 -4.04 -22.40 -49.46
CA THR P 53 -3.98 -23.74 -50.03
C THR P 53 -3.19 -23.68 -51.33
N LEU P 54 -2.27 -24.61 -51.49
CA LEU P 54 -1.45 -24.78 -52.68
C LEU P 54 -1.69 -26.15 -53.30
N ARG P 55 -1.65 -26.22 -54.61
CA ARG P 55 -1.76 -27.51 -55.29
C ARG P 55 -0.53 -27.83 -56.11
N GLU P 56 -0.27 -29.13 -56.29
CA GLU P 56 0.88 -29.61 -57.09
C GLU P 56 2.15 -28.95 -56.57
N VAL P 57 2.48 -29.30 -55.33
CA VAL P 57 3.46 -28.54 -54.59
C VAL P 57 4.81 -29.23 -54.52
N ILE P 58 5.87 -28.44 -54.61
CA ILE P 58 7.20 -28.92 -54.34
C ILE P 58 7.60 -28.41 -52.97
N ARG P 59 7.92 -29.34 -52.08
CA ARG P 59 8.34 -29.01 -50.74
C ARG P 59 9.87 -29.18 -50.65
N THR P 60 10.55 -28.11 -50.26
CA THR P 60 12.01 -28.11 -50.08
C THR P 60 12.38 -27.98 -48.60
N PRO P 62 15.07 -27.50 -45.35
CA PRO P 62 16.26 -26.67 -45.09
C PRO P 62 17.54 -27.40 -45.52
N ASP P 63 17.58 -28.73 -45.43
CA ASP P 63 18.83 -29.44 -45.77
C ASP P 63 18.94 -29.71 -47.29
N GLY P 64 18.00 -29.15 -48.06
CA GLY P 64 18.04 -29.32 -49.51
C GLY P 64 17.24 -30.46 -50.12
N ASP P 65 16.80 -31.43 -49.32
CA ASP P 65 15.98 -32.50 -49.86
C ASP P 65 14.66 -31.90 -50.36
N LYS P 66 14.04 -32.54 -51.36
CA LYS P 66 12.76 -32.08 -51.88
C LYS P 66 11.78 -33.21 -52.10
N PHE P 67 10.49 -32.88 -52.02
CA PHE P 67 9.39 -33.78 -52.33
C PHE P 67 8.56 -33.10 -53.39
N PHE P 68 8.34 -33.78 -54.52
CA PHE P 68 7.62 -33.20 -55.64
C PHE P 68 6.17 -33.71 -55.68
N ARG P 69 5.32 -32.91 -56.31
CA ARG P 69 3.97 -33.31 -56.65
C ARG P 69 3.12 -33.68 -55.46
N LEU P 70 3.27 -32.95 -54.36
CA LEU P 70 2.28 -33.04 -53.29
C LEU P 70 0.96 -32.48 -53.85
N PRO P 71 -0.13 -33.26 -53.77
CA PRO P 71 -1.38 -32.84 -54.44
C PRO P 71 -1.93 -31.53 -53.89
N GLU P 72 -1.88 -31.36 -52.58
CA GLU P 72 -2.49 -30.20 -51.94
C GLU P 72 -1.94 -30.00 -50.52
N CYS P 73 -1.59 -28.75 -50.22
CA CYS P 73 -1.09 -28.38 -48.90
C CYS P 73 -1.83 -27.17 -48.39
N TYR P 74 -2.21 -27.19 -47.12
CA TYR P 74 -2.84 -26.06 -46.48
C TYR P 74 -1.83 -25.53 -45.50
N ILE P 75 -1.62 -24.22 -45.51
CA ILE P 75 -0.61 -23.58 -44.67
C ILE P 75 -1.25 -22.41 -43.90
N ARG P 76 -1.11 -22.45 -42.57
CA ARG P 76 -1.62 -21.40 -41.71
C ARG P 76 -0.80 -20.13 -41.85
N GLY P 77 -1.48 -18.99 -41.94
CA GLY P 77 -0.83 -17.69 -42.00
C GLY P 77 0.22 -17.53 -40.91
N ASN P 78 -0.09 -17.99 -39.69
CA ASN P 78 0.85 -17.89 -38.55
C ASN P 78 2.16 -18.68 -38.74
N ASN P 79 2.19 -19.59 -39.71
CA ASN P 79 3.39 -20.39 -39.92
C ASN P 79 4.29 -19.89 -41.02
N ILE P 80 3.85 -18.83 -41.69
CA ILE P 80 4.52 -18.30 -42.86
C ILE P 80 5.51 -17.21 -42.47
N LYS P 81 6.71 -17.27 -43.04
CA LYS P 81 7.67 -16.19 -42.91
C LYS P 81 7.48 -15.20 -44.06
N TYR P 82 7.62 -15.70 -45.29
CA TYR P 82 7.26 -14.86 -46.41
C TYR P 82 6.77 -15.64 -47.60
N LEU P 83 6.24 -14.89 -48.56
CA LEU P 83 5.67 -15.45 -49.77
C LEU P 83 6.23 -14.66 -50.94
N ARG P 84 6.72 -15.35 -51.96
CA ARG P 84 7.26 -14.70 -53.15
C ARG P 84 6.47 -15.10 -54.37
N ILE P 85 6.13 -14.14 -55.21
CA ILE P 85 5.39 -14.44 -56.44
C ILE P 85 6.25 -14.14 -57.64
N GLY Q 26 -16.88 -48.67 -39.33
CA GLY Q 26 -16.27 -47.55 -40.03
C GLY Q 26 -14.95 -47.83 -40.74
N ARG Q 27 -14.86 -47.42 -42.00
CA ARG Q 27 -13.60 -47.45 -42.75
C ARG Q 27 -12.82 -46.12 -42.61
N PRO Q 28 -13.50 -44.98 -42.80
CA PRO Q 28 -12.81 -43.72 -42.50
C PRO Q 28 -12.63 -43.55 -41.01
N ILE Q 29 -11.39 -43.34 -40.59
CA ILE Q 29 -11.07 -43.15 -39.18
C ILE Q 29 -10.12 -41.97 -39.04
N LEU Q 30 -10.06 -41.43 -37.83
CA LEU Q 30 -9.11 -40.40 -37.48
C LEU Q 30 -8.17 -40.97 -36.43
N VAL Q 31 -6.88 -40.90 -36.70
CA VAL Q 31 -5.88 -41.38 -35.78
C VAL Q 31 -5.07 -40.21 -35.24
N GLU Q 32 -5.00 -40.08 -33.93
CA GLU Q 32 -4.14 -39.08 -33.34
C GLU Q 32 -2.91 -39.73 -32.78
N LEU Q 33 -1.75 -39.22 -33.20
CA LEU Q 33 -0.46 -39.75 -32.77
C LEU Q 33 -0.02 -39.12 -31.47
N LYS Q 34 0.84 -39.82 -30.74
CA LYS Q 34 1.51 -39.23 -29.58
C LYS Q 34 2.23 -37.91 -29.89
N ASN Q 35 2.71 -37.72 -31.12
CA ASN Q 35 3.45 -36.48 -31.45
C ASN Q 35 2.50 -35.33 -31.77
N GLY Q 36 1.20 -35.56 -31.57
CA GLY Q 36 0.19 -34.54 -31.81
C GLY Q 36 -0.39 -34.43 -33.21
N GLU Q 37 0.20 -35.13 -34.18
CA GLU Q 37 -0.37 -35.12 -35.52
C GLU Q 37 -1.64 -35.96 -35.56
N THR Q 38 -2.53 -35.66 -36.50
CA THR Q 38 -3.66 -36.53 -36.79
C THR Q 38 -3.66 -36.96 -38.25
N PHE Q 39 -4.10 -38.19 -38.46
CA PHE Q 39 -4.24 -38.80 -39.79
C PHE Q 39 -5.69 -39.25 -39.98
N ASN Q 40 -6.28 -38.72 -41.03
CA ASN Q 40 -7.66 -38.97 -41.34
C ASN Q 40 -7.73 -39.65 -42.70
N GLY Q 41 -8.07 -40.95 -42.70
CA GLY Q 41 -8.06 -41.72 -43.94
C GLY Q 41 -8.87 -42.99 -43.87
N HIS Q 42 -8.85 -43.77 -44.95
CA HIS Q 42 -9.66 -44.99 -44.96
C HIS Q 42 -8.84 -46.20 -44.52
N LEU Q 43 -9.37 -46.93 -43.55
CA LEU Q 43 -8.64 -48.04 -42.94
C LEU Q 43 -8.45 -49.19 -43.93
N GLU Q 44 -7.20 -49.64 -44.08
CA GLU Q 44 -6.87 -50.71 -45.01
C GLU Q 44 -6.52 -51.98 -44.26
N ASN Q 45 -5.86 -51.82 -43.13
CA ASN Q 45 -5.45 -52.96 -42.35
C ASN Q 45 -5.14 -52.54 -40.95
N CYS Q 46 -5.35 -53.47 -40.02
CA CYS Q 46 -4.96 -53.26 -38.63
C CYS Q 46 -4.63 -54.61 -38.04
N ASP Q 47 -3.58 -54.68 -37.22
CA ASP Q 47 -3.21 -55.92 -36.57
C ASP Q 47 -3.40 -55.85 -35.05
N ASN Q 48 -3.13 -56.95 -34.37
CA ASN Q 48 -3.44 -57.08 -32.95
C ASN Q 48 -2.60 -56.17 -32.09
N TYR Q 49 -1.68 -55.45 -32.71
CA TYR Q 49 -0.85 -54.52 -31.97
C TYR Q 49 -1.18 -53.09 -32.37
N ASN Q 51 -0.86 -51.73 -35.19
CA ASN Q 51 -0.13 -51.26 -36.37
C ASN Q 51 -1.13 -51.23 -37.50
N LEU Q 52 -1.29 -50.09 -38.16
CA LEU Q 52 -2.35 -49.98 -39.16
C LEU Q 52 -1.98 -49.19 -40.40
N THR Q 53 -2.79 -49.37 -41.45
CA THR Q 53 -2.56 -48.74 -42.73
C THR Q 53 -3.78 -47.95 -43.09
N LEU Q 54 -3.57 -46.69 -43.45
CA LEU Q 54 -4.64 -45.84 -43.97
C LEU Q 54 -4.37 -45.45 -45.42
N ARG Q 55 -5.43 -45.28 -46.21
CA ARG Q 55 -5.29 -44.77 -47.58
C ARG Q 55 -6.01 -43.45 -47.79
N GLU Q 56 -5.56 -42.69 -48.79
CA GLU Q 56 -6.13 -41.39 -49.09
C GLU Q 56 -6.24 -40.56 -47.84
N VAL Q 57 -5.08 -40.23 -47.28
CA VAL Q 57 -5.07 -39.63 -45.97
C VAL Q 57 -4.80 -38.12 -45.89
N ILE Q 58 -5.46 -37.50 -44.93
CA ILE Q 58 -5.23 -36.12 -44.61
C ILE Q 58 -4.42 -36.08 -43.31
N ARG Q 59 -3.26 -35.48 -43.40
CA ARG Q 59 -2.37 -35.35 -42.27
C ARG Q 59 -2.43 -33.91 -41.77
N THR Q 60 -2.76 -33.75 -40.49
CA THR Q 60 -2.87 -32.44 -39.84
C THR Q 60 -1.77 -32.34 -38.80
N PRO Q 62 0.23 -30.30 -35.60
CA PRO Q 62 -0.17 -29.58 -34.38
C PRO Q 62 -0.33 -28.08 -34.62
N ASP Q 63 0.47 -27.53 -35.53
CA ASP Q 63 0.34 -26.10 -35.84
C ASP Q 63 -0.76 -25.73 -36.85
N GLY Q 64 -1.58 -26.72 -37.24
CA GLY Q 64 -2.74 -26.48 -38.09
C GLY Q 64 -2.53 -26.68 -39.59
N ASP Q 65 -1.27 -26.79 -40.02
CA ASP Q 65 -1.01 -27.08 -41.43
C ASP Q 65 -1.50 -28.48 -41.77
N LYS Q 66 -1.93 -28.68 -43.02
CA LYS Q 66 -2.41 -29.98 -43.48
C LYS Q 66 -1.79 -30.42 -44.81
N PHE Q 67 -1.67 -31.72 -44.99
CA PHE Q 67 -1.34 -32.32 -46.27
C PHE Q 67 -2.46 -33.25 -46.67
N PHE Q 68 -2.99 -33.08 -47.88
CA PHE Q 68 -4.12 -33.88 -48.36
C PHE Q 68 -3.67 -34.97 -49.32
N ARG Q 69 -4.46 -36.03 -49.39
CA ARG Q 69 -4.32 -37.07 -50.40
C ARG Q 69 -3.00 -37.83 -50.34
N LEU Q 70 -2.51 -38.08 -49.15
CA LEU Q 70 -1.40 -39.01 -49.00
C LEU Q 70 -1.92 -40.40 -49.43
N PRO Q 71 -1.24 -41.03 -50.39
CA PRO Q 71 -1.80 -42.28 -50.91
C PRO Q 71 -1.96 -43.34 -49.83
N GLU Q 72 -0.96 -43.47 -48.96
CA GLU Q 72 -0.95 -44.56 -48.00
C GLU Q 72 0.02 -44.27 -46.87
N CYS Q 73 -0.42 -44.48 -45.64
CA CYS Q 73 0.40 -44.30 -44.47
C CYS Q 73 0.32 -45.51 -43.55
N TYR Q 74 1.45 -45.91 -43.02
CA TYR Q 74 1.49 -47.01 -42.08
C TYR Q 74 1.85 -46.41 -40.75
N ILE Q 75 1.08 -46.74 -39.72
CA ILE Q 75 1.30 -46.18 -38.39
C ILE Q 75 1.43 -47.29 -37.36
N ARG Q 76 2.51 -47.24 -36.59
CA ARG Q 76 2.76 -48.22 -35.55
C ARG Q 76 1.84 -47.99 -34.36
N GLY Q 77 1.31 -49.08 -33.81
CA GLY Q 77 0.45 -49.02 -32.64
C GLY Q 77 1.11 -48.23 -31.53
N ASN Q 78 2.42 -48.42 -31.37
CA ASN Q 78 3.13 -47.73 -30.30
C ASN Q 78 3.18 -46.22 -30.47
N ASN Q 79 2.80 -45.72 -31.64
CA ASN Q 79 2.87 -44.27 -31.87
C ASN Q 79 1.51 -43.58 -31.74
N ILE Q 80 0.49 -44.37 -31.49
CA ILE Q 80 -0.88 -43.89 -31.48
C ILE Q 80 -1.35 -43.52 -30.08
N LYS Q 81 -1.96 -42.36 -29.98
CA LYS Q 81 -2.59 -41.97 -28.73
C LYS Q 81 -4.02 -42.52 -28.75
N TYR Q 82 -4.79 -42.11 -29.74
CA TYR Q 82 -6.12 -42.65 -29.86
C TYR Q 82 -6.62 -42.63 -31.29
N LEU Q 83 -7.69 -43.34 -31.50
CA LEU Q 83 -8.34 -43.47 -32.76
C LEU Q 83 -9.83 -43.18 -32.59
N ARG Q 84 -10.39 -42.42 -33.51
CA ARG Q 84 -11.82 -42.11 -33.44
C ARG Q 84 -12.50 -42.54 -34.72
N ILE Q 85 -13.61 -43.24 -34.59
CA ILE Q 85 -14.35 -43.64 -35.76
C ILE Q 85 -15.67 -42.89 -35.83
N GLY R 26 21.07 -51.86 -60.52
CA GLY R 26 19.77 -52.03 -59.90
C GLY R 26 19.03 -50.71 -59.75
N ARG R 27 17.72 -50.73 -60.04
CA ARG R 27 16.92 -49.51 -60.00
C ARG R 27 16.26 -49.25 -58.65
N PRO R 28 15.62 -50.28 -58.06
CA PRO R 28 15.15 -50.09 -56.68
C PRO R 28 16.30 -50.06 -55.67
N ILE R 29 16.37 -48.98 -54.90
CA ILE R 29 17.43 -48.84 -53.92
C ILE R 29 16.83 -48.35 -52.64
N LEU R 30 17.58 -48.53 -51.56
CA LEU R 30 17.19 -48.04 -50.27
C LEU R 30 18.24 -47.05 -49.79
N VAL R 31 17.82 -45.83 -49.50
CA VAL R 31 18.72 -44.78 -49.08
C VAL R 31 18.46 -44.42 -47.62
N GLU R 32 19.48 -44.53 -46.79
CA GLU R 32 19.36 -44.10 -45.42
C GLU R 32 20.01 -42.74 -45.18
N LEU R 33 19.20 -41.81 -44.68
CA LEU R 33 19.64 -40.44 -44.44
C LEU R 33 20.37 -40.31 -43.12
N LYS R 34 21.19 -39.27 -43.02
CA LYS R 34 21.83 -38.94 -41.75
C LYS R 34 20.81 -38.70 -40.62
N ASN R 35 19.60 -38.26 -40.97
CA ASN R 35 18.55 -38.00 -39.96
C ASN R 35 17.83 -39.28 -39.55
N GLY R 36 18.27 -40.42 -40.05
CA GLY R 36 17.71 -41.71 -39.65
C GLY R 36 16.54 -42.22 -40.48
N GLU R 37 15.99 -41.37 -41.34
CA GLU R 37 14.93 -41.84 -42.23
C GLU R 37 15.51 -42.74 -43.32
N THR R 38 14.67 -43.60 -43.90
CA THR R 38 15.08 -44.35 -45.09
C THR R 38 14.10 -44.11 -46.22
N PHE R 39 14.61 -44.03 -47.44
CA PHE R 39 13.76 -43.88 -48.63
C PHE R 39 14.01 -45.05 -49.55
N ASN R 40 12.93 -45.73 -49.92
CA ASN R 40 13.01 -46.95 -50.70
C ASN R 40 12.23 -46.71 -51.97
N GLY R 41 12.93 -46.50 -53.08
CA GLY R 41 12.27 -46.24 -54.35
C GLY R 41 13.12 -46.55 -55.57
N HIS R 42 12.60 -46.23 -56.75
CA HIS R 42 13.28 -46.56 -57.96
C HIS R 42 14.15 -45.38 -58.43
N LEU R 43 15.42 -45.68 -58.71
CA LEU R 43 16.40 -44.66 -59.00
C LEU R 43 16.13 -44.04 -60.36
N GLU R 44 16.02 -42.72 -60.38
CA GLU R 44 15.75 -41.99 -61.61
C GLU R 44 16.97 -41.27 -62.09
N ASN R 45 17.74 -40.73 -61.16
CA ASN R 45 18.94 -39.99 -61.49
C ASN R 45 19.89 -39.93 -60.32
N CYS R 46 21.16 -39.81 -60.63
CA CYS R 46 22.20 -39.66 -59.65
C CYS R 46 23.34 -38.88 -60.32
N ASP R 47 23.96 -37.98 -59.58
CA ASP R 47 25.07 -37.21 -60.12
C ASP R 47 26.36 -37.52 -59.36
N ASN R 48 27.46 -36.90 -59.78
CA ASN R 48 28.78 -37.20 -59.20
C ASN R 48 28.95 -36.72 -57.77
N TYR R 49 27.91 -36.12 -57.22
CA TYR R 49 27.94 -35.72 -55.81
C TYR R 49 26.98 -36.56 -55.00
N ASN R 51 23.81 -36.59 -55.32
CA ASN R 51 22.47 -36.02 -55.33
C ASN R 51 21.63 -36.92 -56.23
N LEU R 52 20.54 -37.45 -55.72
CA LEU R 52 19.76 -38.38 -56.50
C LEU R 52 18.24 -38.20 -56.39
N THR R 53 17.54 -38.76 -57.37
CA THR R 53 16.10 -38.71 -57.46
C THR R 53 15.54 -40.14 -57.42
N LEU R 54 14.55 -40.36 -56.55
CA LEU R 54 13.83 -41.62 -56.48
C LEU R 54 12.39 -41.41 -56.83
N ARG R 55 11.76 -42.42 -57.44
CA ARG R 55 10.34 -42.38 -57.74
C ARG R 55 9.58 -43.51 -57.05
N GLU R 56 8.28 -43.31 -56.83
CA GLU R 56 7.44 -44.29 -56.15
C GLU R 56 8.08 -44.75 -54.86
N VAL R 57 8.21 -43.82 -53.93
CA VAL R 57 9.09 -44.01 -52.80
C VAL R 57 8.34 -44.33 -51.50
N ILE R 58 8.92 -45.22 -50.72
CA ILE R 58 8.43 -45.51 -49.39
C ILE R 58 9.38 -44.85 -48.40
N ARG R 59 8.83 -43.96 -47.59
CA ARG R 59 9.60 -43.25 -46.60
C ARG R 59 9.34 -43.85 -45.20
N THR R 60 10.40 -44.30 -44.55
CA THR R 60 10.29 -44.90 -43.22
C THR R 60 10.95 -43.98 -42.18
N PRO R 62 12.36 -42.96 -38.28
CA PRO R 62 13.08 -43.67 -37.22
C PRO R 62 12.12 -44.36 -36.23
N ASP R 63 10.95 -43.77 -36.00
CA ASP R 63 9.98 -44.38 -35.07
C ASP R 63 9.12 -45.49 -35.71
N GLY R 64 9.41 -45.86 -36.96
CA GLY R 64 8.71 -46.96 -37.58
C GLY R 64 7.54 -46.59 -38.47
N ASP R 65 7.05 -45.35 -38.36
CA ASP R 65 5.94 -44.96 -39.23
C ASP R 65 6.45 -44.90 -40.68
N LYS R 66 5.56 -45.08 -41.65
CA LYS R 66 5.93 -45.08 -43.07
C LYS R 66 4.92 -44.32 -43.89
N PHE R 67 5.40 -43.75 -44.99
CA PHE R 67 4.56 -43.12 -46.00
C PHE R 67 4.86 -43.81 -47.33
N PHE R 68 3.81 -44.30 -47.98
CA PHE R 68 3.97 -45.04 -49.23
C PHE R 68 3.65 -44.20 -50.44
N ARG R 69 4.25 -44.56 -51.58
CA ARG R 69 3.88 -44.00 -52.88
C ARG R 69 4.14 -42.51 -53.02
N LEU R 70 5.22 -42.01 -52.43
CA LEU R 70 5.64 -40.65 -52.71
C LEU R 70 6.10 -40.62 -54.17
N PRO R 71 5.51 -39.74 -54.97
CA PRO R 71 5.76 -39.81 -56.41
C PRO R 71 7.24 -39.65 -56.74
N GLU R 72 7.91 -38.71 -56.08
CA GLU R 72 9.27 -38.37 -56.42
C GLU R 72 9.95 -37.60 -55.31
N CYS R 73 11.15 -38.03 -54.93
CA CYS R 73 11.94 -37.40 -53.89
C CYS R 73 13.34 -37.13 -54.40
N TYR R 74 13.83 -35.94 -54.10
CA TYR R 74 15.20 -35.57 -54.42
C TYR R 74 15.99 -35.55 -53.12
N ILE R 75 17.12 -36.23 -53.12
CA ILE R 75 17.96 -36.30 -51.92
C ILE R 75 19.38 -35.84 -52.21
N ARG R 76 19.88 -34.91 -51.41
CA ARG R 76 21.21 -34.35 -51.57
C ARG R 76 22.24 -35.36 -51.06
N GLY R 77 23.33 -35.50 -51.82
CA GLY R 77 24.41 -36.39 -51.42
C GLY R 77 24.92 -36.11 -50.02
N ASN R 78 25.00 -34.85 -49.64
CA ASN R 78 25.37 -34.46 -48.27
C ASN R 78 24.45 -34.95 -47.15
N ASN R 79 23.24 -35.41 -47.49
CA ASN R 79 22.30 -35.82 -46.46
C ASN R 79 22.20 -37.34 -46.31
N ILE R 80 22.96 -38.04 -47.15
CA ILE R 80 22.90 -39.50 -47.20
C ILE R 80 23.96 -40.11 -46.31
N LYS R 81 23.55 -41.09 -45.52
CA LYS R 81 24.50 -41.89 -44.75
C LYS R 81 24.99 -43.05 -45.64
N TYR R 82 24.06 -43.89 -46.07
CA TYR R 82 24.43 -44.92 -47.02
C TYR R 82 23.26 -45.32 -47.88
N LEU R 83 23.57 -46.12 -48.89
CA LEU R 83 22.64 -46.51 -49.91
C LEU R 83 22.86 -48.01 -50.08
N ARG R 84 21.77 -48.78 -50.20
CA ARG R 84 21.86 -50.21 -50.36
C ARG R 84 21.06 -50.62 -51.57
N ILE R 85 21.66 -51.45 -52.41
CA ILE R 85 20.97 -51.92 -53.62
C ILE R 85 20.72 -53.42 -53.50
N GLY S 26 -28.72 -39.63 53.89
CA GLY S 26 -28.24 -38.34 53.40
C GLY S 26 -26.96 -38.40 52.57
N ARG S 27 -26.93 -37.67 51.45
CA ARG S 27 -25.71 -37.64 50.62
C ARG S 27 -24.94 -36.33 50.76
N PRO S 28 -25.62 -35.19 50.68
CA PRO S 28 -24.89 -33.95 50.98
C PRO S 28 -24.66 -33.81 52.49
N ILE S 29 -23.41 -33.63 52.86
CA ILE S 29 -23.06 -33.48 54.26
C ILE S 29 -22.08 -32.32 54.40
N LEU S 30 -21.95 -31.84 55.63
CA LEU S 30 -21.00 -30.81 55.96
C LEU S 30 -20.05 -31.40 56.98
N VAL S 31 -18.75 -31.39 56.66
CA VAL S 31 -17.74 -31.92 57.58
C VAL S 31 -16.92 -30.77 58.11
N GLU S 32 -16.86 -30.64 59.43
CA GLU S 32 -15.95 -29.68 60.01
C GLU S 32 -14.68 -30.36 60.55
N LEU S 33 -13.54 -29.83 60.15
CA LEU S 33 -12.24 -30.43 60.49
C LEU S 33 -11.73 -29.84 61.78
N LYS S 34 -10.80 -30.54 62.41
CA LYS S 34 -10.14 -30.02 63.59
C LYS S 34 -9.40 -28.71 63.30
N ASN S 35 -8.92 -28.53 62.07
CA ASN S 35 -8.22 -27.28 61.72
C ASN S 35 -9.15 -26.10 61.45
N GLY S 36 -10.46 -26.30 61.66
CA GLY S 36 -11.44 -25.22 61.52
C GLY S 36 -12.11 -25.10 60.15
N GLU S 37 -11.57 -25.78 59.14
CA GLU S 37 -12.16 -25.72 57.82
C GLU S 37 -13.42 -26.55 57.79
N THR S 38 -14.36 -26.22 56.90
CA THR S 38 -15.51 -27.07 56.64
C THR S 38 -15.55 -27.47 55.17
N PHE S 39 -16.01 -28.70 54.93
CA PHE S 39 -16.17 -29.24 53.58
C PHE S 39 -17.62 -29.64 53.41
N ASN S 40 -18.24 -29.09 52.38
CA ASN S 40 -19.63 -29.31 52.10
C ASN S 40 -19.74 -29.98 50.74
N GLY S 41 -20.10 -31.26 50.72
CA GLY S 41 -20.18 -31.96 49.45
C GLY S 41 -20.96 -33.25 49.51
N HIS S 42 -21.01 -33.98 48.40
CA HIS S 42 -21.81 -35.18 48.37
C HIS S 42 -21.00 -36.44 48.77
N LEU S 43 -21.48 -37.15 49.77
CA LEU S 43 -20.78 -38.32 50.30
C LEU S 43 -20.68 -39.44 49.30
N GLU S 44 -19.45 -39.88 49.06
CA GLU S 44 -19.17 -40.95 48.11
C GLU S 44 -18.80 -42.25 48.81
N ASN S 45 -18.10 -42.13 49.92
CA ASN S 45 -17.66 -43.29 50.66
C ASN S 45 -17.31 -42.93 52.07
N CYS S 46 -17.52 -43.87 52.98
CA CYS S 46 -17.14 -43.71 54.36
C CYS S 46 -16.80 -45.08 54.90
N ASP S 47 -15.79 -45.16 55.79
CA ASP S 47 -15.39 -46.46 56.33
C ASP S 47 -15.50 -46.41 57.83
N ASN S 48 -15.22 -47.55 58.47
CA ASN S 48 -15.51 -47.71 59.91
C ASN S 48 -14.59 -46.87 60.75
N TYR S 49 -13.73 -46.11 60.10
CA TYR S 49 -12.87 -45.23 60.86
C TYR S 49 -13.20 -43.78 60.52
N ASN S 51 -12.96 -42.34 57.69
CA ASN S 51 -12.24 -41.83 56.53
C ASN S 51 -13.25 -41.75 55.41
N LEU S 52 -13.42 -40.57 54.81
CA LEU S 52 -14.49 -40.43 53.81
C LEU S 52 -14.12 -39.61 52.58
N THR S 53 -14.88 -39.82 51.52
CA THR S 53 -14.69 -39.14 50.27
C THR S 53 -15.93 -38.30 49.96
N LEU S 54 -15.71 -37.05 49.59
CA LEU S 54 -16.79 -36.14 49.19
C LEU S 54 -16.54 -35.68 47.77
N ARG S 55 -17.61 -35.45 47.02
CA ARG S 55 -17.50 -34.95 45.65
C ARG S 55 -18.23 -33.62 45.49
N GLU S 56 -17.80 -32.85 44.50
CA GLU S 56 -18.36 -31.54 44.25
C GLU S 56 -18.41 -30.73 45.51
N VAL S 57 -17.25 -30.42 46.06
CA VAL S 57 -17.21 -29.88 47.39
C VAL S 57 -16.93 -28.38 47.50
N ILE S 58 -17.52 -27.79 48.53
CA ILE S 58 -17.26 -26.41 48.86
C ILE S 58 -16.42 -26.41 50.12
N ARG S 59 -15.22 -25.84 50.01
CA ARG S 59 -14.31 -25.73 51.12
C ARG S 59 -14.32 -24.30 51.68
N THR S 60 -14.65 -24.20 52.97
CA THR S 60 -14.71 -22.91 53.66
C THR S 60 -13.57 -22.81 54.68
N PRO S 62 -11.46 -20.90 57.87
CA PRO S 62 -11.84 -20.22 59.10
C PRO S 62 -12.01 -18.72 58.86
N ASP S 63 -11.22 -18.15 57.94
CA ASP S 63 -11.31 -16.70 57.69
C ASP S 63 -12.39 -16.31 56.69
N GLY S 64 -13.23 -17.27 56.33
CA GLY S 64 -14.40 -16.98 55.52
C GLY S 64 -14.23 -17.15 54.02
N ASP S 65 -13.00 -17.25 53.56
CA ASP S 65 -12.80 -17.52 52.13
C ASP S 65 -13.29 -18.94 51.80
N LYS S 66 -13.72 -19.14 50.54
CA LYS S 66 -14.28 -20.41 50.09
C LYS S 66 -13.72 -20.79 48.72
N PHE S 67 -13.63 -22.10 48.50
CA PHE S 67 -13.32 -22.65 47.20
C PHE S 67 -14.46 -23.58 46.80
N PHE S 68 -15.03 -23.34 45.62
CA PHE S 68 -16.18 -24.11 45.16
C PHE S 68 -15.77 -25.17 44.16
N ARG S 69 -16.63 -26.17 44.02
CA ARG S 69 -16.52 -27.21 43.00
C ARG S 69 -15.22 -28.01 43.01
N LEU S 70 -14.69 -28.29 44.20
CA LEU S 70 -13.58 -29.24 44.30
C LEU S 70 -14.12 -30.61 43.86
N PRO S 71 -13.51 -31.22 42.85
CA PRO S 71 -14.10 -32.44 42.30
C PRO S 71 -14.25 -33.55 43.36
N GLU S 72 -13.22 -33.74 44.17
CA GLU S 72 -13.21 -34.84 45.11
C GLU S 72 -12.20 -34.61 46.21
N CYS S 73 -12.63 -34.80 47.46
CA CYS S 73 -11.75 -34.65 48.62
C CYS S 73 -11.84 -35.88 49.53
N TYR S 74 -10.70 -36.33 50.02
CA TYR S 74 -10.66 -37.45 50.92
C TYR S 74 -10.28 -36.88 52.26
N ILE S 75 -11.02 -37.24 53.29
CA ILE S 75 -10.75 -36.71 54.61
C ILE S 75 -10.61 -37.86 55.60
N ARG S 76 -9.54 -37.82 56.40
CA ARG S 76 -9.26 -38.86 57.39
C ARG S 76 -10.13 -38.66 58.61
N GLY S 77 -10.68 -39.75 59.13
CA GLY S 77 -11.49 -39.68 60.33
C GLY S 77 -10.80 -38.97 61.46
N ASN S 78 -9.51 -39.20 61.61
CA ASN S 78 -8.72 -38.54 62.65
C ASN S 78 -8.66 -37.02 62.55
N ASN S 79 -9.06 -36.47 61.39
CA ASN S 79 -8.97 -35.03 61.17
C ASN S 79 -10.31 -34.32 61.32
N ILE S 80 -11.35 -35.11 61.57
CA ILE S 80 -12.72 -34.61 61.64
C ILE S 80 -13.13 -34.26 63.05
N LYS S 81 -13.72 -33.09 63.22
CA LYS S 81 -14.27 -32.70 64.52
C LYS S 81 -15.74 -33.17 64.58
N TYR S 82 -16.54 -32.72 63.62
CA TYR S 82 -17.87 -33.26 63.50
C TYR S 82 -18.39 -33.21 62.08
N LEU S 83 -19.52 -33.87 61.89
CA LEU S 83 -20.12 -34.05 60.59
C LEU S 83 -21.62 -33.77 60.80
N ARG S 84 -22.21 -32.97 59.92
CA ARG S 84 -23.63 -32.61 60.04
C ARG S 84 -24.33 -33.03 58.77
N ILE S 85 -25.46 -33.70 58.90
CA ILE S 85 -26.24 -34.04 57.72
C ILE S 85 -27.55 -33.26 57.68
N GLY T 26 9.00 -42.93 32.58
CA GLY T 26 7.78 -42.78 33.35
C GLY T 26 7.15 -41.39 33.33
N ARG T 27 5.85 -41.32 32.99
CA ARG T 27 5.08 -40.08 33.02
C ARG T 27 4.38 -39.84 34.36
N PRO T 28 3.68 -40.86 34.91
CA PRO T 28 3.17 -40.69 36.27
C PRO T 28 4.29 -40.75 37.30
N ILE T 29 4.40 -39.69 38.09
CA ILE T 29 5.43 -39.62 39.11
C ILE T 29 4.80 -39.13 40.41
N LEU T 30 5.53 -39.36 41.50
CA LEU T 30 5.13 -38.91 42.80
C LEU T 30 6.21 -37.97 43.28
N VAL T 31 5.82 -36.74 43.62
CA VAL T 31 6.74 -35.74 44.10
C VAL T 31 6.48 -35.43 45.56
N GLU T 32 7.48 -35.62 46.40
CA GLU T 32 7.32 -35.23 47.79
C GLU T 32 8.01 -33.89 48.05
N LEU T 33 7.26 -32.95 48.63
CA LEU T 33 7.75 -31.60 48.89
C LEU T 33 8.44 -31.53 50.24
N LYS T 34 9.32 -30.54 50.39
CA LYS T 34 9.91 -30.26 51.70
C LYS T 34 8.86 -30.02 52.78
N ASN T 35 7.69 -29.48 52.41
CA ASN T 35 6.64 -29.23 53.40
C ASN T 35 5.84 -30.48 53.76
N GLY T 36 6.23 -31.64 53.22
CA GLY T 36 5.62 -32.91 53.62
C GLY T 36 4.47 -33.37 52.74
N GLU T 37 3.96 -32.49 51.90
CA GLU T 37 2.89 -32.87 50.97
C GLU T 37 3.46 -33.74 49.85
N THR T 38 2.62 -34.57 49.25
CA THR T 38 3.02 -35.27 48.03
C THR T 38 2.07 -34.96 46.89
N PHE T 39 2.62 -34.86 45.68
CA PHE T 39 1.81 -34.68 44.48
C PHE T 39 2.04 -35.84 43.53
N ASN T 40 0.95 -36.49 43.15
CA ASN T 40 0.97 -37.66 42.30
C ASN T 40 0.25 -37.34 41.00
N GLY T 41 0.98 -37.20 39.91
CA GLY T 41 0.37 -36.84 38.65
C GLY T 41 1.22 -37.12 37.45
N HIS T 42 0.72 -36.78 36.26
CA HIS T 42 1.46 -37.10 35.05
C HIS T 42 2.39 -35.93 34.64
N LEU T 43 3.65 -36.27 34.37
CA LEU T 43 4.68 -35.26 34.13
C LEU T 43 4.49 -34.59 32.79
N GLU T 44 4.45 -33.26 32.79
CA GLU T 44 4.22 -32.49 31.60
C GLU T 44 5.48 -31.79 31.17
N ASN T 45 6.27 -31.37 32.15
CA ASN T 45 7.49 -30.64 31.85
C ASN T 45 8.40 -30.64 33.04
N CYS T 46 9.69 -30.63 32.75
CA CYS T 46 10.71 -30.51 33.80
C CYS T 46 11.90 -29.76 33.20
N ASP T 47 12.50 -28.88 34.00
CA ASP T 47 13.67 -28.15 33.53
C ASP T 47 14.92 -28.52 34.33
N ASN T 48 16.05 -27.93 33.94
CA ASN T 48 17.34 -28.35 34.50
C ASN T 48 17.48 -27.96 35.94
N TYR T 49 16.46 -27.29 36.47
CA TYR T 49 16.48 -26.93 37.88
C TYR T 49 15.43 -27.71 38.64
N ASN T 51 12.25 -27.56 38.26
CA ASN T 51 10.94 -26.93 38.26
C ASN T 51 10.11 -27.75 37.29
N LEU T 52 8.97 -28.26 37.75
CA LEU T 52 8.19 -29.16 36.90
C LEU T 52 6.66 -28.93 36.99
N THR T 53 5.98 -29.43 35.95
CA THR T 53 4.55 -29.32 35.84
C THR T 53 3.94 -30.70 35.81
N LEU T 54 2.93 -30.93 36.65
CA LEU T 54 2.15 -32.18 36.66
C LEU T 54 0.70 -31.92 36.27
N ARG T 55 0.06 -32.91 35.65
CA ARG T 55 -1.36 -32.79 35.31
C ARG T 55 -2.17 -33.92 35.91
N GLU T 56 -3.45 -33.65 36.14
CA GLU T 56 -4.35 -34.61 36.79
C GLU T 56 -3.77 -35.13 38.08
N VAL T 57 -3.58 -34.24 39.04
CA VAL T 57 -2.76 -34.52 40.20
C VAL T 57 -3.57 -34.88 41.44
N ILE T 58 -3.03 -35.81 42.22
CA ILE T 58 -3.55 -36.08 43.54
C ILE T 58 -2.61 -35.45 44.55
N ARG T 59 -3.15 -34.59 45.39
CA ARG T 59 -2.34 -33.90 46.40
C ARG T 59 -2.66 -34.49 47.77
N THR T 60 -1.65 -35.01 48.46
CA THR T 60 -1.83 -35.65 49.76
C THR T 60 -1.15 -34.79 50.83
N PRO T 62 0.20 -33.97 54.78
CA PRO T 62 0.87 -34.73 55.84
C PRO T 62 -0.11 -35.40 56.79
N ASP T 63 -1.28 -34.78 57.00
CA ASP T 63 -2.26 -35.38 57.91
C ASP T 63 -3.16 -36.42 57.25
N GLY T 64 -2.87 -36.77 55.99
CA GLY T 64 -3.59 -37.85 55.32
C GLY T 64 -4.74 -37.40 54.42
N ASP T 65 -5.23 -36.18 54.59
CA ASP T 65 -6.27 -35.67 53.67
C ASP T 65 -5.72 -35.59 52.25
N LYS T 66 -6.59 -35.74 51.25
CA LYS T 66 -6.19 -35.70 49.85
C LYS T 66 -7.16 -34.87 49.04
N PHE T 67 -6.65 -34.26 47.97
CA PHE T 67 -7.46 -33.61 46.94
C PHE T 67 -7.15 -34.28 45.60
N PHE T 68 -8.18 -34.74 44.91
CA PHE T 68 -8.02 -35.43 43.64
C PHE T 68 -8.29 -34.53 42.44
N ARG T 69 -7.69 -34.88 41.32
CA ARG T 69 -7.99 -34.27 40.02
C ARG T 69 -7.68 -32.78 39.93
N LEU T 70 -6.57 -32.37 40.54
CA LEU T 70 -6.07 -31.02 40.30
C LEU T 70 -5.61 -30.99 38.84
N PRO T 71 -6.16 -30.08 38.05
CA PRO T 71 -5.86 -30.09 36.61
C PRO T 71 -4.37 -29.96 36.32
N GLU T 72 -3.68 -29.09 37.04
CA GLU T 72 -2.29 -28.81 36.74
C GLU T 72 -1.63 -28.10 37.92
N CYS T 73 -0.43 -28.58 38.27
CA CYS T 73 0.36 -27.98 39.35
C CYS T 73 1.79 -27.74 38.90
N TYR T 74 2.33 -26.60 39.29
CA TYR T 74 3.70 -26.27 38.97
C TYR T 74 4.44 -26.31 40.27
N ILE T 75 5.55 -27.06 40.29
CA ILE T 75 6.34 -27.16 41.51
C ILE T 75 7.79 -26.74 41.27
N ARG T 76 8.31 -25.87 42.15
CA ARG T 76 9.68 -25.37 42.02
C ARG T 76 10.67 -26.42 42.53
N GLY T 77 11.77 -26.58 41.82
CA GLY T 77 12.80 -27.55 42.20
C GLY T 77 13.24 -27.32 43.62
N ASN T 78 13.33 -26.06 44.03
CA ASN T 78 13.77 -25.74 45.39
C ASN T 78 12.83 -26.22 46.46
N ASN T 79 11.62 -26.62 46.06
CA ASN T 79 10.61 -27.02 47.05
C ASN T 79 10.46 -28.54 47.18
N ILE T 80 11.19 -29.24 46.33
CA ILE T 80 11.10 -30.69 46.24
C ILE T 80 12.12 -31.38 47.14
N LYS T 81 11.68 -32.39 47.88
CA LYS T 81 12.57 -33.22 48.66
C LYS T 81 13.01 -34.40 47.78
N TYR T 82 12.04 -35.16 47.27
CA TYR T 82 12.39 -36.19 46.32
C TYR T 82 11.24 -36.52 45.40
N LEU T 83 11.55 -37.30 44.39
CA LEU T 83 10.65 -37.63 43.32
C LEU T 83 10.79 -39.14 43.11
N ARG T 84 9.67 -39.84 43.01
CA ARG T 84 9.70 -41.27 42.79
C ARG T 84 8.97 -41.59 41.50
N ILE T 85 9.56 -42.43 40.67
CA ILE T 85 8.88 -42.85 39.45
C ILE T 85 8.55 -44.34 39.50
N GLY U 26 -10.35 -4.89 34.29
CA GLY U 26 -10.80 -5.87 33.32
C GLY U 26 -11.35 -7.09 34.03
N ARG U 27 -11.89 -8.05 33.29
CA ARG U 27 -12.42 -9.26 33.91
C ARG U 27 -11.30 -10.12 34.54
N PRO U 28 -10.21 -10.39 33.81
CA PRO U 28 -9.07 -11.04 34.48
C PRO U 28 -8.36 -10.08 35.43
N ILE U 29 -8.26 -10.49 36.69
CA ILE U 29 -7.58 -9.68 37.70
C ILE U 29 -6.62 -10.56 38.48
N LEU U 30 -5.73 -9.90 39.20
CA LEU U 30 -4.79 -10.61 40.07
C LEU U 30 -5.02 -10.09 41.47
N VAL U 31 -5.33 -11.00 42.38
CA VAL U 31 -5.58 -10.64 43.76
C VAL U 31 -4.46 -11.15 44.67
N GLU U 32 -3.81 -10.25 45.38
CA GLU U 32 -2.82 -10.68 46.35
C GLU U 32 -3.38 -10.64 47.77
N LEU U 33 -3.33 -11.79 48.44
CA LEU U 33 -3.85 -11.92 49.80
C LEU U 33 -2.86 -11.48 50.86
N LYS U 34 -3.37 -11.18 52.04
CA LYS U 34 -2.52 -10.84 53.16
C LYS U 34 -1.55 -11.98 53.50
N ASN U 35 -1.96 -13.21 53.19
CA ASN U 35 -1.10 -14.35 53.51
C ASN U 35 -0.02 -14.59 52.44
N GLY U 36 0.07 -13.70 51.46
CA GLY U 36 1.13 -13.77 50.46
C GLY U 36 0.79 -14.54 49.19
N GLU U 37 -0.29 -15.29 49.21
CA GLU U 37 -0.73 -15.96 47.99
C GLU U 37 -1.31 -14.98 46.98
N THR U 38 -1.25 -15.34 45.70
CA THR U 38 -1.97 -14.57 44.68
C THR U 38 -2.97 -15.46 43.92
N PHE U 39 -4.10 -14.87 43.55
CA PHE U 39 -5.10 -15.56 42.75
C PHE U 39 -5.34 -14.77 41.48
N ASN U 40 -5.14 -15.44 40.36
CA ASN U 40 -5.26 -14.86 39.05
C ASN U 40 -6.43 -15.53 38.32
N GLY U 41 -7.51 -14.80 38.13
CA GLY U 41 -8.68 -15.40 37.51
C GLY U 41 -9.67 -14.38 37.01
N HIS U 42 -10.76 -14.86 36.44
CA HIS U 42 -11.73 -13.94 35.84
C HIS U 42 -12.82 -13.54 36.87
N LEU U 43 -13.03 -12.24 37.00
CA LEU U 43 -13.92 -11.70 38.02
C LEU U 43 -15.38 -12.02 37.69
N GLU U 44 -16.05 -12.63 38.66
CA GLU U 44 -17.43 -13.05 38.51
C GLU U 44 -18.37 -12.20 39.34
N ASN U 45 -17.88 -11.74 40.49
CA ASN U 45 -18.69 -10.89 41.37
C ASN U 45 -17.83 -10.18 42.35
N CYS U 46 -18.26 -8.98 42.74
CA CYS U 46 -17.58 -8.20 43.76
C CYS U 46 -18.65 -7.38 44.46
N ASP U 47 -18.59 -7.31 45.79
CA ASP U 47 -19.53 -6.49 46.53
C ASP U 47 -18.83 -5.25 47.12
N ASN U 48 -19.59 -4.41 47.81
CA ASN U 48 -19.07 -3.17 48.37
C ASN U 48 -18.08 -3.37 49.48
N TYR U 49 -17.83 -4.60 49.87
CA TYR U 49 -16.84 -4.88 50.91
C TYR U 49 -15.62 -5.56 50.29
N ASN U 51 -15.61 -8.41 48.90
CA ASN U 51 -15.75 -9.87 48.85
C ASN U 51 -15.98 -10.22 47.41
N LEU U 52 -15.16 -11.10 46.85
CA LEU U 52 -15.28 -11.37 45.43
C LEU U 52 -15.13 -12.83 45.03
N THR U 53 -15.62 -13.13 43.83
CA THR U 53 -15.54 -14.46 43.26
C THR U 53 -14.74 -14.42 41.97
N LEU U 54 -13.77 -15.33 41.84
CA LEU U 54 -12.98 -15.50 40.62
C LEU U 54 -13.25 -16.87 40.07
N ARG U 55 -13.21 -17.00 38.74
CA ARG U 55 -13.33 -18.29 38.07
C ARG U 55 -12.09 -18.60 37.23
N GLU U 56 -11.85 -19.89 37.02
CA GLU U 56 -10.68 -20.37 36.27
C GLU U 56 -9.39 -19.75 36.79
N VAL U 57 -9.09 -20.08 38.04
CA VAL U 57 -8.09 -19.35 38.79
C VAL U 57 -6.75 -20.06 38.85
N ILE U 58 -5.69 -19.27 38.83
CA ILE U 58 -4.35 -19.75 39.06
C ILE U 58 -3.97 -19.22 40.42
N ARG U 59 -3.64 -20.15 41.33
CA ARG U 59 -3.22 -19.81 42.67
C ARG U 59 -1.70 -19.98 42.78
N THR U 60 -1.01 -18.91 43.20
CA THR U 60 0.44 -18.94 43.35
C THR U 60 0.78 -18.80 44.82
N PRO U 62 3.49 -18.29 48.11
CA PRO U 62 4.69 -17.46 48.35
C PRO U 62 5.98 -18.19 47.95
N ASP U 63 6.01 -19.52 48.09
CA ASP U 63 7.23 -20.26 47.73
C ASP U 63 7.30 -20.59 46.24
N GLY U 64 6.39 -20.05 45.44
CA GLY U 64 6.49 -20.20 44.01
C GLY U 64 5.69 -21.32 43.37
N ASP U 65 5.22 -22.28 44.15
CA ASP U 65 4.37 -23.33 43.59
C ASP U 65 3.04 -22.73 43.10
N LYS U 66 2.44 -23.35 42.08
CA LYS U 66 1.16 -22.87 41.57
C LYS U 66 0.17 -23.98 41.35
N PHE U 67 -1.12 -23.63 41.42
CA PHE U 67 -2.21 -24.54 41.10
C PHE U 67 -3.06 -23.87 40.03
N PHE U 68 -3.25 -24.57 38.91
CA PHE U 68 -3.97 -24.00 37.78
C PHE U 68 -5.39 -24.51 37.72
N ARG U 69 -6.25 -23.69 37.09
CA ARG U 69 -7.61 -24.08 36.73
C ARG U 69 -8.50 -24.44 37.93
N LEU U 70 -8.35 -23.73 39.04
CA LEU U 70 -9.33 -23.82 40.12
C LEU U 70 -10.63 -23.24 39.57
N PRO U 71 -11.73 -24.02 39.64
CA PRO U 71 -12.96 -23.61 38.96
C PRO U 71 -13.50 -22.29 39.50
N GLU U 72 -13.46 -22.11 40.82
CA GLU U 72 -14.06 -20.94 41.43
C GLU U 72 -13.58 -20.72 42.84
N CYS U 73 -13.18 -19.49 43.13
CA CYS U 73 -12.67 -19.11 44.45
C CYS U 73 -13.38 -17.87 44.95
N TYR U 74 -13.76 -17.91 46.23
CA TYR U 74 -14.38 -16.76 46.86
C TYR U 74 -13.39 -16.20 47.84
N ILE U 75 -13.19 -14.89 47.78
CA ILE U 75 -12.21 -14.26 48.62
C ILE U 75 -12.84 -13.10 49.40
N ARG U 76 -12.61 -13.08 50.70
CA ARG U 76 -13.16 -12.05 51.55
C ARG U 76 -12.35 -10.77 51.40
N GLY U 77 -13.05 -9.65 51.30
CA GLY U 77 -12.39 -8.35 51.28
C GLY U 77 -11.36 -8.18 52.36
N ASN U 78 -11.67 -8.66 53.57
CA ASN U 78 -10.74 -8.54 54.71
C ASN U 78 -9.44 -9.31 54.55
N ASN U 79 -9.36 -10.18 53.55
CA ASN U 79 -8.17 -11.03 53.39
C ASN U 79 -7.26 -10.55 52.28
N ILE U 80 -7.70 -9.49 51.63
CA ILE U 80 -7.03 -9.00 50.45
C ILE U 80 -6.06 -7.90 50.82
N LYS U 81 -4.86 -7.95 50.26
CA LYS U 81 -3.90 -6.87 50.40
C LYS U 81 -4.06 -5.88 49.25
N TYR U 82 -3.96 -6.39 48.02
CA TYR U 82 -4.29 -5.57 46.88
C TYR U 82 -4.74 -6.37 45.68
N LEU U 83 -5.25 -5.64 44.70
CA LEU U 83 -5.83 -6.22 43.51
C LEU U 83 -5.24 -5.42 42.34
N ARG U 84 -4.76 -6.14 41.33
CA ARG U 84 -4.21 -5.49 40.12
C ARG U 84 -4.99 -5.90 38.91
N ILE U 85 -5.35 -4.92 38.07
CA ILE U 85 -6.09 -5.24 36.84
C ILE U 85 -5.24 -4.95 35.62
N GLY V 26 -32.65 -4.00 -17.56
CA GLY V 26 -33.26 -2.70 -17.29
C GLY V 26 -34.43 -2.70 -16.33
N ARG V 27 -34.55 -1.65 -15.51
CA ARG V 27 -35.75 -1.52 -14.69
C ARG V 27 -36.79 -0.61 -15.32
N PRO V 28 -36.39 0.61 -15.71
CA PRO V 28 -37.35 1.41 -16.49
C PRO V 28 -37.51 0.87 -17.89
N ILE V 29 -38.75 0.57 -18.26
CA ILE V 29 -39.03 0.11 -19.59
C ILE V 29 -40.23 0.85 -20.16
N LEU V 30 -40.39 0.74 -21.47
CA LEU V 30 -41.51 1.33 -22.17
C LEU V 30 -42.23 0.20 -22.88
N VAL V 31 -43.52 0.08 -22.59
CA VAL V 31 -44.34 -0.98 -23.14
C VAL V 31 -45.37 -0.33 -24.05
N GLU V 32 -45.35 -0.72 -25.32
CA GLU V 32 -46.42 -0.33 -26.22
C GLU V 32 -47.46 -1.43 -26.41
N LEU V 33 -48.72 -1.08 -26.16
CA LEU V 33 -49.81 -2.04 -26.19
C LEU V 33 -50.34 -2.19 -27.62
N LYS V 34 -51.01 -3.29 -27.90
CA LYS V 34 -51.74 -3.43 -29.15
C LYS V 34 -52.77 -2.33 -29.38
N ASN V 35 -53.36 -1.80 -28.30
CA ASN V 35 -54.33 -0.71 -28.45
C ASN V 35 -53.69 0.66 -28.71
N GLY V 36 -52.36 0.69 -28.83
CA GLY V 36 -51.67 1.94 -29.18
C GLY V 36 -51.15 2.78 -28.01
N GLU V 37 -51.61 2.48 -26.80
CA GLU V 37 -51.13 3.16 -25.60
C GLU V 37 -49.71 2.72 -25.31
N THR V 38 -48.93 3.59 -24.66
CA THR V 38 -47.66 3.18 -24.11
C THR V 38 -47.63 3.39 -22.59
N PHE V 39 -46.91 2.51 -21.90
CA PHE V 39 -46.71 2.59 -20.46
C PHE V 39 -45.21 2.63 -20.18
N ASN V 40 -44.80 3.69 -19.52
CA ASN V 40 -43.41 3.92 -19.20
C ASN V 40 -43.25 3.87 -17.68
N GLY V 41 -42.58 2.84 -17.16
CA GLY V 41 -42.47 2.70 -15.73
C GLY V 41 -41.40 1.71 -15.31
N HIS V 42 -41.27 1.48 -14.02
CA HIS V 42 -40.18 0.63 -13.53
C HIS V 42 -40.70 -0.78 -13.35
N LEU V 43 -39.96 -1.72 -13.94
CA LEU V 43 -40.38 -3.12 -13.97
C LEU V 43 -40.33 -3.76 -12.58
N GLU V 44 -41.46 -4.35 -12.18
CA GLU V 44 -41.58 -4.97 -10.86
C GLU V 44 -41.59 -6.48 -10.98
N ASN V 45 -42.24 -6.98 -12.02
CA ASN V 45 -42.33 -8.41 -12.21
C ASN V 45 -42.67 -8.71 -13.62
N CYS V 46 -42.26 -9.88 -14.07
CA CYS V 46 -42.57 -10.37 -15.40
C CYS V 46 -42.56 -11.89 -15.32
N ASP V 47 -43.49 -12.53 -16.02
CA ASP V 47 -43.54 -13.98 -16.02
C ASP V 47 -43.31 -14.54 -17.42
N ASN V 48 -43.31 -15.86 -17.56
CA ASN V 48 -42.91 -16.49 -18.82
C ASN V 48 -43.93 -16.30 -19.89
N TYR V 49 -45.00 -15.59 -19.58
CA TYR V 49 -45.96 -15.27 -20.62
C TYR V 49 -45.95 -13.79 -20.91
N ASN V 51 -46.69 -11.43 -18.88
CA ASN V 51 -47.58 -10.68 -18.01
C ASN V 51 -46.66 -9.93 -17.07
N LEU V 52 -46.82 -8.61 -16.98
CA LEU V 52 -45.88 -7.84 -16.17
C LEU V 52 -46.50 -6.73 -15.36
N THR V 53 -45.76 -6.28 -14.35
CA THR V 53 -46.18 -5.24 -13.45
C THR V 53 -45.18 -4.10 -13.51
N LEU V 54 -45.68 -2.87 -13.72
CA LEU V 54 -44.88 -1.66 -13.72
C LEU V 54 -45.29 -0.77 -12.57
N ARG V 55 -44.34 -0.03 -12.00
CA ARG V 55 -44.66 0.94 -10.95
C ARG V 55 -44.23 2.34 -11.34
N GLU V 56 -44.91 3.32 -10.76
CA GLU V 56 -44.66 4.72 -11.06
C GLU V 56 -44.72 4.96 -12.55
N VAL V 57 -45.89 4.73 -13.12
CA VAL V 57 -45.97 4.68 -14.56
C VAL V 57 -46.58 5.91 -15.24
N ILE V 58 -46.02 6.24 -16.39
CA ILE V 58 -46.57 7.23 -17.29
C ILE V 58 -47.32 6.52 -18.41
N ARG V 59 -48.60 6.82 -18.52
CA ARG V 59 -49.44 6.27 -19.56
C ARG V 59 -49.71 7.33 -20.65
N THR V 60 -49.37 6.99 -21.88
CA THR V 60 -49.51 7.90 -23.02
C THR V 60 -50.55 7.33 -23.99
N PRO V 62 -52.78 7.25 -27.61
CA PRO V 62 -52.49 7.47 -29.04
C PRO V 62 -52.70 8.95 -29.41
N ASP V 63 -53.65 9.63 -28.78
CA ASP V 63 -53.89 11.03 -29.13
C ASP V 63 -52.97 12.01 -28.40
N GLY V 64 -51.98 11.51 -27.68
CA GLY V 64 -50.97 12.38 -27.10
C GLY V 64 -51.21 12.78 -25.64
N ASP V 65 -52.43 12.63 -25.15
CA ASP V 65 -52.68 12.84 -23.74
C ASP V 65 -51.88 11.85 -22.86
N LYS V 66 -51.54 12.28 -21.66
CA LYS V 66 -50.73 11.48 -20.74
C LYS V 66 -51.27 11.54 -19.31
N PHE V 67 -51.09 10.45 -18.59
CA PHE V 67 -51.34 10.38 -17.16
C PHE V 67 -50.05 9.97 -16.45
N PHE V 68 -49.64 10.76 -15.45
CA PHE V 68 -48.38 10.54 -14.77
C PHE V 68 -48.58 9.89 -13.41
N ARG V 69 -47.53 9.20 -12.95
CA ARG V 69 -47.50 8.67 -11.60
C ARG V 69 -48.62 7.69 -11.25
N LEU V 70 -48.99 6.83 -12.19
CA LEU V 70 -49.86 5.70 -11.86
C LEU V 70 -49.03 4.79 -10.93
N PRO V 71 -49.55 4.49 -9.74
CA PRO V 71 -48.73 3.74 -8.78
C PRO V 71 -48.30 2.38 -9.32
N GLU V 72 -49.19 1.67 -9.97
CA GLU V 72 -48.91 0.31 -10.38
C GLU V 72 -49.87 -0.15 -11.45
N CYS V 73 -49.32 -0.78 -12.49
CA CYS V 73 -50.10 -1.28 -13.63
C CYS V 73 -49.70 -2.69 -13.96
N TYR V 74 -50.68 -3.55 -14.17
CA TYR V 74 -50.42 -4.92 -14.58
C TYR V 74 -50.87 -5.04 -16.02
N ILE V 75 -50.01 -5.62 -16.85
CA ILE V 75 -50.28 -5.71 -18.28
C ILE V 75 -50.10 -7.16 -18.74
N ARG V 76 -51.12 -7.68 -19.40
CA ARG V 76 -51.11 -9.06 -19.88
C ARG V 76 -50.23 -9.17 -21.11
N GLY V 77 -49.40 -10.22 -21.17
CA GLY V 77 -48.55 -10.46 -22.31
C GLY V 77 -49.31 -10.42 -23.61
N ASN V 78 -50.51 -10.99 -23.63
CA ASN V 78 -51.33 -10.96 -24.83
C ASN V 78 -51.75 -9.55 -25.31
N ASN V 79 -51.58 -8.54 -24.47
CA ASN V 79 -51.98 -7.17 -24.85
C ASN V 79 -50.84 -6.28 -25.30
N ILE V 80 -49.63 -6.83 -25.20
CA ILE V 80 -48.42 -6.13 -25.55
C ILE V 80 -48.05 -6.30 -27.02
N LYS V 81 -47.70 -5.19 -27.67
CA LYS V 81 -47.12 -5.24 -29.01
C LYS V 81 -45.59 -5.37 -28.91
N TYR V 82 -44.96 -4.42 -28.27
CA TYR V 82 -43.54 -4.55 -27.98
C TYR V 82 -43.13 -3.77 -26.74
N LEU V 83 -41.90 -4.00 -26.32
CA LEU V 83 -41.36 -3.49 -25.10
C LEU V 83 -39.97 -3.01 -25.47
N ARG V 84 -39.62 -1.81 -25.00
CA ARG V 84 -38.30 -1.25 -25.25
C ARG V 84 -37.60 -0.99 -23.93
N ILE V 85 -36.37 -1.44 -23.82
CA ILE V 85 -35.58 -1.07 -22.65
C ILE V 85 -34.48 -0.06 -22.97
N GLY W 26 -69.68 -6.21 4.97
CA GLY W 26 -68.45 -6.14 4.20
C GLY W 26 -68.08 -4.77 3.62
N ARG W 27 -66.85 -4.32 3.91
CA ARG W 27 -66.33 -3.07 3.34
C ARG W 27 -65.59 -3.26 2.01
N PRO W 28 -64.68 -4.23 1.92
CA PRO W 28 -64.17 -4.55 0.58
C PRO W 28 -65.22 -5.25 -0.30
N ILE W 29 -65.50 -4.67 -1.46
CA ILE W 29 -66.44 -5.26 -2.38
C ILE W 29 -65.86 -5.26 -3.78
N LEU W 30 -66.45 -6.05 -4.66
CA LEU W 30 -66.07 -6.12 -6.04
C LEU W 30 -67.27 -5.72 -6.85
N VAL W 31 -67.11 -4.69 -7.68
CA VAL W 31 -68.20 -4.20 -8.51
C VAL W 31 -67.90 -4.46 -9.98
N GLU W 32 -68.77 -5.19 -10.64
CA GLU W 32 -68.62 -5.38 -12.08
C GLU W 32 -69.56 -4.46 -12.85
N LEU W 33 -68.98 -3.70 -13.79
CA LEU W 33 -69.72 -2.71 -14.55
C LEU W 33 -70.31 -3.35 -15.78
N LYS W 34 -71.32 -2.70 -16.33
CA LYS W 34 -71.93 -3.12 -17.60
C LYS W 34 -70.91 -3.14 -18.72
N ASN W 35 -69.89 -2.29 -18.63
CA ASN W 35 -68.87 -2.26 -19.67
C ASN W 35 -67.82 -3.34 -19.50
N GLY W 36 -68.01 -4.24 -18.54
CA GLY W 36 -67.13 -5.39 -18.38
C GLY W 36 -65.95 -5.19 -17.42
N GLU W 37 -65.67 -3.95 -17.02
CA GLU W 37 -64.62 -3.68 -16.04
C GLU W 37 -65.07 -4.09 -14.64
N THR W 38 -64.11 -4.40 -13.77
CA THR W 38 -64.44 -4.62 -12.37
C THR W 38 -63.64 -3.67 -11.48
N PHE W 39 -64.25 -3.24 -10.40
CA PHE W 39 -63.59 -2.38 -9.42
C PHE W 39 -63.62 -3.07 -8.06
N ASN W 40 -62.44 -3.23 -7.49
CA ASN W 40 -62.29 -3.94 -6.24
C ASN W 40 -61.70 -2.96 -5.24
N GLY W 41 -62.52 -2.54 -4.27
CA GLY W 41 -62.06 -1.54 -3.33
C GLY W 41 -62.93 -1.48 -2.07
N HIS W 42 -62.57 -0.59 -1.15
CA HIS W 42 -63.29 -0.51 0.11
C HIS W 42 -64.45 0.49 0.02
N LEU W 43 -65.64 0.03 0.37
CA LEU W 43 -66.86 0.80 0.24
C LEU W 43 -66.88 1.99 1.19
N GLU W 44 -67.12 3.18 0.63
CA GLU W 44 -67.13 4.41 1.40
C GLU W 44 -68.53 4.94 1.55
N ASN W 45 -69.32 4.78 0.49
CA ASN W 45 -70.68 5.27 0.51
C ASN W 45 -71.51 4.57 -0.52
N CYS W 46 -72.80 4.46 -0.24
CA CYS W 46 -73.76 3.91 -1.19
C CYS W 46 -75.10 4.56 -0.91
N ASP W 47 -75.83 4.89 -1.96
CA ASP W 47 -77.15 5.49 -1.82
C ASP W 47 -78.24 4.56 -2.35
N ASN W 48 -79.49 4.99 -2.23
CA ASN W 48 -80.64 4.12 -2.52
C ASN W 48 -80.77 3.87 -3.99
N TYR W 49 -79.87 4.45 -4.78
CA TYR W 49 -79.89 4.18 -6.21
C TYR W 49 -78.67 3.36 -6.61
N ASN W 51 -75.64 4.32 -6.39
CA ASN W 51 -74.48 5.16 -6.70
C ASN W 51 -73.53 5.00 -5.54
N LEU W 52 -72.29 4.61 -5.79
CA LEU W 52 -71.39 4.33 -4.68
C LEU W 52 -69.95 4.83 -4.87
N THR W 53 -69.24 4.91 -3.75
CA THR W 53 -67.87 5.37 -3.74
C THR W 53 -66.98 4.27 -3.17
N LEU W 54 -65.90 3.94 -3.89
CA LEU W 54 -64.88 3.00 -3.43
C LEU W 54 -63.55 3.70 -3.23
N ARG W 55 -62.77 3.23 -2.26
CA ARG W 55 -61.42 3.77 -2.04
C ARG W 55 -60.38 2.68 -2.16
N GLU W 56 -59.16 3.09 -2.48
CA GLU W 56 -58.05 2.17 -2.68
C GLU W 56 -58.44 1.06 -3.61
N VAL W 57 -58.72 1.42 -4.86
CA VAL W 57 -59.40 0.53 -5.77
C VAL W 57 -58.46 -0.13 -6.80
N ILE W 58 -58.76 -1.38 -7.11
CA ILE W 58 -58.09 -2.08 -8.18
C ILE W 58 -59.08 -2.18 -9.32
N ARG W 59 -58.69 -1.63 -10.47
CA ARG W 59 -59.53 -1.63 -11.65
C ARG W 59 -59.03 -2.67 -12.65
N THR W 60 -59.88 -3.61 -13.00
CA THR W 60 -59.52 -4.68 -13.94
C THR W 60 -60.30 -4.48 -15.22
N PRO W 62 -61.55 -5.68 -19.15
CA PRO W 62 -61.97 -6.94 -19.76
C PRO W 62 -60.81 -7.70 -20.37
N ASP W 63 -59.79 -7.01 -20.87
CA ASP W 63 -58.64 -7.71 -21.47
C ASP W 63 -57.59 -8.16 -20.44
N GLY W 64 -57.90 -8.03 -19.16
CA GLY W 64 -57.03 -8.53 -18.10
C GLY W 64 -56.06 -7.52 -17.49
N ASP W 65 -55.84 -6.39 -18.15
CA ASP W 65 -54.93 -5.37 -17.59
C ASP W 65 -55.56 -4.83 -16.29
N LYS W 66 -54.72 -4.36 -15.36
CA LYS W 66 -55.20 -3.82 -14.11
C LYS W 66 -54.49 -2.53 -13.74
N PHE W 67 -55.19 -1.68 -13.02
CA PHE W 67 -54.64 -0.50 -12.39
C PHE W 67 -54.84 -0.59 -10.87
N PHE W 68 -53.77 -0.43 -10.10
CA PHE W 68 -53.86 -0.60 -8.66
C PHE W 68 -53.86 0.73 -7.98
N ARG W 69 -54.45 0.77 -6.78
CA ARG W 69 -54.35 1.91 -5.88
C ARG W 69 -54.95 3.19 -6.44
N LEU W 70 -56.07 3.07 -7.14
CA LEU W 70 -56.86 4.25 -7.44
C LEU W 70 -57.42 4.79 -6.12
N PRO W 71 -57.16 6.06 -5.83
CA PRO W 71 -57.51 6.58 -4.49
C PRO W 71 -58.99 6.49 -4.22
N GLU W 72 -59.80 6.85 -5.22
CA GLU W 72 -61.23 6.92 -5.03
C GLU W 72 -61.97 6.92 -6.36
N CYS W 73 -63.02 6.11 -6.45
CA CYS W 73 -63.84 5.99 -7.64
C CYS W 73 -65.31 6.09 -7.24
N TYR W 74 -66.06 6.83 -8.04
CA TYR W 74 -67.49 6.95 -7.86
C TYR W 74 -68.13 6.22 -9.02
N ILE W 75 -69.09 5.35 -8.71
CA ILE W 75 -69.73 4.56 -9.76
C ILE W 75 -71.25 4.71 -9.66
N ARG W 76 -71.89 5.05 -10.78
CA ARG W 76 -73.33 5.25 -10.81
C ARG W 76 -74.04 3.90 -10.81
N GLY W 77 -75.13 3.83 -10.06
CA GLY W 77 -75.93 2.63 -9.99
C GLY W 77 -76.31 2.11 -11.35
N ASN W 78 -76.68 3.03 -12.24
CA ASN W 78 -77.05 2.65 -13.61
C ASN W 78 -75.95 1.98 -14.43
N ASN W 79 -74.70 2.05 -13.96
CA ASN W 79 -73.57 1.49 -14.72
C ASN W 79 -73.10 0.15 -14.18
N ILE W 80 -73.73 -0.28 -13.09
CA ILE W 80 -73.34 -1.52 -12.41
C ILE W 80 -74.14 -2.72 -12.91
N LYS W 81 -73.44 -3.81 -13.19
CA LYS W 81 -74.12 -5.06 -13.52
C LYS W 81 -74.33 -5.87 -12.22
N TYR W 82 -73.27 -6.12 -11.48
CA TYR W 82 -73.45 -6.69 -10.17
C TYR W 82 -72.33 -6.36 -9.22
N LEU W 83 -72.56 -6.70 -7.96
CA LEU W 83 -71.67 -6.35 -6.89
C LEU W 83 -71.52 -7.61 -6.05
N ARG W 84 -70.29 -7.97 -5.70
CA ARG W 84 -70.03 -9.16 -4.89
C ARG W 84 -69.31 -8.76 -3.62
N ILE W 85 -69.77 -9.29 -2.49
CA ILE W 85 -69.12 -9.00 -1.23
C ILE W 85 -68.46 -10.27 -0.67
N GLY X 26 -58.70 31.26 -13.55
CA GLY X 26 -58.59 30.63 -12.26
C GLY X 26 -57.43 29.69 -12.34
N ARG X 27 -57.07 29.11 -11.20
CA ARG X 27 -56.20 27.94 -11.24
C ARG X 27 -57.04 26.67 -11.36
N PRO X 28 -58.11 26.53 -10.56
CA PRO X 28 -58.99 25.40 -10.86
C PRO X 28 -59.78 25.64 -12.12
N ILE X 29 -59.75 24.67 -13.03
CA ILE X 29 -60.50 24.79 -14.27
C ILE X 29 -61.15 23.47 -14.58
N LEU X 30 -62.11 23.51 -15.48
CA LEU X 30 -62.79 22.30 -15.92
C LEU X 30 -62.57 22.22 -17.42
N VAL X 31 -62.04 21.09 -17.86
CA VAL X 31 -61.75 20.87 -19.27
C VAL X 31 -62.62 19.76 -19.84
N GLU X 32 -63.41 20.08 -20.85
CA GLU X 32 -64.20 19.05 -21.49
C GLU X 32 -63.55 18.62 -22.79
N LEU X 33 -63.34 17.31 -22.92
CA LEU X 33 -62.66 16.75 -24.09
C LEU X 33 -63.66 16.43 -25.19
N LYS X 34 -63.14 16.33 -26.41
CA LYS X 34 -63.97 15.93 -27.53
C LYS X 34 -64.60 14.55 -27.30
N ASN X 35 -63.95 13.70 -26.50
CA ASN X 35 -64.48 12.37 -26.25
C ASN X 35 -65.56 12.36 -25.16
N GLY X 36 -65.93 13.52 -24.66
CA GLY X 36 -67.01 13.63 -23.71
C GLY X 36 -66.60 13.62 -22.26
N GLU X 37 -65.35 13.26 -21.97
CA GLU X 37 -64.88 13.26 -20.59
C GLU X 37 -64.62 14.69 -20.11
N THR X 38 -64.68 14.90 -18.80
CA THR X 38 -64.28 16.19 -18.26
C THR X 38 -63.18 15.97 -17.23
N PHE X 39 -62.24 16.92 -17.18
CA PHE X 39 -61.17 16.93 -16.20
C PHE X 39 -61.21 18.23 -15.40
N ASN X 40 -61.33 18.06 -14.09
CA ASN X 40 -61.46 19.16 -13.17
C ASN X 40 -60.25 19.16 -12.28
N GLY X 41 -59.37 20.14 -12.44
CA GLY X 41 -58.15 20.17 -11.66
C GLY X 41 -57.44 21.50 -11.69
N HIS X 42 -56.32 21.58 -10.98
CA HIS X 42 -55.64 22.88 -10.88
C HIS X 42 -54.60 23.05 -12.00
N LEU X 43 -54.72 24.15 -12.72
CA LEU X 43 -53.90 24.42 -13.88
C LEU X 43 -52.45 24.67 -13.52
N GLU X 44 -51.57 23.88 -14.12
CA GLU X 44 -50.13 23.96 -13.87
C GLU X 44 -49.44 24.69 -15.02
N ASN X 45 -49.89 24.43 -16.23
CA ASN X 45 -49.25 24.97 -17.42
C ASN X 45 -50.21 24.92 -18.59
N CYS X 46 -50.08 25.91 -19.47
CA CYS X 46 -50.84 25.95 -20.72
C CYS X 46 -50.00 26.65 -21.79
N ASP X 47 -49.89 26.07 -22.97
CA ASP X 47 -49.08 26.68 -24.01
C ASP X 47 -49.98 27.34 -25.08
N ASN X 48 -49.37 27.95 -26.09
CA ASN X 48 -50.10 28.65 -27.13
C ASN X 48 -50.95 27.74 -28.01
N TYR X 49 -50.83 26.44 -27.81
CA TYR X 49 -51.63 25.51 -28.59
C TYR X 49 -52.67 24.86 -27.71
N ASN X 51 -52.15 22.95 -25.23
CA ASN X 51 -51.66 21.80 -24.51
C ASN X 51 -51.47 22.21 -23.06
N LEU X 52 -52.04 21.45 -22.13
CA LEU X 52 -52.04 21.86 -20.74
C LEU X 52 -51.88 20.72 -19.73
N THR X 53 -51.45 21.10 -18.54
CA THR X 53 -51.24 20.19 -17.44
C THR X 53 -52.11 20.58 -16.25
N LEU X 54 -52.85 19.60 -15.73
CA LEU X 54 -53.69 19.75 -14.54
C LEU X 54 -53.15 18.88 -13.40
N ARG X 55 -53.26 19.36 -12.18
CA ARG X 55 -52.91 18.56 -11.01
C ARG X 55 -54.11 18.32 -10.12
N GLU X 56 -54.05 17.21 -9.35
CA GLU X 56 -55.14 16.84 -8.43
C GLU X 56 -56.47 16.84 -9.14
N VAL X 57 -56.60 15.97 -10.12
CA VAL X 57 -57.72 16.06 -11.01
C VAL X 57 -58.85 15.05 -10.79
N ILE X 58 -60.07 15.51 -11.05
CA ILE X 58 -61.23 14.68 -11.03
C ILE X 58 -61.62 14.45 -12.47
N ARG X 59 -61.66 13.18 -12.85
CA ARG X 59 -62.03 12.80 -14.22
C ARG X 59 -63.45 12.23 -14.18
N THR X 60 -64.33 12.83 -14.97
CA THR X 60 -65.72 12.39 -15.09
C THR X 60 -65.97 11.81 -16.46
N PRO X 62 -68.43 10.18 -19.55
CA PRO X 62 -69.77 10.50 -20.08
C PRO X 62 -70.88 9.74 -19.34
N ASP X 63 -70.60 8.53 -18.87
CA ASP X 63 -71.67 7.74 -18.23
C ASP X 63 -71.83 8.09 -16.75
N GLY X 64 -71.16 9.16 -16.30
CA GLY X 64 -71.27 9.61 -14.92
C GLY X 64 -70.27 9.06 -13.91
N ASP X 65 -69.54 8.00 -14.23
CA ASP X 65 -68.52 7.51 -13.29
C ASP X 65 -67.44 8.59 -13.11
N LYS X 66 -66.78 8.60 -11.95
CA LYS X 66 -65.67 9.53 -11.74
C LYS X 66 -64.47 8.87 -11.11
N PHE X 67 -63.30 9.43 -11.41
CA PHE X 67 -62.05 9.08 -10.72
C PHE X 67 -61.48 10.32 -10.07
N PHE X 68 -61.16 10.24 -8.79
CA PHE X 68 -60.71 11.39 -8.02
C PHE X 68 -59.21 11.34 -7.79
N ARG X 69 -58.63 12.51 -7.56
CA ARG X 69 -57.25 12.63 -7.14
C ARG X 69 -56.21 12.00 -8.10
N LEU X 70 -56.45 12.12 -9.41
CA LEU X 70 -55.38 11.88 -10.38
C LEU X 70 -54.29 12.92 -10.15
N PRO X 71 -53.05 12.47 -9.92
CA PRO X 71 -52.00 13.42 -9.52
C PRO X 71 -51.73 14.48 -10.59
N GLU X 72 -51.68 14.05 -11.84
CA GLU X 72 -51.31 14.95 -12.92
C GLU X 72 -51.75 14.40 -14.27
N CYS X 73 -52.41 15.25 -15.05
CA CYS X 73 -52.85 14.89 -16.39
C CYS X 73 -52.40 15.93 -17.38
N TYR X 74 -51.89 15.47 -18.51
CA TYR X 74 -51.53 16.33 -19.61
C TYR X 74 -52.55 16.12 -20.70
N ILE X 75 -53.07 17.22 -21.23
CA ILE X 75 -54.10 17.18 -22.25
C ILE X 75 -53.67 18.03 -23.45
N ARG X 76 -53.74 17.43 -24.64
CA ARG X 76 -53.40 18.11 -25.88
C ARG X 76 -54.51 19.05 -26.29
N GLY X 77 -54.13 20.24 -26.76
CA GLY X 77 -55.07 21.23 -27.24
C GLY X 77 -56.03 20.66 -28.26
N ASN X 78 -55.51 19.86 -29.19
CA ASN X 78 -56.34 19.22 -30.20
C ASN X 78 -57.43 18.27 -29.68
N ASN X 79 -57.38 17.89 -28.39
CA ASN X 79 -58.38 16.98 -27.83
C ASN X 79 -59.46 17.68 -27.02
N ILE X 80 -59.32 18.99 -26.88
CA ILE X 80 -60.20 19.79 -26.02
C ILE X 80 -61.36 20.33 -26.82
N LYS X 81 -62.56 20.22 -26.25
CA LYS X 81 -63.73 20.87 -26.82
C LYS X 81 -63.91 22.25 -26.19
N TYR X 82 -64.03 22.31 -24.87
CA TYR X 82 -63.96 23.59 -24.21
C TYR X 82 -63.40 23.53 -22.80
N LEU X 83 -63.17 24.72 -22.26
CA LEU X 83 -62.54 24.89 -20.99
C LEU X 83 -63.36 25.94 -20.25
N ARG X 84 -63.74 25.65 -19.01
CA ARG X 84 -64.51 26.58 -18.21
C ARG X 84 -63.72 26.94 -16.97
N ILE X 85 -63.70 28.22 -16.63
CA ILE X 85 -63.05 28.66 -15.42
C ILE X 85 -64.07 29.22 -14.44
#